data_4Z61
#
_entry.id   4Z61
#
_cell.length_a   486.185
_cell.length_b   73.495
_cell.length_c   67.333
_cell.angle_alpha   90.00
_cell.angle_beta   95.84
_cell.angle_gamma   90.00
#
_symmetry.space_group_name_H-M   'C 1 2 1'
#
loop_
_entity.id
_entity.type
_entity.pdbx_description
1 polymer 'Phytosulfokine receptor 1'
2 polymer 'Somatic embryogenesis receptor kinase 2'
3 polymer PTR-ILE-PTR-THR-GLN
4 non-polymer 2-acetamido-2-deoxy-beta-D-glucopyranose
5 water water
#
loop_
_entity_poly.entity_id
_entity_poly.type
_entity_poly.pdbx_seq_one_letter_code
_entity_poly.pdbx_strand_id
1 'polypeptide(L)'
;SQNLTCNSNDLKALEGFMRGLESSIDGWKWNESSSFSSNCCDWVGISCKSSVSLGLDDVNESGRVVELELGRRKLSGKLS
ESVAKLDQLKVLNLTHNSLSGSIAASLLNLSNLEVLDLSSNDFSGLFPSLINLPSLRVLNVYENSFHGLIPASLCNNLPR
IREIDLAMNYFDGSIPVGIGNCSSVEYLGLASNNLSGSIPQELFQLSNLSVLALQNNRLSGALSSKLGKLSNLGRLDISS
NKFSGKIPDVFLELNKLWYFSAQSNLFNGEMPRSLSNSRSISLLSLRNNTLSGQIYLNCSAMTNLTSLDLASNSFSGSIP
SNLPNCLRLKTINFAKIKFIAQIPESFKNFQSLTSLSFSNSSIQNISSALEILQHCQNLKTLVLTLNFQKEELPSVPSLQ
FKNLKVLIIASCQLRGTVPQWLSNSPSLQLLDLSWNQLSGTIPPWLGSLNSLFYLDLSNNTFIGEIPHSLTSLQSLVSKE
NAVEEPSPDFPFFKKKNTNAGGLQYNQPSSFPPMIDLSYNSLNGSIWPEFGDLRQLHVLNLKNNNLSGNIPANLSGMTSL
EVLDLSHNNLSGNIPPSLVKLSFLSTFSVAYNKLSGPIPTGVQFQTFPNSSFEGNQGLCGEHASPCHITDQSPHGSHHHH
HH
;
A,B
2 'polypeptide(L)'
;MGRKKFEAFGFVCLISLLLLFNSLWLASSNMEGDALHSLRANLVDPNNVLQSWDPTLVNPCTWFHVTCNNENSVIRVDLG
NADLSGQLVPQLGQLKNLQYLELYSNNITGPVPSDLGNLTNLVSLDLYLNSFTGPIPDSLGKLFKLRFLRLNNNSLTGPI
PMSLTNIMTLQVLDLSNNRLSGSVPDNGSFSLFTPISFANNLDLCGPVTSRPCPGSHHHHHH
;
C,D
3 'polypeptide(L)' (TYS)I(TYS)TQ P,Q
#
loop_
_chem_comp.id
_chem_comp.type
_chem_comp.name
_chem_comp.formula
NAG D-saccharide, beta linking 2-acetamido-2-deoxy-beta-D-glucopyranose 'C8 H15 N O6'
#
# COMPACT_ATOMS: atom_id res chain seq x y z
N LEU A 4 20.88 -8.11 12.27
CA LEU A 4 19.54 -7.79 12.79
C LEU A 4 19.17 -6.31 12.60
N THR A 5 20.13 -5.41 12.72
CA THR A 5 19.86 -3.98 12.61
C THR A 5 20.43 -3.33 11.34
N CYS A 6 19.54 -2.75 10.53
CA CYS A 6 19.91 -2.19 9.23
C CYS A 6 21.12 -1.24 9.27
N ASN A 7 22.08 -1.47 8.38
CA ASN A 7 23.21 -0.55 8.25
C ASN A 7 22.72 0.76 7.66
N SER A 8 23.31 1.86 8.10
CA SER A 8 22.75 3.18 7.80
C SER A 8 23.02 3.56 6.36
N ASN A 9 24.22 3.28 5.89
CA ASN A 9 24.55 3.58 4.50
C ASN A 9 23.71 2.74 3.55
N ASP A 10 23.53 1.46 3.91
CA ASP A 10 22.73 0.55 3.12
C ASP A 10 21.31 1.06 3.05
N LEU A 11 20.80 1.52 4.20
CA LEU A 11 19.48 2.13 4.26
C LEU A 11 19.39 3.38 3.40
N LYS A 12 20.46 4.15 3.33
CA LYS A 12 20.39 5.37 2.53
C LYS A 12 20.49 5.07 1.04
N ALA A 13 21.18 3.98 0.69
CA ALA A 13 21.17 3.49 -0.68
C ALA A 13 19.79 2.97 -1.09
N LEU A 14 19.15 2.22 -0.19
CA LEU A 14 17.81 1.72 -0.45
C LEU A 14 16.78 2.86 -0.53
N GLU A 15 17.02 3.91 0.23
CA GLU A 15 16.17 5.09 0.16
C GLU A 15 16.29 5.80 -1.19
N GLY A 16 17.49 5.76 -1.80
CA GLY A 16 17.69 6.32 -3.12
C GLY A 16 17.02 5.49 -4.21
N PHE A 17 17.16 4.18 -4.09
CA PHE A 17 16.47 3.26 -4.99
C PHE A 17 14.97 3.55 -4.94
N MET A 18 14.46 3.87 -3.75
CA MET A 18 13.03 4.06 -3.55
C MET A 18 12.46 5.28 -4.26
N ARG A 19 13.26 6.32 -4.44
CA ARG A 19 12.76 7.54 -5.07
C ARG A 19 12.72 7.36 -6.57
N GLY A 20 13.63 6.52 -7.07
CA GLY A 20 13.68 6.21 -8.49
C GLY A 20 12.38 5.60 -8.96
N LEU A 21 11.67 4.94 -8.05
CA LEU A 21 10.40 4.28 -8.37
C LEU A 21 9.20 5.22 -8.43
N GLU A 22 8.24 4.87 -9.28
CA GLU A 22 7.02 5.63 -9.43
C GLU A 22 5.86 5.08 -8.64
N SER A 23 6.12 4.03 -7.86
CA SER A 23 5.08 3.47 -6.98
C SER A 23 5.68 2.75 -5.76
N SER A 24 4.92 2.65 -4.68
CA SER A 24 5.43 2.08 -3.43
C SER A 24 5.39 0.55 -3.36
N ILE A 25 6.47 -0.03 -2.85
CA ILE A 25 6.60 -1.47 -2.65
C ILE A 25 5.97 -1.87 -1.32
N ASP A 26 5.02 -2.80 -1.34
CA ASP A 26 4.39 -3.29 -0.11
C ASP A 26 5.36 -4.18 0.66
N GLY A 27 5.41 -4.01 1.98
CA GLY A 27 6.33 -4.74 2.82
C GLY A 27 7.59 -3.93 3.09
N TRP A 28 7.59 -2.69 2.65
CA TRP A 28 8.68 -1.74 2.91
C TRP A 28 8.09 -0.51 3.56
N LYS A 29 8.79 0.04 4.56
CA LYS A 29 8.36 1.32 5.14
C LYS A 29 8.80 2.41 4.16
N TRP A 30 7.81 3.13 3.64
CA TRP A 30 8.00 3.88 2.40
C TRP A 30 7.87 5.40 2.56
N ASN A 31 6.63 5.85 2.76
CA ASN A 31 6.30 7.28 2.87
C ASN A 31 6.89 7.92 4.14
N GLU A 32 7.17 7.08 5.15
CA GLU A 32 7.51 7.53 6.53
C GLU A 32 6.28 7.91 7.39
N SER A 33 5.11 7.91 6.76
CA SER A 33 3.86 7.84 7.50
C SER A 33 3.53 6.35 7.65
N SER A 34 4.30 5.52 6.96
CA SER A 34 4.13 4.08 7.01
C SER A 34 4.27 3.56 8.43
N SER A 35 3.44 2.59 8.78
CA SER A 35 3.50 1.98 10.11
C SER A 35 4.37 0.72 10.11
N PHE A 36 4.87 0.36 8.93
CA PHE A 36 5.80 -0.75 8.79
C PHE A 36 7.11 -0.45 9.53
N SER A 37 7.84 -1.52 9.88
CA SER A 37 9.14 -1.39 10.53
C SER A 37 10.14 -0.47 9.82
N SER A 38 10.88 0.32 10.59
CA SER A 38 11.88 1.22 10.04
C SER A 38 13.17 0.49 9.75
N ASN A 39 13.21 -0.78 10.14
CA ASN A 39 14.38 -1.63 9.94
C ASN A 39 14.28 -2.38 8.61
N CYS A 40 15.14 -2.02 7.66
CA CYS A 40 15.06 -2.56 6.30
C CYS A 40 15.22 -4.07 6.28
N CYS A 41 15.78 -4.62 7.34
CA CYS A 41 15.99 -6.05 7.41
C CYS A 41 14.68 -6.85 7.54
N ASP A 42 13.63 -6.23 8.05
CA ASP A 42 12.33 -6.91 8.11
C ASP A 42 11.44 -6.51 6.94
N TRP A 43 12.00 -5.72 6.03
CA TRP A 43 11.30 -5.41 4.79
C TRP A 43 11.29 -6.64 3.88
N VAL A 44 10.18 -6.84 3.19
CA VAL A 44 9.96 -8.02 2.37
C VAL A 44 10.64 -7.92 0.99
N GLY A 45 11.57 -8.84 0.73
CA GLY A 45 12.37 -8.83 -0.48
C GLY A 45 13.82 -8.44 -0.21
N ILE A 46 14.11 -8.23 1.06
CA ILE A 46 15.44 -7.82 1.49
C ILE A 46 16.00 -8.83 2.50
N SER A 47 17.18 -9.35 2.18
CA SER A 47 17.85 -10.30 3.04
C SER A 47 19.14 -9.71 3.62
N CYS A 48 19.23 -9.73 4.93
CA CYS A 48 20.42 -9.25 5.61
C CYS A 48 21.32 -10.39 6.08
N LYS A 49 22.62 -10.15 6.10
CA LYS A 49 23.60 -11.03 6.74
C LYS A 49 24.45 -10.21 7.71
N SER A 50 24.94 -10.84 8.77
CA SER A 50 25.71 -10.12 9.80
C SER A 50 26.93 -9.48 9.16
N SER A 51 27.38 -8.37 9.71
CA SER A 51 28.60 -7.76 9.23
C SER A 51 29.77 -8.66 9.59
N VAL A 52 29.65 -9.38 10.71
CA VAL A 52 30.73 -10.26 11.13
C VAL A 52 30.82 -11.53 10.25
N SER A 53 29.70 -11.98 9.71
CA SER A 53 29.71 -13.15 8.82
C SER A 53 30.25 -12.80 7.44
N LEU A 54 30.28 -11.51 7.14
CA LEU A 54 30.79 -11.05 5.86
C LEU A 54 32.26 -10.71 6.01
N GLY A 55 32.79 -10.94 7.20
CA GLY A 55 34.17 -10.64 7.49
C GLY A 55 34.40 -9.16 7.70
N LEU A 56 33.40 -8.46 8.20
CA LEU A 56 33.57 -7.03 8.48
C LEU A 56 33.83 -6.85 9.98
N ASP A 57 35.08 -6.50 10.31
CA ASP A 57 35.55 -6.55 11.68
C ASP A 57 35.43 -5.21 12.39
N ASP A 58 34.81 -4.23 11.73
CA ASP A 58 34.85 -2.86 12.21
C ASP A 58 34.06 -2.65 13.49
N VAL A 59 34.11 -1.43 14.01
CA VAL A 59 33.53 -1.11 15.33
C VAL A 59 32.05 -1.50 15.45
N ASN A 60 31.28 -1.23 14.40
CA ASN A 60 29.86 -1.50 14.41
C ASN A 60 29.49 -2.93 14.00
N GLU A 61 28.55 -3.51 14.72
CA GLU A 61 27.91 -4.74 14.28
C GLU A 61 26.54 -4.39 13.73
N SER A 62 26.39 -4.51 12.41
CA SER A 62 25.13 -4.19 11.77
C SER A 62 24.79 -5.24 10.72
N GLY A 63 23.49 -5.35 10.42
CA GLY A 63 23.03 -6.14 9.29
C GLY A 63 23.37 -5.43 7.99
N ARG A 64 23.93 -6.16 7.04
CA ARG A 64 24.23 -5.64 5.71
C ARG A 64 23.28 -6.26 4.68
N VAL A 65 22.90 -5.49 3.66
CA VAL A 65 21.92 -5.98 2.67
C VAL A 65 22.64 -6.80 1.60
N VAL A 66 22.40 -8.12 1.59
CA VAL A 66 23.04 -8.97 0.61
C VAL A 66 22.17 -9.43 -0.57
N GLU A 67 20.86 -9.32 -0.41
CA GLU A 67 19.91 -9.72 -1.45
C GLU A 67 18.83 -8.69 -1.56
N LEU A 68 18.55 -8.27 -2.78
CA LEU A 68 17.38 -7.47 -3.07
C LEU A 68 16.59 -8.25 -4.11
N GLU A 69 15.45 -8.84 -3.73
CA GLU A 69 14.66 -9.60 -4.70
C GLU A 69 13.24 -9.06 -4.82
N LEU A 70 13.03 -8.32 -5.90
CA LEU A 70 11.76 -7.67 -6.24
C LEU A 70 10.96 -8.21 -7.40
N GLY A 71 11.31 -9.39 -7.90
CA GLY A 71 10.62 -9.93 -9.06
C GLY A 71 9.11 -9.88 -8.97
N ARG A 72 8.47 -9.42 -10.04
CA ARG A 72 7.01 -9.39 -10.15
C ARG A 72 6.29 -8.57 -9.08
N ARG A 73 6.88 -7.43 -8.72
CA ARG A 73 6.26 -6.50 -7.78
C ARG A 73 5.56 -5.31 -8.43
N LYS A 74 5.50 -5.33 -9.75
CA LYS A 74 4.85 -4.27 -10.53
C LYS A 74 5.49 -2.94 -10.22
N LEU A 75 6.78 -2.82 -10.55
CA LEU A 75 7.55 -1.62 -10.27
C LEU A 75 7.65 -0.78 -11.52
N SER A 76 7.44 0.52 -11.40
CA SER A 76 7.68 1.46 -12.50
C SER A 76 8.63 2.56 -12.02
N GLY A 77 9.52 3.00 -12.91
CA GLY A 77 10.46 4.04 -12.55
C GLY A 77 11.77 3.87 -13.28
N LYS A 78 12.81 4.44 -12.71
CA LYS A 78 14.16 4.19 -13.21
C LYS A 78 14.82 3.21 -12.24
N LEU A 79 16.05 2.81 -12.55
CA LEU A 79 16.86 2.10 -11.59
C LEU A 79 17.92 3.10 -11.16
N SER A 80 17.79 3.59 -9.93
CA SER A 80 18.70 4.63 -9.40
C SER A 80 20.13 4.16 -9.31
N GLU A 81 21.05 5.07 -9.55
CA GLU A 81 22.44 4.72 -9.46
C GLU A 81 22.79 4.25 -8.06
N SER A 82 22.13 4.81 -7.06
CA SER A 82 22.51 4.56 -5.65
C SER A 82 22.43 3.10 -5.20
N VAL A 83 21.75 2.25 -5.95
CA VAL A 83 21.77 0.82 -5.66
C VAL A 83 23.21 0.29 -5.63
N ALA A 84 24.08 0.92 -6.42
CA ALA A 84 25.52 0.61 -6.39
C ALA A 84 26.21 1.07 -5.10
N LYS A 85 25.50 1.75 -4.21
CA LYS A 85 26.05 2.08 -2.91
C LYS A 85 25.98 0.88 -1.99
N LEU A 86 25.27 -0.17 -2.39
CA LEU A 86 25.16 -1.33 -1.53
C LEU A 86 26.29 -2.28 -1.89
N ASP A 87 27.35 -2.29 -1.08
CA ASP A 87 28.60 -2.90 -1.50
C ASP A 87 28.68 -4.37 -1.10
N GLN A 88 27.78 -4.79 -0.24
CA GLN A 88 27.70 -6.20 0.13
C GLN A 88 26.64 -6.95 -0.69
N LEU A 89 26.04 -6.27 -1.67
CA LEU A 89 24.99 -6.89 -2.46
C LEU A 89 25.49 -8.14 -3.23
N LYS A 90 24.78 -9.24 -3.03
CA LYS A 90 25.07 -10.50 -3.71
C LYS A 90 24.05 -10.75 -4.82
N VAL A 91 22.78 -10.77 -4.45
CA VAL A 91 21.70 -10.93 -5.42
C VAL A 91 20.94 -9.63 -5.65
N LEU A 92 20.86 -9.20 -6.92
CA LEU A 92 19.87 -8.21 -7.33
C LEU A 92 18.87 -8.83 -8.33
N ASN A 93 17.64 -9.12 -7.90
CA ASN A 93 16.62 -9.65 -8.81
C ASN A 93 15.41 -8.72 -8.98
N LEU A 94 15.38 -8.02 -10.12
CA LEU A 94 14.29 -7.13 -10.52
C LEU A 94 13.33 -7.67 -11.60
N THR A 95 13.39 -8.97 -11.87
CA THR A 95 12.70 -9.56 -13.02
C THR A 95 11.20 -9.30 -13.13
N HIS A 96 10.72 -9.20 -14.36
CA HIS A 96 9.30 -9.04 -14.66
C HIS A 96 8.70 -7.82 -13.98
N ASN A 97 9.19 -6.66 -14.38
CA ASN A 97 8.70 -5.39 -13.89
C ASN A 97 8.58 -4.41 -15.05
N SER A 98 8.23 -3.18 -14.72
CA SER A 98 8.10 -2.11 -15.71
C SER A 98 9.23 -1.09 -15.79
N LEU A 99 10.32 -1.34 -15.07
CA LEU A 99 11.41 -0.37 -14.95
C LEU A 99 11.98 0.05 -16.30
N SER A 100 12.31 1.33 -16.44
CA SER A 100 12.85 1.84 -17.69
C SER A 100 14.11 2.67 -17.44
N GLY A 101 14.64 3.25 -18.49
CA GLY A 101 15.86 4.02 -18.38
C GLY A 101 17.07 3.18 -18.73
N SER A 102 18.25 3.70 -18.45
CA SER A 102 19.48 3.01 -18.77
C SER A 102 20.06 2.37 -17.52
N ILE A 103 21.17 1.65 -17.68
CA ILE A 103 21.80 1.00 -16.53
C ILE A 103 23.07 1.77 -16.24
N ALA A 104 23.25 2.21 -15.01
CA ALA A 104 24.44 2.96 -14.67
C ALA A 104 25.67 2.05 -14.62
N ALA A 105 26.77 2.50 -15.20
CA ALA A 105 28.01 1.74 -15.22
C ALA A 105 28.42 1.36 -13.79
N SER A 106 28.06 2.23 -12.85
CA SER A 106 28.27 2.03 -11.42
C SER A 106 27.85 0.64 -10.95
N LEU A 107 26.71 0.17 -11.46
CA LEU A 107 26.14 -1.10 -11.04
C LEU A 107 26.87 -2.31 -11.59
N LEU A 108 27.62 -2.10 -12.67
CA LEU A 108 28.42 -3.16 -13.25
C LEU A 108 29.81 -3.17 -12.63
N ASN A 109 30.00 -2.34 -11.61
CA ASN A 109 31.23 -2.31 -10.81
C ASN A 109 31.14 -3.00 -9.44
N LEU A 110 30.00 -3.53 -9.06
CA LEU A 110 29.90 -4.15 -7.72
C LEU A 110 30.69 -5.46 -7.58
N SER A 111 31.59 -5.51 -6.61
CA SER A 111 32.52 -6.63 -6.47
C SER A 111 31.94 -7.84 -5.77
N ASN A 112 30.84 -7.66 -5.06
CA ASN A 112 30.26 -8.77 -4.33
C ASN A 112 29.08 -9.43 -5.01
N LEU A 113 28.70 -8.86 -6.15
CA LEU A 113 27.48 -9.24 -6.82
C LEU A 113 27.59 -10.64 -7.44
N GLU A 114 26.61 -11.49 -7.15
CA GLU A 114 26.59 -12.88 -7.64
C GLU A 114 25.55 -13.12 -8.75
N VAL A 115 24.30 -12.83 -8.44
CA VAL A 115 23.22 -12.82 -9.42
C VAL A 115 22.76 -11.39 -9.77
N LEU A 116 22.90 -11.01 -11.04
CA LEU A 116 22.17 -9.84 -11.54
C LEU A 116 21.09 -10.32 -12.51
N ASP A 117 19.83 -10.27 -12.07
CA ASP A 117 18.71 -10.55 -12.97
C ASP A 117 17.80 -9.33 -13.21
N LEU A 118 17.94 -8.71 -14.37
CA LEU A 118 17.15 -7.53 -14.75
C LEU A 118 16.01 -7.80 -15.72
N SER A 119 15.74 -9.06 -16.00
CA SER A 119 14.93 -9.46 -17.16
C SER A 119 13.48 -8.98 -17.18
N SER A 120 12.94 -8.85 -18.39
CA SER A 120 11.55 -8.46 -18.62
C SER A 120 11.21 -7.11 -18.03
N ASN A 121 11.85 -6.08 -18.57
CA ASN A 121 11.65 -4.70 -18.14
C ASN A 121 11.71 -3.82 -19.37
N ASP A 122 11.78 -2.52 -19.14
CA ASP A 122 11.94 -1.51 -20.19
C ASP A 122 13.34 -0.93 -20.39
N PHE A 123 14.35 -1.46 -19.71
CA PHE A 123 15.69 -0.90 -19.83
C PHE A 123 16.18 -0.72 -21.26
N SER A 124 16.80 0.42 -21.55
CA SER A 124 17.15 0.79 -22.91
C SER A 124 18.48 1.51 -23.02
N GLY A 125 18.83 1.94 -24.22
CA GLY A 125 20.11 2.55 -24.48
C GLY A 125 21.19 1.49 -24.59
N LEU A 126 22.43 1.92 -24.64
CA LEU A 126 23.55 1.01 -24.76
C LEU A 126 23.79 0.33 -23.43
N PHE A 127 24.09 -0.95 -23.46
CA PHE A 127 24.63 -1.63 -22.29
C PHE A 127 26.03 -1.10 -21.97
N PRO A 128 26.28 -0.78 -20.70
CA PRO A 128 27.58 -0.30 -20.24
C PRO A 128 28.74 -1.17 -20.70
N SER A 129 29.79 -0.55 -21.22
CA SER A 129 30.94 -1.30 -21.71
C SER A 129 31.86 -1.82 -20.61
N LEU A 130 31.81 -1.21 -19.43
CA LEU A 130 32.74 -1.62 -18.37
C LEU A 130 32.08 -2.56 -17.36
N ILE A 131 32.46 -3.82 -17.43
CA ILE A 131 31.90 -4.81 -16.53
C ILE A 131 33.03 -5.30 -15.64
N ASN A 132 33.02 -4.91 -14.37
CA ASN A 132 33.87 -5.58 -13.41
C ASN A 132 33.02 -6.25 -12.38
N LEU A 133 32.86 -7.56 -12.51
CA LEU A 133 31.94 -8.26 -11.64
C LEU A 133 32.52 -9.64 -11.31
N PRO A 134 33.69 -9.67 -10.65
CA PRO A 134 34.51 -10.87 -10.44
C PRO A 134 33.81 -11.99 -9.66
N SER A 135 32.72 -11.68 -8.97
CA SER A 135 31.92 -12.67 -8.22
C SER A 135 30.66 -13.17 -8.93
N LEU A 136 30.45 -12.78 -10.19
CA LEU A 136 29.13 -12.95 -10.80
C LEU A 136 28.86 -14.32 -11.42
N ARG A 137 27.90 -15.07 -10.88
CA ARG A 137 27.52 -16.33 -11.51
C ARG A 137 26.59 -16.10 -12.71
N VAL A 138 25.60 -15.23 -12.52
CA VAL A 138 24.52 -15.08 -13.48
C VAL A 138 24.25 -13.64 -13.89
N LEU A 139 24.29 -13.39 -15.20
CA LEU A 139 23.92 -12.09 -15.78
C LEU A 139 22.73 -12.26 -16.73
N ASN A 140 21.54 -11.80 -16.32
CA ASN A 140 20.34 -11.94 -17.14
C ASN A 140 19.69 -10.60 -17.44
N VAL A 141 19.84 -10.12 -18.67
CA VAL A 141 19.09 -9.01 -19.26
C VAL A 141 18.02 -9.40 -20.29
N TYR A 142 17.67 -10.69 -20.31
CA TYR A 142 16.68 -11.19 -21.25
C TYR A 142 15.43 -10.31 -21.28
N GLU A 143 14.93 -10.02 -22.48
CA GLU A 143 13.74 -9.19 -22.67
C GLU A 143 13.86 -7.75 -22.14
N ASN A 144 14.68 -6.97 -22.82
CA ASN A 144 14.71 -5.54 -22.61
C ASN A 144 14.84 -4.79 -23.93
N SER A 145 15.05 -3.49 -23.83
CA SER A 145 15.23 -2.63 -24.98
C SER A 145 16.66 -2.20 -25.34
N PHE A 146 17.66 -2.85 -24.76
CA PHE A 146 19.07 -2.55 -25.07
C PHE A 146 19.39 -2.61 -26.57
N HIS A 147 20.32 -1.74 -27.00
CA HIS A 147 20.70 -1.70 -28.41
C HIS A 147 22.20 -1.42 -28.59
N GLY A 148 22.64 -1.44 -29.83
CA GLY A 148 24.06 -1.39 -30.12
C GLY A 148 24.81 -2.65 -29.74
N LEU A 149 26.13 -2.59 -29.80
CA LEU A 149 26.99 -3.76 -29.64
C LEU A 149 26.79 -4.43 -28.30
N ILE A 150 26.96 -5.74 -28.28
CA ILE A 150 27.26 -6.48 -27.08
C ILE A 150 28.61 -5.97 -26.67
N PRO A 151 28.83 -5.69 -25.36
CA PRO A 151 30.15 -5.18 -24.93
C PRO A 151 31.30 -6.05 -25.42
N ALA A 152 32.28 -5.44 -26.07
CA ALA A 152 33.41 -6.19 -26.62
C ALA A 152 34.30 -6.75 -25.52
N SER A 153 34.27 -6.12 -24.36
CA SER A 153 35.11 -6.54 -23.23
C SER A 153 34.38 -7.44 -22.26
N LEU A 154 33.18 -7.86 -22.64
CA LEU A 154 32.19 -8.42 -21.72
C LEU A 154 32.74 -9.40 -20.70
N CYS A 155 33.58 -10.33 -21.15
CA CYS A 155 34.04 -11.38 -20.26
C CYS A 155 35.41 -11.18 -19.61
N ASN A 156 36.05 -10.06 -19.89
CA ASN A 156 37.39 -9.83 -19.37
C ASN A 156 37.44 -9.84 -17.85
N ASN A 157 36.43 -9.24 -17.25
CA ASN A 157 36.30 -9.29 -15.79
C ASN A 157 35.33 -10.28 -15.14
N LEU A 158 34.87 -11.28 -15.87
CA LEU A 158 33.89 -12.21 -15.31
C LEU A 158 34.41 -13.63 -15.16
N PRO A 159 35.40 -13.84 -14.29
CA PRO A 159 36.09 -15.14 -14.21
C PRO A 159 35.21 -16.28 -13.70
N ARG A 160 34.20 -15.97 -12.88
CA ARG A 160 33.36 -16.99 -12.27
C ARG A 160 32.03 -17.22 -12.96
N ILE A 161 31.82 -16.53 -14.08
CA ILE A 161 30.53 -16.50 -14.80
C ILE A 161 29.99 -17.88 -15.20
N ARG A 162 28.67 -18.01 -15.20
CA ARG A 162 28.01 -19.27 -15.53
C ARG A 162 26.94 -19.13 -16.63
N GLU A 163 25.92 -18.30 -16.40
CA GLU A 163 24.88 -18.01 -17.40
C GLU A 163 24.96 -16.58 -17.91
N ILE A 164 25.05 -16.40 -19.21
CA ILE A 164 24.90 -15.07 -19.81
C ILE A 164 23.67 -15.12 -20.72
N ASP A 165 22.67 -14.26 -20.45
CA ASP A 165 21.47 -14.24 -21.31
C ASP A 165 21.13 -12.81 -21.78
N LEU A 166 21.42 -12.52 -23.04
CA LEU A 166 21.15 -11.20 -23.65
C LEU A 166 19.94 -11.18 -24.56
N ALA A 167 19.24 -12.31 -24.60
CA ALA A 167 18.21 -12.54 -25.61
C ALA A 167 17.06 -11.55 -25.52
N MET A 168 16.34 -11.40 -26.63
CA MET A 168 15.18 -10.51 -26.70
C MET A 168 15.53 -9.05 -26.42
N ASN A 169 16.55 -8.57 -27.11
CA ASN A 169 16.93 -7.17 -27.07
C ASN A 169 17.18 -6.69 -28.49
N TYR A 170 17.70 -5.49 -28.63
CA TYR A 170 18.03 -4.96 -29.95
C TYR A 170 19.52 -5.00 -30.31
N PHE A 171 20.31 -5.74 -29.53
CA PHE A 171 21.77 -5.76 -29.72
C PHE A 171 22.16 -5.98 -31.16
N ASP A 172 23.17 -5.27 -31.65
CA ASP A 172 23.56 -5.45 -33.05
C ASP A 172 25.05 -5.64 -33.28
N GLY A 173 25.42 -5.81 -34.55
CA GLY A 173 26.78 -6.13 -34.91
C GLY A 173 27.09 -7.61 -34.91
N SER A 174 28.36 -7.93 -35.11
CA SER A 174 28.86 -9.28 -35.08
C SER A 174 29.02 -9.67 -33.64
N ILE A 175 28.94 -10.96 -33.33
CA ILE A 175 29.27 -11.42 -31.99
C ILE A 175 30.73 -11.05 -31.79
N PRO A 176 31.04 -10.41 -30.65
CA PRO A 176 32.39 -9.92 -30.33
C PRO A 176 33.43 -11.02 -30.22
N VAL A 177 34.58 -10.80 -30.86
CA VAL A 177 35.71 -11.71 -30.78
C VAL A 177 36.07 -12.07 -29.33
N GLY A 178 35.80 -11.15 -28.41
CA GLY A 178 36.04 -11.39 -27.00
C GLY A 178 35.12 -12.38 -26.29
N ILE A 179 34.10 -12.87 -26.99
CA ILE A 179 33.21 -13.86 -26.39
C ILE A 179 33.94 -15.15 -25.96
N GLY A 180 35.15 -15.37 -26.49
CA GLY A 180 35.99 -16.50 -26.11
C GLY A 180 36.67 -16.40 -24.74
N ASN A 181 36.63 -15.22 -24.13
CA ASN A 181 37.21 -15.04 -22.79
C ASN A 181 36.22 -15.35 -21.64
N CYS A 182 35.10 -15.95 -22.02
CA CYS A 182 34.00 -16.36 -21.14
C CYS A 182 34.24 -17.73 -20.55
N SER A 183 35.49 -18.14 -20.48
CA SER A 183 35.88 -19.54 -20.36
C SER A 183 35.01 -20.47 -19.49
N SER A 184 34.46 -19.98 -18.40
CA SER A 184 33.69 -20.83 -17.49
C SER A 184 32.21 -20.96 -17.85
N VAL A 185 31.75 -20.13 -18.79
CA VAL A 185 30.32 -20.06 -19.12
C VAL A 185 29.76 -21.40 -19.57
N GLU A 186 28.50 -21.62 -19.24
CA GLU A 186 27.75 -22.84 -19.49
C GLU A 186 26.54 -22.50 -20.35
N TYR A 187 25.74 -21.54 -19.90
CA TYR A 187 24.62 -21.00 -20.70
C TYR A 187 24.96 -19.69 -21.40
N LEU A 188 24.84 -19.63 -22.73
CA LEU A 188 24.85 -18.35 -23.45
C LEU A 188 23.59 -18.10 -24.33
N GLY A 189 22.65 -17.26 -23.88
CA GLY A 189 21.62 -16.74 -24.77
C GLY A 189 21.91 -15.48 -25.56
N LEU A 190 22.01 -15.57 -26.89
CA LEU A 190 22.07 -14.38 -27.75
C LEU A 190 20.84 -14.16 -28.59
N ALA A 191 19.86 -15.06 -28.49
CA ALA A 191 18.78 -15.10 -29.45
C ALA A 191 17.90 -13.86 -29.44
N SER A 192 17.17 -13.66 -30.54
CA SER A 192 16.24 -12.53 -30.67
C SER A 192 16.91 -11.17 -30.50
N ASN A 193 17.78 -10.85 -31.44
CA ASN A 193 18.53 -9.60 -31.44
C ASN A 193 18.74 -9.17 -32.89
N ASN A 194 19.65 -8.22 -33.10
CA ASN A 194 20.10 -7.91 -34.45
C ASN A 194 21.43 -8.45 -34.96
N LEU A 195 22.02 -9.37 -34.23
CA LEU A 195 23.36 -9.86 -34.53
C LEU A 195 23.52 -10.31 -35.99
N SER A 196 24.66 -9.98 -36.58
CA SER A 196 24.96 -10.37 -37.96
C SER A 196 26.41 -10.81 -38.12
N GLY A 197 26.83 -10.95 -39.38
CA GLY A 197 28.14 -11.47 -39.67
C GLY A 197 28.30 -12.94 -39.34
N SER A 198 29.51 -13.44 -39.55
CA SER A 198 29.81 -14.81 -39.22
C SER A 198 29.93 -14.99 -37.72
N ILE A 199 29.84 -16.23 -37.28
CA ILE A 199 30.15 -16.54 -35.90
C ILE A 199 31.66 -16.45 -35.81
N PRO A 200 32.18 -15.63 -34.88
CA PRO A 200 33.62 -15.49 -34.65
C PRO A 200 34.20 -16.81 -34.22
N GLN A 201 35.29 -17.23 -34.84
CA GLN A 201 35.89 -18.53 -34.55
C GLN A 201 36.11 -18.73 -33.06
N GLU A 202 36.29 -17.62 -32.34
CA GLU A 202 36.55 -17.65 -30.91
C GLU A 202 35.41 -18.18 -30.05
N LEU A 203 34.19 -18.26 -30.59
CA LEU A 203 33.08 -18.83 -29.84
C LEU A 203 33.28 -20.33 -29.56
N PHE A 204 34.03 -21.00 -30.42
CA PHE A 204 34.13 -22.45 -30.31
C PHE A 204 35.21 -22.89 -29.32
N GLN A 205 35.82 -21.92 -28.64
CA GLN A 205 36.80 -22.22 -27.62
C GLN A 205 36.17 -22.32 -26.24
N LEU A 206 34.85 -22.15 -26.14
CA LEU A 206 34.22 -22.14 -24.83
C LEU A 206 33.82 -23.55 -24.48
N SER A 207 34.64 -24.19 -23.66
CA SER A 207 34.62 -25.66 -23.62
C SER A 207 33.66 -26.17 -22.58
N ASN A 208 33.15 -25.27 -21.74
CA ASN A 208 32.10 -25.63 -20.79
C ASN A 208 30.70 -25.24 -21.26
N LEU A 209 30.62 -24.64 -22.45
CA LEU A 209 29.36 -24.24 -23.02
C LEU A 209 28.43 -25.44 -23.11
N SER A 210 27.22 -25.26 -22.60
CA SER A 210 26.25 -26.32 -22.43
C SER A 210 25.04 -26.04 -23.31
N VAL A 211 24.44 -24.87 -23.13
CA VAL A 211 23.31 -24.40 -23.92
C VAL A 211 23.68 -23.12 -24.66
N LEU A 212 23.43 -23.08 -25.96
CA LEU A 212 23.74 -21.90 -26.77
C LEU A 212 22.52 -21.50 -27.59
N ALA A 213 21.95 -20.33 -27.34
CA ALA A 213 20.79 -19.87 -28.10
C ALA A 213 21.12 -18.71 -29.05
N LEU A 214 21.26 -19.03 -30.33
CA LEU A 214 21.53 -18.04 -31.38
C LEU A 214 20.34 -17.70 -32.29
N GLN A 215 19.17 -18.26 -32.02
CA GLN A 215 18.05 -18.16 -32.96
C GLN A 215 17.57 -16.72 -33.15
N ASN A 216 16.88 -16.48 -34.28
CA ASN A 216 16.26 -15.17 -34.57
C ASN A 216 17.23 -14.00 -34.55
N ASN A 217 18.17 -14.05 -35.49
CA ASN A 217 19.12 -12.98 -35.74
C ASN A 217 19.38 -12.96 -37.23
N ARG A 218 20.35 -12.17 -37.64
CA ARG A 218 20.86 -12.16 -39.02
C ARG A 218 22.17 -12.94 -39.26
N LEU A 219 22.59 -13.80 -38.32
CA LEU A 219 23.85 -14.54 -38.45
C LEU A 219 23.99 -15.20 -39.80
N SER A 220 25.18 -15.16 -40.39
CA SER A 220 25.34 -15.64 -41.76
C SER A 220 26.57 -16.50 -41.98
N GLY A 221 26.82 -16.82 -43.24
CA GLY A 221 27.98 -17.63 -43.58
C GLY A 221 27.77 -19.11 -43.28
N ALA A 222 28.83 -19.86 -43.23
CA ALA A 222 28.76 -21.26 -43.03
C ALA A 222 28.67 -21.53 -41.60
N LEU A 223 28.42 -22.76 -41.23
CA LEU A 223 28.48 -23.13 -39.84
C LEU A 223 29.71 -24.00 -39.75
N SER A 224 30.78 -23.45 -39.18
CA SER A 224 32.08 -24.09 -39.33
C SER A 224 32.24 -25.40 -38.54
N SER A 225 33.16 -26.22 -39.01
CA SER A 225 33.40 -27.51 -38.44
C SER A 225 33.93 -27.36 -37.03
N LYS A 226 34.38 -26.15 -36.70
CA LYS A 226 34.92 -25.87 -35.38
C LYS A 226 33.88 -26.05 -34.27
N LEU A 227 32.61 -26.14 -34.65
CA LEU A 227 31.54 -26.44 -33.69
C LEU A 227 31.83 -27.72 -32.90
N GLY A 228 32.56 -28.66 -33.49
CA GLY A 228 32.85 -29.91 -32.85
C GLY A 228 33.77 -29.73 -31.66
N LYS A 229 34.39 -28.55 -31.59
CA LYS A 229 35.18 -28.19 -30.43
C LYS A 229 34.34 -28.03 -29.15
N LEU A 230 33.04 -27.69 -29.25
CA LEU A 230 32.26 -27.53 -28.02
C LEU A 230 31.65 -28.87 -27.66
N SER A 231 32.36 -29.60 -26.82
CA SER A 231 32.04 -31.01 -26.67
C SER A 231 31.08 -31.23 -25.51
N ASN A 232 30.83 -30.17 -24.76
CA ASN A 232 29.89 -30.26 -23.67
C ASN A 232 28.54 -29.70 -24.05
N LEU A 233 28.39 -29.36 -25.32
CA LEU A 233 27.15 -28.77 -25.79
C LEU A 233 26.00 -29.80 -25.72
N GLY A 234 24.92 -29.49 -24.99
CA GLY A 234 23.74 -30.34 -25.05
C GLY A 234 22.57 -29.80 -25.87
N ARG A 235 22.50 -28.48 -26.04
CA ARG A 235 21.34 -27.84 -26.65
C ARG A 235 21.75 -26.67 -27.56
N LEU A 236 21.39 -26.75 -28.84
CA LEU A 236 21.81 -25.73 -29.80
C LEU A 236 20.68 -25.25 -30.69
N ASP A 237 20.35 -23.96 -30.62
CA ASP A 237 19.33 -23.41 -31.50
C ASP A 237 19.96 -22.39 -32.45
N ILE A 238 20.04 -22.76 -33.73
CA ILE A 238 20.55 -21.92 -34.79
C ILE A 238 19.42 -21.29 -35.66
N SER A 239 18.17 -21.53 -35.29
CA SER A 239 17.01 -21.22 -36.14
C SER A 239 16.87 -19.78 -36.59
N SER A 240 16.25 -19.59 -37.76
CA SER A 240 15.83 -18.27 -38.23
C SER A 240 16.97 -17.27 -38.29
N ASN A 241 18.04 -17.65 -38.97
CA ASN A 241 19.15 -16.76 -39.28
C ASN A 241 19.26 -16.90 -40.77
N LYS A 242 20.33 -16.40 -41.37
CA LYS A 242 20.67 -16.98 -42.66
C LYS A 242 22.07 -17.58 -42.71
N PHE A 243 22.16 -18.87 -42.43
CA PHE A 243 23.40 -19.60 -42.56
C PHE A 243 23.25 -20.33 -43.88
N SER A 244 24.29 -21.03 -44.32
CA SER A 244 24.21 -21.67 -45.63
C SER A 244 25.24 -22.79 -45.81
N GLY A 245 25.20 -23.43 -46.96
CA GLY A 245 26.11 -24.52 -47.24
C GLY A 245 25.70 -25.80 -46.54
N LYS A 246 26.58 -26.79 -46.56
CA LYS A 246 26.35 -28.06 -45.91
C LYS A 246 26.38 -27.85 -44.40
N ILE A 247 25.74 -28.74 -43.67
CA ILE A 247 25.92 -28.79 -42.22
C ILE A 247 27.17 -29.63 -41.92
N PRO A 248 28.11 -29.09 -41.11
CA PRO A 248 29.41 -29.74 -40.93
C PRO A 248 29.23 -31.11 -40.31
N ASP A 249 30.12 -32.05 -40.58
CA ASP A 249 29.87 -33.36 -40.05
C ASP A 249 30.74 -33.54 -38.81
N VAL A 250 30.19 -33.04 -37.71
CA VAL A 250 30.86 -33.00 -36.41
C VAL A 250 30.22 -33.86 -35.32
N PHE A 251 29.09 -34.48 -35.63
CA PHE A 251 28.21 -34.96 -34.57
C PHE A 251 28.71 -36.13 -33.71
N LEU A 252 29.81 -36.75 -34.15
CA LEU A 252 30.49 -37.74 -33.33
C LEU A 252 31.20 -37.05 -32.19
N GLU A 253 31.67 -35.84 -32.44
CA GLU A 253 32.33 -35.05 -31.40
C GLU A 253 31.37 -34.53 -30.37
N LEU A 254 30.13 -34.24 -30.75
CA LEU A 254 29.23 -33.68 -29.74
C LEU A 254 28.42 -34.83 -29.21
N ASN A 255 28.91 -35.38 -28.11
CA ASN A 255 28.37 -36.62 -27.59
C ASN A 255 27.31 -36.38 -26.52
N LYS A 256 27.20 -35.12 -26.08
CA LYS A 256 26.16 -34.71 -25.15
C LYS A 256 24.99 -33.99 -25.83
N LEU A 257 25.05 -33.80 -27.15
CA LEU A 257 24.09 -32.92 -27.79
C LEU A 257 22.74 -33.62 -27.91
N TRP A 258 21.76 -33.20 -27.12
CA TRP A 258 20.44 -33.81 -27.18
C TRP A 258 19.42 -32.99 -27.97
N TYR A 259 19.74 -31.73 -28.24
CA TYR A 259 18.78 -30.82 -28.84
C TYR A 259 19.45 -30.02 -29.93
N PHE A 260 18.93 -30.10 -31.15
CA PHE A 260 19.50 -29.33 -32.24
C PHE A 260 18.42 -28.73 -33.12
N SER A 261 18.33 -27.41 -33.19
CA SER A 261 17.33 -26.80 -34.04
C SER A 261 17.97 -25.78 -34.98
N ALA A 262 18.01 -26.14 -36.24
CA ALA A 262 18.50 -25.31 -37.34
C ALA A 262 17.43 -24.74 -38.29
N GLN A 263 16.16 -24.77 -37.92
CA GLN A 263 15.13 -24.48 -38.91
C GLN A 263 15.09 -23.08 -39.49
N SER A 264 14.54 -22.97 -40.70
CA SER A 264 14.41 -21.69 -41.39
C SER A 264 15.76 -20.98 -41.57
N ASN A 265 16.70 -21.70 -42.15
CA ASN A 265 17.96 -21.12 -42.61
C ASN A 265 18.07 -21.47 -44.08
N LEU A 266 19.22 -21.20 -44.67
CA LEU A 266 19.52 -21.59 -46.05
C LEU A 266 20.35 -22.86 -46.25
N PHE A 267 20.50 -23.68 -45.21
CA PHE A 267 21.28 -24.91 -45.32
C PHE A 267 20.90 -25.78 -46.51
N ASN A 268 21.87 -26.44 -47.09
CA ASN A 268 21.62 -27.27 -48.26
C ASN A 268 22.46 -28.55 -48.27
N GLY A 269 22.43 -29.31 -49.36
CA GLY A 269 23.12 -30.59 -49.41
C GLY A 269 22.44 -31.68 -48.60
N GLU A 270 23.11 -32.81 -48.45
CA GLU A 270 22.62 -33.88 -47.60
C GLU A 270 22.97 -33.67 -46.11
N MET A 271 22.16 -34.24 -45.23
CA MET A 271 22.46 -34.25 -43.80
C MET A 271 23.75 -35.04 -43.58
N PRO A 272 24.66 -34.52 -42.76
CA PRO A 272 25.95 -35.19 -42.60
C PRO A 272 25.80 -36.57 -42.02
N ARG A 273 26.73 -37.45 -42.37
CA ARG A 273 26.68 -38.83 -41.92
C ARG A 273 26.64 -38.93 -40.37
N SER A 274 27.39 -38.07 -39.69
CA SER A 274 27.53 -38.19 -38.25
C SER A 274 26.22 -37.88 -37.55
N LEU A 275 25.48 -36.91 -38.06
CA LEU A 275 24.19 -36.57 -37.47
C LEU A 275 23.22 -37.74 -37.60
N SER A 276 23.24 -38.41 -38.76
CA SER A 276 22.41 -39.59 -38.92
C SER A 276 22.84 -40.69 -37.96
N ASN A 277 24.03 -40.56 -37.37
CA ASN A 277 24.51 -41.51 -36.39
C ASN A 277 24.48 -41.14 -34.91
N SER A 278 24.05 -39.92 -34.59
CA SER A 278 24.16 -39.44 -33.22
C SER A 278 23.43 -40.30 -32.20
N ARG A 279 24.16 -40.70 -31.17
CA ARG A 279 23.67 -41.49 -30.04
C ARG A 279 23.05 -40.58 -28.95
N SER A 280 23.16 -39.27 -29.16
CA SER A 280 22.71 -38.28 -28.19
C SER A 280 21.42 -37.56 -28.62
N ILE A 281 21.42 -37.06 -29.85
CA ILE A 281 20.29 -36.26 -30.32
C ILE A 281 18.92 -36.90 -30.02
N SER A 282 18.02 -36.04 -29.57
CA SER A 282 16.73 -36.42 -29.03
C SER A 282 15.73 -35.65 -29.85
N LEU A 283 15.85 -34.33 -29.86
CA LEU A 283 15.03 -33.49 -30.71
C LEU A 283 15.83 -33.00 -31.90
N LEU A 284 15.33 -33.21 -33.12
CA LEU A 284 16.01 -32.70 -34.29
C LEU A 284 15.09 -31.94 -35.23
N SER A 285 15.27 -30.63 -35.34
CA SER A 285 14.44 -29.84 -36.23
C SER A 285 15.30 -29.18 -37.30
N LEU A 286 15.16 -29.67 -38.52
CA LEU A 286 15.78 -29.08 -39.68
C LEU A 286 14.83 -28.40 -40.65
N ARG A 287 13.56 -28.27 -40.28
CA ARG A 287 12.52 -27.84 -41.23
C ARG A 287 12.76 -26.50 -41.90
N ASN A 288 12.25 -26.35 -43.13
CA ASN A 288 12.30 -25.07 -43.84
C ASN A 288 13.69 -24.62 -44.23
N ASN A 289 14.52 -25.60 -44.56
CA ASN A 289 15.82 -25.34 -45.10
C ASN A 289 15.79 -25.86 -46.54
N THR A 290 16.90 -25.83 -47.26
CA THR A 290 17.01 -26.43 -48.61
C THR A 290 17.60 -27.86 -48.69
N LEU A 291 17.66 -28.57 -47.56
CA LEU A 291 18.25 -29.92 -47.50
C LEU A 291 17.71 -30.86 -48.56
N SER A 292 18.58 -31.63 -49.19
CA SER A 292 18.21 -32.44 -50.34
C SER A 292 18.65 -33.90 -50.20
N GLY A 293 18.34 -34.73 -51.18
CA GLY A 293 18.79 -36.12 -51.17
C GLY A 293 17.79 -37.09 -50.57
N GLN A 294 18.26 -38.30 -50.32
CA GLN A 294 17.40 -39.31 -49.70
C GLN A 294 17.59 -39.28 -48.19
N ILE A 295 16.52 -39.05 -47.47
CA ILE A 295 16.58 -39.10 -46.02
C ILE A 295 17.11 -40.44 -45.48
N TYR A 296 18.11 -40.36 -44.62
CA TYR A 296 18.72 -41.54 -44.03
C TYR A 296 18.98 -41.36 -42.55
N LEU A 297 18.49 -42.30 -41.74
CA LEU A 297 18.79 -42.31 -40.32
C LEU A 297 19.17 -43.73 -39.91
N ASN A 298 20.27 -43.88 -39.18
CA ASN A 298 20.67 -45.20 -38.70
C ASN A 298 20.01 -45.33 -37.33
N CYS A 299 18.93 -46.11 -37.28
CA CYS A 299 18.11 -46.17 -36.06
C CYS A 299 18.73 -47.16 -35.13
N SER A 300 19.80 -47.83 -35.58
CA SER A 300 20.66 -48.58 -34.67
C SER A 300 21.55 -47.62 -33.89
N ALA A 301 22.03 -46.58 -34.56
CA ALA A 301 22.87 -45.59 -33.92
C ALA A 301 22.05 -44.57 -33.10
N MET A 302 20.87 -44.26 -33.60
CA MET A 302 20.07 -43.10 -33.15
C MET A 302 19.19 -43.29 -31.92
N THR A 303 19.61 -44.16 -31.02
CA THR A 303 18.83 -44.58 -29.87
C THR A 303 18.23 -43.50 -28.94
N ASN A 304 18.58 -42.23 -29.12
CA ASN A 304 17.92 -41.18 -28.33
C ASN A 304 16.81 -40.40 -29.04
N LEU A 305 16.61 -40.63 -30.33
CA LEU A 305 15.72 -39.79 -31.13
C LEU A 305 14.23 -39.87 -30.71
N THR A 306 13.62 -38.70 -30.56
CA THR A 306 12.27 -38.57 -30.04
C THR A 306 11.43 -37.69 -30.96
N SER A 307 11.87 -36.47 -31.17
CA SER A 307 11.24 -35.55 -32.10
C SER A 307 12.11 -35.40 -33.36
N LEU A 308 11.56 -35.72 -34.53
CA LEU A 308 12.30 -35.53 -35.78
C LEU A 308 11.48 -34.69 -36.75
N ASP A 309 12.01 -33.53 -37.15
CA ASP A 309 11.22 -32.61 -37.96
C ASP A 309 11.97 -32.17 -39.22
N LEU A 310 11.62 -32.77 -40.35
CA LEU A 310 12.26 -32.47 -41.63
C LEU A 310 11.42 -31.67 -42.61
N ALA A 311 10.24 -31.25 -42.17
CA ALA A 311 9.23 -30.65 -43.06
C ALA A 311 9.78 -29.49 -43.89
N SER A 312 9.22 -29.30 -45.07
CA SER A 312 9.56 -28.15 -45.92
C SER A 312 11.00 -28.11 -46.34
N ASN A 313 11.48 -29.24 -46.85
CA ASN A 313 12.83 -29.32 -47.40
C ASN A 313 12.83 -29.90 -48.84
N SER A 314 14.01 -29.96 -49.45
CA SER A 314 14.15 -30.36 -50.86
C SER A 314 14.36 -31.85 -51.07
N PHE A 315 14.15 -32.64 -50.03
CA PHE A 315 14.36 -34.09 -50.08
C PHE A 315 13.67 -34.81 -51.26
N SER A 316 14.29 -35.87 -51.75
CA SER A 316 13.70 -36.67 -52.80
C SER A 316 13.67 -38.14 -52.38
N GLY A 317 13.19 -39.02 -53.25
CA GLY A 317 13.26 -40.45 -52.97
C GLY A 317 12.12 -40.96 -52.11
N SER A 318 12.43 -41.89 -51.22
CA SER A 318 11.39 -42.62 -50.51
C SER A 318 11.29 -42.26 -49.04
N ILE A 319 10.11 -42.46 -48.48
CA ILE A 319 9.93 -42.37 -47.04
C ILE A 319 10.78 -43.45 -46.40
N PRO A 320 11.64 -43.07 -45.44
CA PRO A 320 12.54 -44.09 -44.90
C PRO A 320 11.73 -45.18 -44.22
N SER A 321 11.95 -46.43 -44.60
CA SER A 321 11.16 -47.51 -44.02
C SER A 321 11.74 -48.08 -42.71
N ASN A 322 12.91 -47.61 -42.29
CA ASN A 322 13.54 -48.14 -41.08
C ASN A 322 13.24 -47.37 -39.78
N LEU A 323 12.52 -46.27 -39.89
CA LEU A 323 12.18 -45.41 -38.75
C LEU A 323 11.45 -46.10 -37.59
N PRO A 324 10.60 -47.10 -37.89
CA PRO A 324 10.06 -47.89 -36.76
C PRO A 324 11.11 -48.61 -35.92
N ASN A 325 12.35 -48.70 -36.39
CA ASN A 325 13.45 -49.23 -35.58
C ASN A 325 14.08 -48.22 -34.63
N CYS A 326 13.65 -46.96 -34.70
CA CYS A 326 14.06 -45.98 -33.70
C CYS A 326 13.07 -46.08 -32.56
N LEU A 327 13.55 -46.58 -31.43
CA LEU A 327 12.67 -47.10 -30.38
C LEU A 327 12.05 -46.03 -29.49
N ARG A 328 12.67 -44.86 -29.42
CA ARG A 328 12.12 -43.76 -28.62
C ARG A 328 11.36 -42.70 -29.43
N LEU A 329 11.33 -42.86 -30.75
CA LEU A 329 10.79 -41.85 -31.66
C LEU A 329 9.26 -41.69 -31.61
N LYS A 330 8.84 -40.49 -31.25
CA LYS A 330 7.46 -40.16 -30.90
C LYS A 330 6.74 -39.34 -31.96
N THR A 331 7.34 -38.22 -32.33
CA THR A 331 6.76 -37.31 -33.32
C THR A 331 7.59 -37.23 -34.63
N ILE A 332 6.87 -37.20 -35.73
CA ILE A 332 7.43 -36.95 -37.01
C ILE A 332 6.69 -35.89 -37.79
N ASN A 333 7.36 -34.79 -38.11
CA ASN A 333 6.79 -33.83 -39.03
C ASN A 333 7.54 -34.00 -40.33
N PHE A 334 6.88 -34.65 -41.27
CA PHE A 334 7.36 -34.83 -42.64
C PHE A 334 6.65 -33.94 -43.65
N ALA A 335 5.87 -32.98 -43.16
CA ALA A 335 5.05 -32.15 -44.05
C ALA A 335 5.87 -31.49 -45.16
N LYS A 336 5.23 -31.26 -46.29
CA LYS A 336 5.85 -30.50 -47.38
C LYS A 336 7.17 -31.09 -47.93
N ILE A 337 7.36 -32.39 -47.82
CA ILE A 337 8.42 -33.07 -48.55
C ILE A 337 7.66 -33.84 -49.61
N LYS A 338 8.03 -33.73 -50.89
CA LYS A 338 7.15 -34.34 -51.88
C LYS A 338 7.68 -35.72 -52.32
N PHE A 339 7.08 -36.75 -51.72
CA PHE A 339 7.50 -38.14 -51.90
C PHE A 339 6.89 -38.80 -53.14
N ILE A 340 5.60 -38.53 -53.37
CA ILE A 340 4.82 -39.19 -54.42
C ILE A 340 4.96 -40.71 -54.28
N ALA A 341 4.67 -41.20 -53.10
CA ALA A 341 4.82 -42.59 -52.81
C ALA A 341 3.73 -42.95 -51.82
N GLN A 342 3.73 -44.17 -51.33
CA GLN A 342 2.85 -44.45 -50.23
C GLN A 342 3.66 -44.78 -48.99
N ILE A 343 2.96 -44.92 -47.88
CA ILE A 343 3.59 -45.24 -46.62
C ILE A 343 3.97 -46.72 -46.60
N PRO A 344 5.25 -47.01 -46.28
CA PRO A 344 5.82 -48.36 -46.23
C PRO A 344 5.07 -49.24 -45.24
N GLU A 345 5.03 -50.53 -45.52
CA GLU A 345 4.33 -51.57 -44.77
C GLU A 345 4.86 -51.64 -43.40
N SER A 346 6.12 -51.29 -43.25
CA SER A 346 6.90 -51.44 -42.02
C SER A 346 6.45 -50.49 -40.92
N PHE A 347 5.74 -49.44 -41.29
CA PHE A 347 5.20 -48.53 -40.28
C PHE A 347 4.14 -49.21 -39.41
N LYS A 348 3.77 -50.45 -39.75
CA LYS A 348 2.82 -51.22 -38.94
C LYS A 348 3.43 -51.53 -37.57
N ASN A 349 4.75 -51.50 -37.51
CA ASN A 349 5.52 -51.76 -36.28
C ASN A 349 5.96 -50.58 -35.41
N PHE A 350 5.50 -49.37 -35.72
CA PHE A 350 6.04 -48.19 -35.06
C PHE A 350 5.23 -48.04 -33.78
N GLN A 351 5.77 -48.51 -32.68
CA GLN A 351 4.96 -48.48 -31.47
C GLN A 351 5.27 -47.28 -30.60
N SER A 352 6.35 -46.58 -30.94
CA SER A 352 6.75 -45.40 -30.21
C SER A 352 6.01 -44.15 -30.70
N LEU A 353 5.48 -44.21 -31.92
CA LEU A 353 4.99 -43.01 -32.59
C LEU A 353 3.68 -42.53 -32.01
N THR A 354 3.67 -41.31 -31.45
CA THR A 354 2.41 -40.68 -31.09
C THR A 354 1.83 -39.59 -32.03
N SER A 355 2.67 -38.99 -32.88
CA SER A 355 2.23 -37.88 -33.73
C SER A 355 2.91 -37.94 -35.09
N LEU A 356 2.12 -37.85 -36.16
CA LEU A 356 2.68 -37.97 -37.52
C LEU A 356 2.05 -36.98 -38.48
N SER A 357 2.88 -36.19 -39.16
CA SER A 357 2.34 -35.33 -40.19
C SER A 357 2.99 -35.59 -41.53
N PHE A 358 2.17 -36.04 -42.48
CA PHE A 358 2.50 -36.06 -43.92
C PHE A 358 1.87 -34.94 -44.73
N SER A 359 1.37 -33.92 -44.06
CA SER A 359 0.63 -32.86 -44.76
C SER A 359 1.37 -32.34 -45.99
N ASN A 360 0.63 -32.30 -47.11
CA ASN A 360 1.11 -31.73 -48.35
C ASN A 360 2.39 -32.38 -48.84
N SER A 361 2.51 -33.68 -48.57
CA SER A 361 3.64 -34.49 -49.01
C SER A 361 3.41 -35.37 -50.25
N SER A 362 2.23 -35.26 -50.87
CA SER A 362 1.89 -35.98 -52.10
C SER A 362 1.81 -37.48 -51.90
N ILE A 363 1.45 -37.90 -50.69
CA ILE A 363 1.27 -39.32 -50.38
C ILE A 363 0.07 -39.89 -51.16
N GLN A 364 0.14 -41.16 -51.53
CA GLN A 364 -0.96 -41.81 -52.25
C GLN A 364 -1.41 -43.16 -51.67
N ASN A 365 -2.55 -43.64 -52.16
CA ASN A 365 -3.18 -44.87 -51.68
C ASN A 365 -3.54 -44.75 -50.22
N ILE A 366 -4.59 -44.00 -49.93
CA ILE A 366 -5.04 -43.80 -48.54
C ILE A 366 -5.57 -45.10 -47.93
N SER A 367 -6.09 -45.99 -48.78
CA SER A 367 -6.59 -47.27 -48.28
C SER A 367 -5.51 -48.03 -47.52
N SER A 368 -4.32 -48.16 -48.11
CA SER A 368 -3.24 -48.81 -47.38
C SER A 368 -2.64 -47.95 -46.27
N ALA A 369 -2.70 -46.63 -46.42
CA ALA A 369 -2.20 -45.73 -45.38
C ALA A 369 -2.90 -45.99 -44.06
N LEU A 370 -4.24 -46.04 -44.08
CA LEU A 370 -4.99 -46.25 -42.86
C LEU A 370 -4.89 -47.69 -42.37
N GLU A 371 -4.77 -48.63 -43.31
CA GLU A 371 -4.64 -50.04 -42.94
C GLU A 371 -3.33 -50.28 -42.19
N ILE A 372 -2.26 -49.65 -42.66
CA ILE A 372 -0.97 -49.63 -41.96
C ILE A 372 -1.00 -48.91 -40.60
N LEU A 373 -1.44 -47.66 -40.61
CA LEU A 373 -1.32 -46.78 -39.46
C LEU A 373 -2.19 -47.14 -38.26
N GLN A 374 -3.21 -47.96 -38.47
CA GLN A 374 -4.05 -48.37 -37.34
C GLN A 374 -3.30 -49.30 -36.38
N HIS A 375 -2.20 -49.87 -36.84
CA HIS A 375 -1.43 -50.80 -36.01
C HIS A 375 -0.41 -50.11 -35.14
N CYS A 376 -0.34 -48.78 -35.24
CA CYS A 376 0.51 -48.05 -34.31
C CYS A 376 -0.35 -47.68 -33.12
N GLN A 377 -0.16 -48.39 -32.02
CA GLN A 377 -1.04 -48.32 -30.87
C GLN A 377 -1.10 -46.95 -30.22
N ASN A 378 0.01 -46.22 -30.29
CA ASN A 378 0.15 -44.96 -29.57
C ASN A 378 -0.18 -43.69 -30.35
N LEU A 379 -0.66 -43.84 -31.58
CA LEU A 379 -0.99 -42.70 -32.43
C LEU A 379 -2.05 -41.80 -31.78
N LYS A 380 -1.68 -40.54 -31.62
CA LYS A 380 -2.50 -39.54 -30.96
C LYS A 380 -2.96 -38.52 -32.01
N THR A 381 -1.97 -37.94 -32.69
CA THR A 381 -2.17 -36.95 -33.73
C THR A 381 -1.81 -37.48 -35.10
N LEU A 382 -2.75 -37.41 -36.04
CA LEU A 382 -2.49 -37.80 -37.43
C LEU A 382 -2.96 -36.70 -38.38
N VAL A 383 -2.02 -36.12 -39.10
CA VAL A 383 -2.31 -35.08 -40.08
C VAL A 383 -1.97 -35.62 -41.45
N LEU A 384 -3.00 -35.88 -42.24
CA LEU A 384 -2.89 -36.28 -43.64
C LEU A 384 -3.20 -35.22 -44.70
N THR A 385 -3.40 -33.97 -44.27
CA THR A 385 -3.88 -32.90 -45.14
C THR A 385 -3.16 -32.79 -46.47
N LEU A 386 -3.91 -32.60 -47.54
CA LEU A 386 -3.36 -32.31 -48.87
C LEU A 386 -2.59 -33.47 -49.49
N ASN A 387 -3.11 -34.67 -49.30
CA ASN A 387 -2.58 -35.86 -49.94
C ASN A 387 -3.73 -36.57 -50.68
N PHE A 388 -3.44 -37.79 -51.17
CA PHE A 388 -4.46 -38.73 -51.66
C PHE A 388 -5.49 -38.14 -52.62
N GLN A 389 -5.09 -37.20 -53.46
CA GLN A 389 -6.08 -36.35 -54.10
C GLN A 389 -7.04 -37.14 -54.99
N LYS A 390 -8.34 -36.91 -54.77
CA LYS A 390 -9.44 -37.55 -55.50
C LYS A 390 -9.73 -39.01 -55.11
N GLU A 391 -8.97 -39.57 -54.17
CA GLU A 391 -9.20 -40.94 -53.75
C GLU A 391 -10.45 -41.03 -52.90
N GLU A 392 -10.69 -42.21 -52.35
CA GLU A 392 -11.94 -42.46 -51.64
C GLU A 392 -11.70 -42.74 -50.17
N LEU A 393 -12.27 -41.94 -49.28
CA LEU A 393 -12.07 -42.15 -47.85
C LEU A 393 -12.69 -43.48 -47.48
N PRO A 394 -11.86 -44.47 -47.07
CA PRO A 394 -12.32 -45.83 -46.75
C PRO A 394 -13.54 -45.85 -45.83
N SER A 395 -14.53 -46.64 -46.23
CA SER A 395 -15.73 -46.89 -45.43
C SER A 395 -15.68 -48.21 -44.66
N VAL A 396 -14.61 -48.98 -44.85
CA VAL A 396 -14.43 -50.23 -44.10
C VAL A 396 -14.68 -50.02 -42.60
N PRO A 397 -15.53 -50.87 -42.00
CA PRO A 397 -15.89 -50.79 -40.57
C PRO A 397 -14.78 -51.27 -39.65
N SER A 398 -13.82 -52.00 -40.21
CA SER A 398 -12.82 -52.70 -39.42
C SER A 398 -11.70 -51.82 -38.83
N LEU A 399 -11.36 -50.72 -39.48
CA LEU A 399 -10.26 -49.86 -39.04
C LEU A 399 -10.44 -49.39 -37.59
N GLN A 400 -9.38 -49.46 -36.79
CA GLN A 400 -9.40 -48.90 -35.42
C GLN A 400 -8.17 -48.07 -35.05
N PHE A 401 -8.37 -46.79 -34.71
CA PHE A 401 -7.32 -46.00 -34.06
C PHE A 401 -7.80 -45.67 -32.67
N LYS A 402 -7.33 -46.41 -31.68
CA LYS A 402 -7.96 -46.43 -30.38
C LYS A 402 -7.59 -45.19 -29.58
N ASN A 403 -6.33 -44.81 -29.69
CA ASN A 403 -5.73 -43.73 -28.92
C ASN A 403 -5.71 -42.38 -29.64
N LEU A 404 -6.39 -42.28 -30.78
CA LEU A 404 -6.29 -41.08 -31.60
C LEU A 404 -7.03 -39.88 -30.97
N LYS A 405 -6.25 -38.83 -30.68
CA LYS A 405 -6.79 -37.55 -30.21
C LYS A 405 -7.21 -36.61 -31.35
N VAL A 406 -6.35 -36.52 -32.36
CA VAL A 406 -6.45 -35.56 -33.44
C VAL A 406 -6.35 -36.22 -34.83
N LEU A 407 -7.36 -36.05 -35.66
CA LEU A 407 -7.33 -36.58 -37.02
C LEU A 407 -7.65 -35.44 -37.96
N ILE A 408 -6.72 -35.13 -38.84
CA ILE A 408 -6.95 -34.09 -39.81
C ILE A 408 -6.63 -34.66 -41.19
N ILE A 409 -7.64 -34.88 -42.01
CA ILE A 409 -7.40 -35.20 -43.41
C ILE A 409 -8.28 -34.26 -44.22
N ALA A 410 -7.67 -33.20 -44.71
CA ALA A 410 -8.43 -32.05 -45.16
C ALA A 410 -7.95 -31.76 -46.55
N SER A 411 -8.73 -31.06 -47.34
CA SER A 411 -8.28 -30.63 -48.67
C SER A 411 -7.68 -31.77 -49.51
N CYS A 412 -8.21 -32.97 -49.37
CA CYS A 412 -7.78 -34.07 -50.22
C CYS A 412 -8.73 -34.36 -51.38
N GLN A 413 -9.85 -33.64 -51.44
CA GLN A 413 -10.95 -33.96 -52.34
C GLN A 413 -11.43 -35.42 -52.25
N LEU A 414 -11.39 -35.99 -51.04
CA LEU A 414 -11.80 -37.38 -50.86
C LEU A 414 -13.28 -37.56 -51.13
N ARG A 415 -13.67 -38.78 -51.48
CA ARG A 415 -15.05 -39.09 -51.84
C ARG A 415 -15.54 -40.11 -50.83
N GLY A 416 -16.86 -40.31 -50.77
CA GLY A 416 -17.36 -41.18 -49.72
C GLY A 416 -18.13 -40.49 -48.63
N THR A 417 -18.30 -41.18 -47.52
CA THR A 417 -19.08 -40.66 -46.40
C THR A 417 -18.28 -40.56 -45.10
N VAL A 418 -18.91 -40.07 -44.03
CA VAL A 418 -18.26 -40.06 -42.74
C VAL A 418 -18.33 -41.51 -42.29
N PRO A 419 -17.17 -42.17 -42.19
CA PRO A 419 -17.10 -43.63 -41.97
C PRO A 419 -17.30 -44.04 -40.51
N GLN A 420 -17.80 -45.25 -40.33
CA GLN A 420 -18.17 -45.73 -39.01
C GLN A 420 -16.92 -46.04 -38.22
N TRP A 421 -15.83 -46.36 -38.92
CA TRP A 421 -14.62 -46.82 -38.24
C TRP A 421 -14.10 -45.75 -37.28
N LEU A 422 -14.46 -44.51 -37.58
CA LEU A 422 -14.06 -43.36 -36.81
C LEU A 422 -14.62 -43.44 -35.40
N SER A 423 -15.66 -44.24 -35.21
CA SER A 423 -16.27 -44.38 -33.89
C SER A 423 -15.39 -45.23 -32.97
N ASN A 424 -14.32 -45.80 -33.54
CA ASN A 424 -13.39 -46.62 -32.77
C ASN A 424 -12.31 -45.76 -32.17
N SER A 425 -12.50 -44.45 -32.30
CA SER A 425 -11.65 -43.47 -31.63
C SER A 425 -12.44 -42.59 -30.68
N PRO A 426 -12.98 -43.19 -29.61
CA PRO A 426 -13.82 -42.48 -28.63
C PRO A 426 -13.11 -41.31 -27.93
N SER A 427 -11.80 -41.22 -28.05
CA SER A 427 -11.07 -40.13 -27.43
C SER A 427 -10.80 -38.95 -28.36
N LEU A 428 -11.34 -38.96 -29.59
CA LEU A 428 -11.14 -37.83 -30.49
C LEU A 428 -11.51 -36.49 -29.87
N GLN A 429 -10.54 -35.60 -29.82
CA GLN A 429 -10.77 -34.21 -29.48
C GLN A 429 -11.07 -33.36 -30.71
N LEU A 430 -10.34 -33.64 -31.79
CA LEU A 430 -10.28 -32.75 -32.95
C LEU A 430 -10.41 -33.48 -34.29
N LEU A 431 -11.41 -33.12 -35.09
CA LEU A 431 -11.64 -33.77 -36.40
C LEU A 431 -11.79 -32.76 -37.54
N ASP A 432 -10.90 -32.81 -38.53
CA ASP A 432 -10.97 -31.93 -39.69
C ASP A 432 -11.03 -32.76 -40.98
N LEU A 433 -12.23 -32.85 -41.56
CA LEU A 433 -12.46 -33.44 -42.88
C LEU A 433 -12.78 -32.42 -43.97
N SER A 434 -12.59 -31.15 -43.62
CA SER A 434 -13.01 -30.05 -44.47
C SER A 434 -12.32 -30.02 -45.82
N TRP A 435 -12.94 -29.33 -46.77
CA TRP A 435 -12.44 -29.27 -48.14
C TRP A 435 -12.29 -30.65 -48.82
N ASN A 436 -13.35 -31.44 -48.78
CA ASN A 436 -13.33 -32.69 -49.53
C ASN A 436 -14.56 -32.81 -50.43
N GLN A 437 -14.71 -33.96 -51.07
CA GLN A 437 -15.87 -34.27 -51.91
C GLN A 437 -16.87 -35.13 -51.16
N LEU A 438 -16.65 -35.30 -49.86
CA LEU A 438 -17.45 -36.20 -49.01
C LEU A 438 -18.93 -35.90 -49.10
N SER A 439 -19.75 -36.95 -49.09
CA SER A 439 -21.19 -36.83 -49.31
C SER A 439 -22.00 -37.59 -48.26
N GLY A 440 -23.31 -37.64 -48.44
CA GLY A 440 -24.21 -38.28 -47.48
C GLY A 440 -24.71 -37.32 -46.41
N THR A 441 -25.22 -37.87 -45.32
CA THR A 441 -25.62 -37.07 -44.18
C THR A 441 -24.62 -37.16 -43.04
N ILE A 442 -24.50 -36.11 -42.24
CA ILE A 442 -23.63 -36.13 -41.08
C ILE A 442 -24.25 -37.08 -40.05
N PRO A 443 -23.55 -38.17 -39.72
CA PRO A 443 -24.13 -39.20 -38.85
C PRO A 443 -24.28 -38.79 -37.40
N PRO A 444 -25.47 -39.01 -36.83
CA PRO A 444 -25.80 -38.67 -35.45
C PRO A 444 -24.82 -39.25 -34.42
N TRP A 445 -24.05 -40.26 -34.78
CA TRP A 445 -23.14 -40.89 -33.81
C TRP A 445 -21.97 -39.98 -33.44
N LEU A 446 -21.68 -39.01 -34.31
CA LEU A 446 -20.73 -37.95 -33.97
C LEU A 446 -21.09 -37.29 -32.65
N GLY A 447 -22.37 -37.19 -32.34
CA GLY A 447 -22.80 -36.57 -31.10
C GLY A 447 -22.30 -37.27 -29.86
N SER A 448 -21.97 -38.54 -29.98
CA SER A 448 -21.61 -39.32 -28.80
C SER A 448 -20.11 -39.26 -28.51
N LEU A 449 -19.37 -38.49 -29.29
CA LEU A 449 -17.96 -38.39 -29.00
C LEU A 449 -17.76 -37.44 -27.83
N ASN A 450 -17.34 -37.97 -26.68
CA ASN A 450 -17.38 -37.21 -25.44
C ASN A 450 -16.22 -36.26 -25.23
N SER A 451 -15.15 -36.44 -26.00
CA SER A 451 -14.01 -35.54 -25.93
C SER A 451 -13.95 -34.50 -27.04
N LEU A 452 -14.84 -34.58 -28.03
CA LEU A 452 -14.66 -33.79 -29.26
C LEU A 452 -15.07 -32.33 -29.05
N PHE A 453 -14.11 -31.41 -29.12
CA PHE A 453 -14.41 -29.98 -29.05
C PHE A 453 -14.25 -29.17 -30.35
N TYR A 454 -13.69 -29.79 -31.37
CA TYR A 454 -13.46 -29.12 -32.65
C TYR A 454 -13.88 -30.01 -33.82
N LEU A 455 -14.91 -29.58 -34.54
CA LEU A 455 -15.44 -30.36 -35.66
C LEU A 455 -15.47 -29.51 -36.92
N ASP A 456 -14.64 -29.85 -37.90
CA ASP A 456 -14.70 -29.17 -39.19
C ASP A 456 -15.13 -30.10 -40.34
N LEU A 457 -16.39 -29.98 -40.73
CA LEU A 457 -16.96 -30.69 -41.89
C LEU A 457 -17.11 -29.82 -43.11
N SER A 458 -16.61 -28.60 -43.02
CA SER A 458 -16.90 -27.57 -44.03
C SER A 458 -16.40 -27.88 -45.45
N ASN A 459 -17.01 -27.21 -46.43
CA ASN A 459 -16.62 -27.32 -47.84
C ASN A 459 -16.65 -28.77 -48.32
N ASN A 460 -17.78 -29.42 -48.07
CA ASN A 460 -18.09 -30.73 -48.65
C ASN A 460 -19.44 -30.70 -49.37
N THR A 461 -19.94 -31.88 -49.72
CA THR A 461 -21.28 -32.06 -50.30
C THR A 461 -22.38 -32.53 -49.34
N PHE A 462 -22.14 -32.54 -48.03
CA PHE A 462 -23.09 -33.17 -47.12
C PHE A 462 -24.49 -32.64 -47.31
N ILE A 463 -25.47 -33.50 -47.09
CA ILE A 463 -26.86 -33.14 -47.29
C ILE A 463 -27.63 -33.60 -46.07
N GLY A 464 -28.87 -33.18 -45.96
CA GLY A 464 -29.66 -33.59 -44.82
C GLY A 464 -29.65 -32.60 -43.68
N GLU A 465 -30.20 -33.02 -42.55
CA GLU A 465 -30.24 -32.20 -41.37
C GLU A 465 -28.97 -32.25 -40.53
N ILE A 466 -28.71 -31.17 -39.78
CA ILE A 466 -27.74 -31.22 -38.72
C ILE A 466 -28.34 -32.17 -37.70
N PRO A 467 -27.57 -33.15 -37.22
CA PRO A 467 -28.11 -34.03 -36.18
C PRO A 467 -28.32 -33.32 -34.85
N HIS A 468 -29.43 -33.62 -34.20
CA HIS A 468 -29.68 -33.21 -32.82
C HIS A 468 -28.55 -33.57 -31.86
N SER A 469 -27.92 -34.71 -32.02
CA SER A 469 -26.91 -35.13 -31.06
C SER A 469 -25.74 -34.13 -30.89
N LEU A 470 -25.45 -33.33 -31.91
CA LEU A 470 -24.36 -32.34 -31.80
C LEU A 470 -24.69 -31.37 -30.66
N THR A 471 -25.98 -31.16 -30.47
CA THR A 471 -26.52 -30.28 -29.46
C THR A 471 -26.10 -30.80 -28.09
N SER A 472 -25.85 -32.11 -28.01
CA SER A 472 -25.48 -32.79 -26.76
C SER A 472 -23.99 -33.13 -26.55
N LEU A 473 -23.08 -32.68 -27.43
CA LEU A 473 -21.66 -33.02 -27.30
C LEU A 473 -21.14 -32.64 -25.91
N GLN A 474 -20.57 -33.60 -25.20
CA GLN A 474 -20.21 -33.44 -23.80
C GLN A 474 -19.24 -32.29 -23.55
N SER A 475 -18.20 -32.22 -24.37
CA SER A 475 -17.14 -31.22 -24.20
C SER A 475 -17.49 -29.84 -24.75
N LEU A 476 -18.62 -29.71 -25.43
CA LEU A 476 -19.12 -28.37 -25.73
C LEU A 476 -20.18 -27.87 -24.72
N VAL A 477 -20.70 -28.77 -23.88
CA VAL A 477 -21.70 -28.39 -22.89
C VAL A 477 -21.04 -27.77 -21.66
N SER A 478 -19.91 -28.35 -21.25
CA SER A 478 -19.20 -27.94 -20.05
C SER A 478 -17.70 -28.23 -20.21
N LYS A 479 -16.86 -27.58 -19.40
CA LYS A 479 -15.42 -27.69 -19.57
C LYS A 479 -14.86 -29.05 -19.12
N PRO A 488 6.43 -34.24 -28.49
CA PRO A 488 6.25 -33.29 -27.37
C PRO A 488 5.55 -31.99 -27.82
N ASP A 489 6.11 -31.32 -28.82
CA ASP A 489 5.37 -30.26 -29.48
C ASP A 489 5.26 -30.45 -30.99
N PHE A 490 4.08 -30.09 -31.48
CA PHE A 490 3.65 -30.40 -32.82
C PHE A 490 2.80 -29.25 -33.34
N PRO A 491 3.43 -28.14 -33.74
CA PRO A 491 2.66 -26.97 -34.18
C PRO A 491 1.71 -27.27 -35.35
N PHE A 492 0.52 -26.68 -35.30
CA PHE A 492 -0.44 -26.77 -36.40
C PHE A 492 -0.63 -25.37 -36.94
N PHE A 493 -0.92 -25.27 -38.23
CA PHE A 493 -1.19 -23.98 -38.83
C PHE A 493 -2.56 -23.99 -39.44
N LYS A 494 -3.29 -22.90 -39.29
CA LYS A 494 -4.64 -22.86 -39.84
C LYS A 494 -4.71 -21.90 -41.01
N LYS A 495 -5.07 -22.47 -42.15
CA LYS A 495 -5.42 -21.75 -43.38
C LYS A 495 -6.48 -20.68 -43.09
N GLY A 501 -1.81 -14.65 -43.54
CA GLY A 501 -1.04 -15.89 -43.50
C GLY A 501 -1.52 -16.81 -42.40
N GLY A 502 -1.18 -18.10 -42.52
CA GLY A 502 -1.56 -19.09 -41.55
C GLY A 502 -1.10 -18.74 -40.16
N LEU A 503 -1.98 -18.90 -39.18
CA LEU A 503 -1.60 -18.69 -37.81
C LEU A 503 -1.24 -20.01 -37.15
N GLN A 504 -0.25 -19.97 -36.28
CA GLN A 504 0.29 -21.16 -35.64
C GLN A 504 -0.45 -21.51 -34.32
N TYR A 505 -0.80 -22.79 -34.20
CA TYR A 505 -1.50 -23.29 -33.01
C TYR A 505 -0.61 -24.35 -32.36
N ASN A 506 -0.20 -24.13 -31.12
CA ASN A 506 0.83 -25.03 -30.58
C ASN A 506 0.35 -26.40 -30.14
N GLN A 507 -0.91 -26.51 -29.74
CA GLN A 507 -1.42 -27.82 -29.42
C GLN A 507 -2.92 -27.80 -29.63
N PRO A 508 -3.59 -28.95 -29.46
CA PRO A 508 -5.03 -28.93 -29.75
C PRO A 508 -5.83 -27.94 -28.94
N SER A 509 -5.47 -27.70 -27.68
CA SER A 509 -6.26 -26.81 -26.84
C SER A 509 -6.20 -25.35 -27.32
N SER A 510 -5.36 -25.07 -28.30
CA SER A 510 -5.20 -23.70 -28.78
C SER A 510 -6.28 -23.29 -29.76
N PHE A 511 -7.01 -24.26 -30.29
CA PHE A 511 -8.10 -23.98 -31.22
C PHE A 511 -9.36 -23.68 -30.44
N PRO A 512 -10.03 -22.57 -30.78
CA PRO A 512 -11.30 -22.24 -30.15
C PRO A 512 -12.24 -23.39 -30.45
N PRO A 513 -12.97 -23.90 -29.45
CA PRO A 513 -13.96 -24.94 -29.70
C PRO A 513 -14.97 -24.59 -30.81
N MET A 514 -15.17 -25.51 -31.74
CA MET A 514 -15.86 -25.15 -32.97
C MET A 514 -16.75 -26.25 -33.53
N ILE A 515 -17.91 -25.84 -34.04
CA ILE A 515 -18.67 -26.64 -34.99
C ILE A 515 -18.75 -25.86 -36.30
N ASP A 516 -18.02 -26.31 -37.31
CA ASP A 516 -18.06 -25.67 -38.64
C ASP A 516 -18.60 -26.68 -39.64
N LEU A 517 -19.88 -26.49 -39.99
CA LEU A 517 -20.60 -27.25 -41.00
C LEU A 517 -20.75 -26.47 -42.29
N SER A 518 -20.01 -25.37 -42.41
CA SER A 518 -20.24 -24.42 -43.49
C SER A 518 -20.02 -25.03 -44.88
N TYR A 519 -20.63 -24.44 -45.90
CA TYR A 519 -20.46 -24.86 -47.31
C TYR A 519 -20.81 -26.31 -47.63
N ASN A 520 -22.10 -26.62 -47.46
CA ASN A 520 -22.64 -27.93 -47.76
C ASN A 520 -24.06 -27.75 -48.27
N SER A 521 -24.79 -28.85 -48.37
CA SER A 521 -26.19 -28.78 -48.76
C SER A 521 -27.25 -28.88 -47.66
N LEU A 522 -26.85 -28.85 -46.39
CA LEU A 522 -27.76 -29.15 -45.29
C LEU A 522 -29.07 -28.39 -45.35
N ASN A 523 -30.17 -29.13 -45.20
CA ASN A 523 -31.50 -28.53 -45.09
C ASN A 523 -31.92 -28.53 -43.62
N GLY A 524 -33.15 -28.10 -43.35
CA GLY A 524 -33.69 -28.16 -42.00
C GLY A 524 -33.48 -26.89 -41.22
N SER A 525 -34.00 -26.85 -39.99
CA SER A 525 -33.80 -25.66 -39.15
C SER A 525 -32.65 -25.79 -38.13
N ILE A 526 -32.39 -24.70 -37.43
CA ILE A 526 -31.33 -24.64 -36.43
C ILE A 526 -31.97 -24.97 -35.10
N TRP A 527 -31.45 -26.00 -34.45
CA TRP A 527 -32.11 -26.51 -33.27
C TRP A 527 -31.98 -25.53 -32.11
N PRO A 528 -33.06 -25.38 -31.32
CA PRO A 528 -33.00 -24.53 -30.13
C PRO A 528 -31.97 -25.05 -29.14
N GLU A 529 -31.82 -26.36 -29.07
CA GLU A 529 -30.95 -26.98 -28.07
C GLU A 529 -29.46 -26.64 -28.20
N PHE A 530 -29.06 -25.97 -29.29
CA PHE A 530 -27.69 -25.47 -29.40
C PHE A 530 -27.34 -24.57 -28.21
N GLY A 531 -28.37 -23.95 -27.64
CA GLY A 531 -28.24 -23.09 -26.49
C GLY A 531 -27.67 -23.82 -25.28
N ASP A 532 -27.58 -25.15 -25.35
CA ASP A 532 -27.02 -25.94 -24.28
C ASP A 532 -25.52 -26.05 -24.37
N LEU A 533 -24.93 -25.61 -25.48
CA LEU A 533 -23.50 -25.76 -25.59
C LEU A 533 -22.94 -24.48 -25.09
N ARG A 534 -22.41 -24.51 -23.89
CA ARG A 534 -21.94 -23.31 -23.24
C ARG A 534 -20.46 -23.11 -23.46
N GLN A 535 -19.78 -24.15 -23.94
CA GLN A 535 -18.35 -24.09 -24.21
C GLN A 535 -18.00 -23.83 -25.67
N LEU A 536 -19.01 -23.63 -26.51
CA LEU A 536 -18.76 -23.40 -27.92
C LEU A 536 -18.33 -21.95 -28.21
N HIS A 537 -17.12 -21.78 -28.75
CA HIS A 537 -16.65 -20.46 -29.18
C HIS A 537 -17.04 -20.06 -30.60
N VAL A 538 -17.20 -21.03 -31.49
CA VAL A 538 -17.53 -20.72 -32.88
C VAL A 538 -18.61 -21.65 -33.44
N LEU A 539 -19.65 -21.07 -34.02
CA LEU A 539 -20.66 -21.83 -34.75
C LEU A 539 -20.70 -21.32 -36.19
N ASN A 540 -20.28 -22.14 -37.15
CA ASN A 540 -20.30 -21.72 -38.55
C ASN A 540 -21.27 -22.58 -39.38
N LEU A 541 -22.45 -22.03 -39.66
CA LEU A 541 -23.44 -22.70 -40.51
C LEU A 541 -23.59 -22.12 -41.91
N LYS A 542 -22.75 -21.16 -42.26
CA LYS A 542 -22.95 -20.41 -43.49
C LYS A 542 -22.95 -21.28 -44.74
N ASN A 543 -23.67 -20.83 -45.77
CA ASN A 543 -23.72 -21.50 -47.07
C ASN A 543 -24.27 -22.92 -47.06
N ASN A 544 -25.57 -22.98 -46.79
CA ASN A 544 -26.32 -24.20 -46.76
C ASN A 544 -27.74 -23.92 -47.25
N ASN A 545 -28.62 -24.89 -47.04
CA ASN A 545 -30.06 -24.74 -47.26
C ASN A 545 -30.90 -24.47 -46.04
N LEU A 546 -30.27 -24.20 -44.90
CA LEU A 546 -31.00 -24.05 -43.64
C LEU A 546 -32.17 -23.05 -43.72
N SER A 547 -33.32 -23.47 -43.22
CA SER A 547 -34.52 -22.64 -43.26
C SER A 547 -35.11 -22.61 -41.85
N GLY A 548 -36.22 -21.88 -41.68
CA GLY A 548 -36.85 -21.75 -40.38
C GLY A 548 -36.33 -20.55 -39.61
N ASN A 549 -36.71 -20.46 -38.34
CA ASN A 549 -36.38 -19.33 -37.47
C ASN A 549 -35.08 -19.50 -36.71
N ILE A 550 -34.31 -18.43 -36.58
CA ILE A 550 -33.20 -18.44 -35.65
C ILE A 550 -33.76 -18.54 -34.24
N PRO A 551 -33.45 -19.62 -33.52
CA PRO A 551 -34.08 -19.84 -32.22
C PRO A 551 -33.57 -18.84 -31.20
N ALA A 552 -34.44 -18.38 -30.35
CA ALA A 552 -34.06 -17.45 -29.34
C ALA A 552 -33.03 -18.06 -28.43
N ASN A 553 -33.11 -19.35 -28.19
CA ASN A 553 -32.25 -20.03 -27.22
C ASN A 553 -30.75 -20.04 -27.53
N LEU A 554 -30.37 -19.63 -28.73
CA LEU A 554 -28.96 -19.45 -29.06
C LEU A 554 -28.32 -18.45 -28.09
N SER A 555 -29.17 -17.64 -27.47
CA SER A 555 -28.75 -16.68 -26.46
C SER A 555 -28.00 -17.36 -25.32
N GLY A 556 -28.24 -18.66 -25.13
CA GLY A 556 -27.64 -19.36 -24.02
C GLY A 556 -26.25 -19.91 -24.29
N MET A 557 -25.67 -19.63 -25.45
CA MET A 557 -24.32 -20.09 -25.67
C MET A 557 -23.46 -18.94 -25.20
N THR A 558 -22.90 -19.10 -24.01
CA THR A 558 -22.37 -17.97 -23.28
C THR A 558 -20.99 -17.61 -23.80
N SER A 559 -20.28 -18.61 -24.32
CA SER A 559 -18.88 -18.49 -24.73
C SER A 559 -18.72 -18.13 -26.20
N LEU A 560 -19.83 -17.89 -26.90
CA LEU A 560 -19.77 -17.85 -28.35
C LEU A 560 -19.12 -16.56 -28.82
N GLU A 561 -17.98 -16.70 -29.48
CA GLU A 561 -17.29 -15.58 -30.11
C GLU A 561 -17.80 -15.32 -31.51
N VAL A 562 -18.06 -16.38 -32.27
CA VAL A 562 -18.37 -16.25 -33.71
C VAL A 562 -19.65 -16.97 -34.14
N LEU A 563 -20.66 -16.24 -34.60
CA LEU A 563 -21.93 -16.87 -35.02
C LEU A 563 -22.19 -16.53 -36.46
N ASP A 564 -22.06 -17.50 -37.35
CA ASP A 564 -22.20 -17.20 -38.79
C ASP A 564 -23.32 -18.02 -39.40
N LEU A 565 -24.44 -17.36 -39.66
CA LEU A 565 -25.59 -17.98 -40.31
C LEU A 565 -25.82 -17.58 -41.78
N SER A 566 -24.90 -16.80 -42.35
CA SER A 566 -25.09 -16.16 -43.65
C SER A 566 -25.30 -17.15 -44.79
N HIS A 567 -25.86 -16.67 -45.90
CA HIS A 567 -26.16 -17.50 -47.09
C HIS A 567 -26.96 -18.74 -46.79
N ASN A 568 -28.10 -18.55 -46.16
CA ASN A 568 -29.00 -19.64 -45.90
C ASN A 568 -30.39 -19.21 -46.29
N ASN A 569 -31.37 -20.03 -45.99
CA ASN A 569 -32.77 -19.69 -46.26
C ASN A 569 -33.59 -19.18 -45.07
N LEU A 570 -32.93 -18.92 -43.94
CA LEU A 570 -33.61 -18.53 -42.69
C LEU A 570 -34.61 -17.36 -42.80
N SER A 571 -35.74 -17.50 -42.12
CA SER A 571 -36.81 -16.51 -42.18
C SER A 571 -37.05 -15.98 -40.78
N GLY A 572 -37.93 -15.00 -40.64
CA GLY A 572 -38.26 -14.47 -39.34
C GLY A 572 -37.38 -13.33 -38.80
N ASN A 573 -37.36 -13.18 -37.48
CA ASN A 573 -36.62 -12.10 -36.83
C ASN A 573 -35.32 -12.57 -36.22
N ILE A 574 -34.30 -11.69 -36.22
CA ILE A 574 -33.14 -11.90 -35.35
C ILE A 574 -33.60 -11.76 -33.90
N PRO A 575 -33.50 -12.84 -33.11
CA PRO A 575 -34.02 -12.82 -31.74
C PRO A 575 -33.30 -11.79 -30.90
N PRO A 576 -34.06 -10.92 -30.21
CA PRO A 576 -33.45 -9.85 -29.43
C PRO A 576 -32.57 -10.38 -28.32
N SER A 577 -32.83 -11.62 -27.88
CA SER A 577 -32.04 -12.22 -26.81
C SER A 577 -30.56 -12.44 -27.17
N LEU A 578 -30.20 -12.27 -28.44
CA LEU A 578 -28.83 -12.47 -28.83
C LEU A 578 -27.92 -11.41 -28.22
N VAL A 579 -28.50 -10.39 -27.60
CA VAL A 579 -27.72 -9.37 -26.91
C VAL A 579 -26.97 -9.93 -25.69
N LYS A 580 -27.41 -11.10 -25.24
CA LYS A 580 -26.84 -11.74 -24.06
C LYS A 580 -25.56 -12.47 -24.40
N LEU A 581 -25.14 -12.43 -25.65
CA LEU A 581 -23.84 -12.99 -25.98
C LEU A 581 -22.87 -11.82 -25.96
N SER A 582 -22.07 -11.71 -24.89
CA SER A 582 -21.25 -10.53 -24.71
C SER A 582 -19.85 -10.70 -25.30
N PHE A 583 -19.51 -11.93 -25.62
CA PHE A 583 -18.21 -12.25 -26.20
C PHE A 583 -18.30 -12.29 -27.72
N LEU A 584 -19.46 -11.92 -28.28
CA LEU A 584 -19.67 -12.20 -29.70
C LEU A 584 -19.10 -11.03 -30.51
N SER A 585 -17.93 -11.29 -31.09
CA SER A 585 -17.20 -10.30 -31.87
C SER A 585 -17.59 -10.27 -33.33
N THR A 586 -17.92 -11.42 -33.87
CA THR A 586 -18.08 -11.51 -35.32
C THR A 586 -19.30 -12.33 -35.73
N PHE A 587 -20.20 -11.70 -36.48
CA PHE A 587 -21.55 -12.24 -36.70
C PHE A 587 -22.12 -11.95 -38.07
N SER A 588 -22.71 -12.95 -38.72
CA SER A 588 -23.41 -12.67 -39.97
C SER A 588 -24.69 -13.42 -40.16
N VAL A 589 -25.76 -12.66 -40.39
CA VAL A 589 -26.98 -13.19 -40.99
C VAL A 589 -27.19 -12.86 -42.48
N ALA A 590 -26.17 -12.40 -43.17
CA ALA A 590 -26.30 -11.90 -44.51
C ALA A 590 -26.84 -12.87 -45.53
N TYR A 591 -27.69 -12.38 -46.43
CA TYR A 591 -28.34 -13.22 -47.44
C TYR A 591 -29.15 -14.36 -46.82
N ASN A 592 -30.27 -13.96 -46.24
CA ASN A 592 -31.27 -14.87 -45.74
C ASN A 592 -32.66 -14.30 -46.11
N LYS A 593 -33.73 -14.85 -45.54
CA LYS A 593 -35.09 -14.33 -45.71
C LYS A 593 -35.48 -13.43 -44.54
N LEU A 594 -34.50 -13.04 -43.74
CA LEU A 594 -34.77 -12.39 -42.46
C LEU A 594 -35.52 -11.05 -42.54
N SER A 595 -36.16 -10.71 -41.43
CA SER A 595 -37.13 -9.62 -41.39
C SER A 595 -37.22 -9.00 -39.98
N GLY A 596 -37.63 -7.73 -39.89
CA GLY A 596 -37.84 -7.12 -38.59
C GLY A 596 -36.68 -6.26 -38.11
N PRO A 597 -36.78 -5.75 -36.88
CA PRO A 597 -35.73 -4.89 -36.32
C PRO A 597 -34.43 -5.63 -35.96
N ILE A 598 -33.31 -5.02 -36.33
CA ILE A 598 -32.02 -5.52 -35.91
C ILE A 598 -31.80 -5.15 -34.45
N PRO A 599 -31.43 -6.15 -33.63
CA PRO A 599 -31.12 -5.99 -32.21
C PRO A 599 -30.14 -4.84 -31.97
N THR A 600 -30.42 -4.01 -30.96
CA THR A 600 -29.61 -2.83 -30.65
C THR A 600 -28.57 -2.97 -29.52
N GLY A 601 -28.39 -4.18 -28.99
CA GLY A 601 -27.41 -4.41 -27.94
C GLY A 601 -26.02 -3.98 -28.36
N VAL A 602 -25.14 -3.76 -27.38
CA VAL A 602 -23.84 -3.13 -27.63
C VAL A 602 -22.94 -3.85 -28.64
N GLN A 603 -22.75 -5.16 -28.46
CA GLN A 603 -21.99 -5.93 -29.46
C GLN A 603 -22.55 -5.73 -30.89
N PHE A 604 -23.87 -5.70 -31.02
CA PHE A 604 -24.50 -5.59 -32.33
C PHE A 604 -24.19 -4.28 -33.02
N GLN A 605 -24.19 -3.19 -32.26
CA GLN A 605 -23.88 -1.89 -32.82
C GLN A 605 -22.47 -1.83 -33.43
N THR A 606 -21.60 -2.74 -33.02
CA THR A 606 -20.25 -2.76 -33.57
C THR A 606 -20.13 -3.65 -34.79
N PHE A 607 -21.22 -4.29 -35.21
CA PHE A 607 -21.16 -5.15 -36.38
C PHE A 607 -21.31 -4.34 -37.65
N PRO A 608 -20.53 -4.67 -38.68
CA PRO A 608 -20.56 -3.97 -39.97
C PRO A 608 -21.88 -4.19 -40.73
N ASN A 609 -22.27 -3.21 -41.54
CA ASN A 609 -23.51 -3.26 -42.31
C ASN A 609 -23.61 -4.51 -43.21
N SER A 610 -22.46 -5.02 -43.63
CA SER A 610 -22.39 -6.26 -44.42
C SER A 610 -22.87 -7.49 -43.66
N SER A 611 -22.90 -7.42 -42.34
CA SER A 611 -23.36 -8.55 -41.56
C SER A 611 -24.84 -8.77 -41.72
N PHE A 612 -25.56 -7.68 -41.99
CA PHE A 612 -26.98 -7.76 -42.21
C PHE A 612 -27.46 -7.67 -43.65
N GLU A 613 -26.54 -7.54 -44.61
CA GLU A 613 -26.95 -7.34 -46.00
C GLU A 613 -27.71 -8.51 -46.62
N GLY A 614 -28.45 -8.23 -47.69
CA GLY A 614 -29.23 -9.25 -48.37
C GLY A 614 -30.38 -9.78 -47.53
N ASN A 615 -30.94 -8.99 -46.66
CA ASN A 615 -32.17 -9.36 -46.03
C ASN A 615 -33.04 -8.17 -46.14
N GLN A 616 -34.08 -8.27 -46.95
CA GLN A 616 -34.94 -7.13 -47.29
C GLN A 616 -35.72 -6.53 -46.16
N GLY A 617 -36.32 -7.36 -45.34
CA GLY A 617 -37.24 -6.93 -44.33
C GLY A 617 -36.63 -6.57 -43.03
N LEU A 618 -35.35 -6.82 -42.90
CA LEU A 618 -34.61 -6.40 -41.76
C LEU A 618 -34.64 -4.89 -41.77
N CYS A 619 -34.83 -4.31 -40.61
CA CYS A 619 -34.82 -2.85 -40.45
C CYS A 619 -34.25 -2.41 -39.08
N GLY A 620 -34.35 -1.12 -38.77
CA GLY A 620 -33.77 -0.59 -37.55
C GLY A 620 -32.36 -0.06 -37.78
N GLU A 621 -31.53 -0.04 -36.73
CA GLU A 621 -30.16 0.41 -36.91
C GLU A 621 -29.38 -0.60 -37.75
N HIS A 622 -28.49 -0.10 -38.60
CA HIS A 622 -27.79 -0.85 -39.65
C HIS A 622 -28.60 -0.98 -40.94
N ALA A 623 -29.83 -0.47 -40.93
CA ALA A 623 -30.76 -0.57 -42.06
C ALA A 623 -31.63 0.68 -42.17
N SER A 624 -32.64 0.63 -43.03
CA SER A 624 -33.65 1.69 -43.11
C SER A 624 -34.63 1.60 -41.95
N PRO A 625 -34.95 2.74 -41.33
CA PRO A 625 -35.85 2.85 -40.18
C PRO A 625 -37.16 2.08 -40.36
N CYS A 626 -37.61 1.44 -39.28
CA CYS A 626 -38.78 0.58 -39.30
C CYS A 626 -40.08 1.39 -39.32
N LEU B 4 4.25 -24.27 7.40
CA LEU B 4 4.89 -23.73 6.19
C LEU B 4 3.89 -23.60 5.02
N THR B 5 2.76 -24.28 5.10
CA THR B 5 1.70 -24.16 4.08
C THR B 5 0.36 -23.77 4.72
N CYS B 6 -0.20 -22.65 4.25
CA CYS B 6 -1.40 -22.07 4.86
C CYS B 6 -2.58 -23.03 4.93
N ASN B 7 -3.12 -23.21 6.11
CA ASN B 7 -4.37 -23.91 6.27
C ASN B 7 -5.43 -23.15 5.48
N SER B 8 -6.37 -23.88 4.90
CA SER B 8 -7.40 -23.29 4.06
C SER B 8 -8.41 -22.50 4.91
N ASN B 9 -8.73 -23.03 6.09
CA ASN B 9 -9.76 -22.42 6.92
C ASN B 9 -9.28 -21.17 7.63
N ASP B 10 -8.01 -21.13 7.96
CA ASP B 10 -7.46 -19.95 8.59
C ASP B 10 -7.43 -18.79 7.60
N LEU B 11 -7.11 -19.10 6.34
CA LEU B 11 -7.05 -18.09 5.31
C LEU B 11 -8.38 -17.38 5.16
N LYS B 12 -9.46 -18.13 5.31
CA LYS B 12 -10.76 -17.51 5.12
C LYS B 12 -11.07 -16.57 6.27
N ALA B 13 -10.70 -16.97 7.48
CA ALA B 13 -10.91 -16.13 8.66
C ALA B 13 -10.24 -14.78 8.49
N LEU B 14 -8.95 -14.83 8.13
CA LEU B 14 -8.15 -13.64 7.87
C LEU B 14 -8.81 -12.74 6.86
N GLU B 15 -9.42 -13.33 5.84
CA GLU B 15 -10.14 -12.57 4.83
C GLU B 15 -11.34 -11.86 5.44
N GLY B 16 -12.05 -12.55 6.33
CA GLY B 16 -13.17 -11.95 7.04
C GLY B 16 -12.69 -10.84 7.94
N PHE B 17 -11.57 -11.10 8.61
CA PHE B 17 -10.88 -10.05 9.34
C PHE B 17 -10.54 -8.91 8.37
N MET B 18 -9.93 -9.27 7.23
CA MET B 18 -9.55 -8.29 6.22
C MET B 18 -10.70 -7.41 5.74
N ARG B 19 -11.85 -8.03 5.46
CA ARG B 19 -13.00 -7.28 4.95
C ARG B 19 -13.55 -6.28 5.96
N GLY B 20 -13.35 -6.59 7.25
CA GLY B 20 -13.74 -5.71 8.33
C GLY B 20 -12.99 -4.39 8.40
N LEU B 21 -11.72 -4.39 7.99
CA LEU B 21 -10.86 -3.22 8.14
C LEU B 21 -11.07 -2.18 7.04
N GLU B 22 -10.89 -0.90 7.35
CA GLU B 22 -10.98 0.16 6.35
C GLU B 22 -9.79 0.19 5.42
N SER B 23 -8.60 0.32 6.01
CA SER B 23 -7.38 0.58 5.26
C SER B 23 -6.50 -0.67 5.11
N SER B 24 -5.79 -0.74 3.99
CA SER B 24 -4.92 -1.87 3.67
C SER B 24 -3.89 -2.14 4.77
N ILE B 25 -3.63 -3.42 5.06
CA ILE B 25 -2.55 -3.79 5.99
C ILE B 25 -1.26 -4.07 5.24
N ASP B 26 -0.23 -3.26 5.51
CA ASP B 26 1.01 -3.37 4.75
C ASP B 26 1.75 -4.66 5.06
N GLY B 27 2.04 -5.43 4.02
CA GLY B 27 2.73 -6.70 4.17
C GLY B 27 1.81 -7.88 4.00
N TRP B 28 0.54 -7.61 3.75
CA TRP B 28 -0.42 -8.68 3.55
C TRP B 28 -0.86 -8.64 2.09
N LYS B 29 -1.34 -9.77 1.59
CA LYS B 29 -1.82 -9.78 0.22
C LYS B 29 -3.27 -9.36 0.35
N TRP B 30 -3.52 -8.14 -0.07
CA TRP B 30 -4.77 -7.46 0.25
C TRP B 30 -5.88 -7.93 -0.64
N ASN B 31 -5.73 -7.66 -1.93
CA ASN B 31 -6.65 -8.16 -2.95
C ASN B 31 -6.00 -9.34 -3.69
N GLU B 32 -6.69 -9.83 -4.71
CA GLU B 32 -6.06 -10.72 -5.67
C GLU B 32 -5.24 -9.84 -6.63
N SER B 33 -5.43 -8.53 -6.48
CA SER B 33 -4.79 -7.50 -7.29
C SER B 33 -3.32 -7.14 -6.93
N SER B 34 -2.92 -7.25 -5.66
CA SER B 34 -1.54 -6.93 -5.32
C SER B 34 -0.57 -8.08 -5.59
N SER B 35 0.71 -7.78 -5.41
CA SER B 35 1.81 -8.66 -5.84
C SER B 35 2.37 -9.52 -4.71
N PHE B 36 1.76 -9.44 -3.53
CA PHE B 36 2.30 -10.12 -2.36
C PHE B 36 2.09 -11.63 -2.35
N SER B 37 2.87 -12.33 -1.55
CA SER B 37 2.72 -13.77 -1.35
C SER B 37 1.30 -14.09 -0.90
N SER B 38 0.78 -15.21 -1.38
CA SER B 38 -0.59 -15.61 -1.10
C SER B 38 -0.68 -16.57 0.08
N ASN B 39 0.48 -16.97 0.59
CA ASN B 39 0.53 -17.87 1.73
C ASN B 39 0.60 -17.03 3.00
N CYS B 40 -0.51 -17.01 3.75
CA CYS B 40 -0.68 -16.11 4.88
C CYS B 40 0.42 -16.25 5.92
N CYS B 41 1.10 -17.40 5.92
CA CYS B 41 2.18 -17.65 6.87
C CYS B 41 3.41 -16.80 6.61
N ASP B 42 3.52 -16.26 5.40
CA ASP B 42 4.61 -15.36 5.07
C ASP B 42 4.21 -13.88 5.15
N TRP B 43 2.95 -13.63 5.47
CA TRP B 43 2.50 -12.28 5.77
C TRP B 43 3.16 -11.79 7.05
N VAL B 44 3.38 -10.47 7.11
CA VAL B 44 4.08 -9.89 8.24
C VAL B 44 3.12 -9.61 9.36
N GLY B 45 3.34 -10.27 10.49
CA GLY B 45 2.45 -10.15 11.62
C GLY B 45 1.70 -11.44 11.79
N ILE B 46 1.76 -12.31 10.79
CA ILE B 46 1.19 -13.64 10.93
C ILE B 46 2.29 -14.65 11.21
N SER B 47 2.18 -15.31 12.36
CA SER B 47 3.13 -16.36 12.73
C SER B 47 2.49 -17.73 12.64
N CYS B 48 3.21 -18.68 12.04
CA CYS B 48 2.65 -19.98 11.74
C CYS B 48 3.43 -21.17 12.27
N LYS B 49 2.70 -22.15 12.78
CA LYS B 49 3.27 -23.42 13.24
C LYS B 49 2.53 -24.61 12.62
N SER B 50 3.20 -25.76 12.57
CA SER B 50 2.60 -26.97 11.98
C SER B 50 1.43 -27.48 12.80
N SER B 51 0.50 -28.19 12.17
CA SER B 51 -0.59 -28.80 12.91
C SER B 51 -0.17 -30.14 13.54
N VAL B 52 1.06 -30.56 13.25
CA VAL B 52 1.66 -31.71 13.93
C VAL B 52 2.18 -31.32 15.31
N SER B 53 2.92 -30.21 15.37
CA SER B 53 3.44 -29.71 16.63
C SER B 53 2.30 -29.42 17.60
N LEU B 54 1.14 -29.10 17.02
CA LEU B 54 -0.02 -28.72 17.80
C LEU B 54 -0.81 -29.94 18.23
N GLY B 55 -0.31 -31.11 17.86
CA GLY B 55 -0.99 -32.35 18.16
C GLY B 55 -2.37 -32.39 17.52
N LEU B 56 -2.43 -32.20 16.21
CA LEU B 56 -3.69 -32.29 15.47
C LEU B 56 -3.66 -33.50 14.51
N ASP B 57 -4.82 -34.13 14.33
CA ASP B 57 -4.93 -35.33 13.51
C ASP B 57 -5.38 -35.05 12.07
N ASP B 58 -5.51 -33.78 11.72
CA ASP B 58 -6.10 -33.35 10.44
C ASP B 58 -5.43 -33.98 9.22
N VAL B 59 -6.25 -34.22 8.18
CA VAL B 59 -5.80 -34.88 6.95
C VAL B 59 -4.55 -34.26 6.34
N ASN B 60 -4.68 -33.05 5.81
CA ASN B 60 -3.54 -32.29 5.35
C ASN B 60 -2.60 -32.09 6.52
N GLU B 61 -1.32 -32.00 6.26
CA GLU B 61 -0.39 -31.55 7.29
C GLU B 61 0.06 -30.13 6.93
N SER B 62 -0.44 -29.16 7.71
CA SER B 62 -0.40 -27.75 7.31
C SER B 62 0.07 -26.84 8.43
N GLY B 63 0.36 -25.59 8.08
CA GLY B 63 0.60 -24.56 9.08
C GLY B 63 -0.70 -23.92 9.54
N ARG B 64 -0.78 -23.61 10.84
CA ARG B 64 -1.94 -22.92 11.39
C ARG B 64 -1.51 -21.54 11.88
N VAL B 65 -2.45 -20.60 11.95
CA VAL B 65 -2.08 -19.24 12.30
C VAL B 65 -2.11 -19.15 13.80
N VAL B 66 -0.93 -19.09 14.39
CA VAL B 66 -0.84 -19.21 15.83
C VAL B 66 -0.67 -17.87 16.58
N GLU B 67 -0.26 -16.82 15.84
CA GLU B 67 -0.04 -15.51 16.41
C GLU B 67 -0.42 -14.46 15.39
N LEU B 68 -1.18 -13.45 15.81
CA LEU B 68 -1.53 -12.36 14.91
C LEU B 68 -1.20 -11.04 15.62
N GLU B 69 -0.11 -10.38 15.22
CA GLU B 69 0.29 -9.16 15.91
C GLU B 69 0.33 -7.91 15.00
N LEU B 70 -0.70 -7.09 15.16
CA LEU B 70 -0.87 -5.85 14.42
C LEU B 70 -0.70 -4.52 15.15
N GLY B 71 -0.21 -4.52 16.37
CA GLY B 71 -0.08 -3.29 17.14
C GLY B 71 0.56 -2.14 16.40
N ARG B 72 -0.04 -0.95 16.52
CA ARG B 72 0.49 0.27 15.89
C ARG B 72 0.62 0.17 14.37
N ARG B 73 -0.37 -0.45 13.73
CA ARG B 73 -0.45 -0.49 12.27
C ARG B 73 -1.44 0.48 11.64
N LYS B 74 -2.05 1.35 12.44
CA LYS B 74 -3.05 2.31 11.96
C LYS B 74 -4.30 1.67 11.33
N LEU B 75 -4.78 0.57 11.90
CA LEU B 75 -5.96 -0.12 11.40
C LEU B 75 -7.21 0.59 11.82
N SER B 76 -8.28 0.44 11.06
CA SER B 76 -9.55 1.10 11.34
C SER B 76 -10.71 0.17 11.02
N GLY B 77 -11.89 0.46 11.55
CA GLY B 77 -13.08 -0.35 11.29
C GLY B 77 -13.44 -1.35 12.36
N LYS B 78 -14.23 -2.36 12.00
CA LYS B 78 -14.71 -3.37 12.93
C LYS B 78 -13.66 -4.47 13.14
N LEU B 79 -13.65 -5.07 14.33
CA LEU B 79 -12.85 -6.26 14.56
C LEU B 79 -13.78 -7.44 14.34
N SER B 80 -13.54 -8.17 13.25
CA SER B 80 -14.50 -9.13 12.71
C SER B 80 -14.85 -10.26 13.65
N GLU B 81 -16.12 -10.62 13.64
CA GLU B 81 -16.62 -11.81 14.34
C GLU B 81 -15.85 -13.04 13.87
N SER B 82 -15.47 -13.03 12.60
CA SER B 82 -14.78 -14.15 11.96
C SER B 82 -13.37 -14.42 12.48
N VAL B 83 -12.84 -13.51 13.29
CA VAL B 83 -11.50 -13.72 13.86
C VAL B 83 -11.50 -14.99 14.71
N ALA B 84 -12.61 -15.25 15.39
CA ALA B 84 -12.74 -16.40 16.28
C ALA B 84 -12.65 -17.75 15.57
N LYS B 85 -12.70 -17.72 14.23
CA LYS B 85 -12.59 -18.95 13.45
C LYS B 85 -11.20 -19.57 13.63
N LEU B 86 -10.23 -18.77 14.08
CA LEU B 86 -8.87 -19.29 14.18
C LEU B 86 -8.78 -19.88 15.56
N ASP B 87 -8.81 -21.22 15.60
CA ASP B 87 -8.97 -21.93 16.86
C ASP B 87 -7.64 -22.41 17.39
N GLN B 88 -6.60 -22.20 16.60
CA GLN B 88 -5.25 -22.47 17.06
C GLN B 88 -4.51 -21.20 17.49
N LEU B 89 -5.22 -20.07 17.46
CA LEU B 89 -4.58 -18.78 17.73
C LEU B 89 -4.21 -18.64 19.20
N LYS B 90 -2.91 -18.49 19.47
CA LYS B 90 -2.38 -18.26 20.81
C LYS B 90 -2.35 -16.79 21.24
N VAL B 91 -1.97 -15.92 20.31
CA VAL B 91 -1.83 -14.50 20.58
C VAL B 91 -2.61 -13.65 19.58
N LEU B 92 -3.41 -12.73 20.12
CA LEU B 92 -3.99 -11.68 19.31
C LEU B 92 -3.55 -10.34 19.89
N ASN B 93 -2.66 -9.64 19.19
CA ASN B 93 -2.25 -8.31 19.61
C ASN B 93 -2.68 -7.29 18.56
N LEU B 94 -3.73 -6.55 18.87
CA LEU B 94 -4.22 -5.44 18.06
C LEU B 94 -3.91 -4.04 18.61
N THR B 95 -3.05 -3.95 19.62
CA THR B 95 -2.88 -2.72 20.41
C THR B 95 -2.57 -1.46 19.63
N HIS B 96 -3.06 -0.34 20.16
CA HIS B 96 -2.77 0.97 19.57
C HIS B 96 -3.13 1.11 18.10
N ASN B 97 -4.42 1.07 17.83
CA ASN B 97 -4.95 1.37 16.50
C ASN B 97 -6.23 2.16 16.65
N SER B 98 -6.94 2.36 15.55
CA SER B 98 -8.24 3.02 15.57
C SER B 98 -9.51 2.15 15.52
N LEU B 99 -9.36 0.83 15.67
CA LEU B 99 -10.49 -0.12 15.62
C LEU B 99 -11.69 0.19 16.52
N SER B 100 -12.90 0.11 15.96
CA SER B 100 -14.13 0.38 16.73
C SER B 100 -15.24 -0.68 16.60
N GLY B 101 -16.41 -0.35 17.14
CA GLY B 101 -17.50 -1.29 17.22
C GLY B 101 -17.44 -2.10 18.51
N SER B 102 -18.32 -3.09 18.63
CA SER B 102 -18.37 -3.90 19.84
C SER B 102 -17.48 -5.11 19.68
N ILE B 103 -17.36 -5.89 20.75
CA ILE B 103 -16.57 -7.12 20.72
C ILE B 103 -17.49 -8.33 20.69
N ALA B 104 -17.38 -9.09 19.60
CA ALA B 104 -18.23 -10.24 19.38
C ALA B 104 -18.01 -11.19 20.52
N ALA B 105 -19.11 -11.74 21.06
CA ALA B 105 -19.07 -12.66 22.18
C ALA B 105 -18.28 -13.91 21.81
N SER B 106 -18.02 -14.05 20.51
CA SER B 106 -17.37 -15.22 19.96
C SER B 106 -15.87 -15.24 20.26
N LEU B 107 -15.26 -14.06 20.34
CA LEU B 107 -13.81 -13.95 20.45
C LEU B 107 -13.29 -14.39 21.81
N LEU B 108 -14.17 -14.36 22.80
CA LEU B 108 -13.81 -14.74 24.17
C LEU B 108 -14.06 -16.23 24.47
N ASN B 109 -14.41 -16.99 23.44
CA ASN B 109 -14.52 -18.45 23.52
C ASN B 109 -13.31 -19.23 23.03
N LEU B 110 -12.23 -18.56 22.65
CA LEU B 110 -11.09 -19.26 22.07
C LEU B 110 -10.38 -20.14 23.10
N SER B 111 -10.34 -21.43 22.82
CA SER B 111 -9.76 -22.40 23.75
C SER B 111 -8.24 -22.26 23.91
N ASN B 112 -7.55 -21.87 22.86
CA ASN B 112 -6.10 -21.80 22.91
C ASN B 112 -5.50 -20.43 23.13
N LEU B 113 -6.34 -19.40 23.26
CA LEU B 113 -5.85 -18.03 23.33
C LEU B 113 -5.11 -17.74 24.63
N GLU B 114 -3.87 -17.27 24.47
CA GLU B 114 -2.97 -17.03 25.58
C GLU B 114 -2.91 -15.52 25.88
N VAL B 115 -2.54 -14.73 24.88
CA VAL B 115 -2.48 -13.29 25.06
C VAL B 115 -3.53 -12.56 24.22
N LEU B 116 -4.42 -11.83 24.87
CA LEU B 116 -5.38 -10.97 24.15
C LEU B 116 -5.17 -9.49 24.48
N ASP B 117 -4.58 -8.74 23.55
CA ASP B 117 -4.34 -7.30 23.75
C ASP B 117 -5.13 -6.44 22.74
N LEU B 118 -6.23 -5.85 23.20
CA LEU B 118 -7.09 -4.99 22.40
C LEU B 118 -6.92 -3.51 22.70
N SER B 119 -5.93 -3.19 23.52
CA SER B 119 -5.81 -1.87 24.13
C SER B 119 -5.57 -0.72 23.14
N SER B 120 -5.92 0.49 23.60
CA SER B 120 -5.74 1.71 22.83
C SER B 120 -6.41 1.60 21.48
N ASN B 121 -7.69 1.28 21.52
CA ASN B 121 -8.52 1.35 20.34
C ASN B 121 -9.76 2.16 20.68
N ASP B 122 -10.72 2.20 19.77
CA ASP B 122 -12.02 2.82 20.00
C ASP B 122 -13.21 1.88 20.35
N PHE B 123 -12.94 0.62 20.70
CA PHE B 123 -13.99 -0.37 21.00
C PHE B 123 -15.03 0.11 22.01
N SER B 124 -16.31 -0.19 21.76
CA SER B 124 -17.37 0.28 22.64
C SER B 124 -18.46 -0.77 22.91
N GLY B 125 -19.53 -0.33 23.57
CA GLY B 125 -20.60 -1.23 23.99
C GLY B 125 -20.25 -2.01 25.23
N LEU B 126 -21.17 -2.86 25.69
CA LEU B 126 -20.91 -3.67 26.87
C LEU B 126 -19.78 -4.63 26.56
N PHE B 127 -19.11 -5.09 27.60
CA PHE B 127 -18.09 -6.10 27.43
C PHE B 127 -18.78 -7.45 27.62
N PRO B 128 -18.41 -8.45 26.81
CA PRO B 128 -19.01 -9.79 26.82
C PRO B 128 -19.09 -10.39 28.22
N SER B 129 -20.22 -11.02 28.55
CA SER B 129 -20.47 -11.57 29.88
C SER B 129 -19.81 -12.93 30.09
N LEU B 130 -19.69 -13.71 29.01
CA LEU B 130 -19.18 -15.05 29.13
C LEU B 130 -17.76 -15.12 28.60
N ILE B 131 -16.81 -15.33 29.50
CA ILE B 131 -15.41 -15.43 29.12
C ILE B 131 -14.91 -16.87 29.37
N ASN B 132 -14.72 -17.65 28.31
CA ASN B 132 -14.03 -18.93 28.47
C ASN B 132 -12.74 -18.92 27.73
N LEU B 133 -11.67 -18.76 28.49
CA LEU B 133 -10.35 -18.70 27.91
C LEU B 133 -9.42 -19.39 28.87
N PRO B 134 -9.58 -20.71 29.03
CA PRO B 134 -8.78 -21.50 29.97
C PRO B 134 -7.27 -21.38 29.76
N SER B 135 -6.85 -20.89 28.58
CA SER B 135 -5.42 -20.76 28.31
C SER B 135 -4.79 -19.37 28.52
N LEU B 136 -5.61 -18.38 28.90
CA LEU B 136 -5.19 -16.97 28.86
C LEU B 136 -4.24 -16.56 29.99
N ARG B 137 -3.04 -16.08 29.63
CA ARG B 137 -2.12 -15.48 30.60
C ARG B 137 -2.42 -14.00 30.85
N VAL B 138 -2.69 -13.28 29.77
CA VAL B 138 -2.82 -11.82 29.78
C VAL B 138 -4.12 -11.38 29.09
N LEU B 139 -4.93 -10.56 29.77
CA LEU B 139 -6.11 -9.94 29.14
C LEU B 139 -5.99 -8.42 29.18
N ASN B 140 -5.80 -7.79 28.03
CA ASN B 140 -5.61 -6.34 28.00
C ASN B 140 -6.64 -5.62 27.14
N VAL B 141 -7.60 -4.98 27.79
CA VAL B 141 -8.55 -4.07 27.11
C VAL B 141 -8.35 -2.57 27.33
N TYR B 142 -7.21 -2.22 27.90
CA TYR B 142 -6.88 -0.86 28.36
C TYR B 142 -7.24 0.25 27.35
N GLU B 143 -7.78 1.36 27.87
CA GLU B 143 -8.08 2.53 27.05
C GLU B 143 -8.97 2.24 25.84
N ASN B 144 -10.23 1.98 26.14
CA ASN B 144 -11.28 1.80 25.16
C ASN B 144 -12.53 2.49 25.68
N SER B 145 -13.64 2.30 24.98
CA SER B 145 -14.95 2.85 25.38
C SER B 145 -15.93 1.93 26.12
N PHE B 146 -15.47 0.79 26.63
CA PHE B 146 -16.36 -0.18 27.28
C PHE B 146 -17.22 0.48 28.35
N HIS B 147 -18.48 0.04 28.48
CA HIS B 147 -19.35 0.57 29.54
C HIS B 147 -20.13 -0.52 30.26
N GLY B 148 -20.93 -0.16 31.27
CA GLY B 148 -21.62 -1.13 32.11
C GLY B 148 -20.69 -1.90 33.05
N LEU B 149 -21.16 -3.03 33.56
CA LEU B 149 -20.43 -3.78 34.58
C LEU B 149 -19.17 -4.46 34.09
N ILE B 150 -18.20 -4.60 34.97
CA ILE B 150 -17.12 -5.57 34.75
C ILE B 150 -17.82 -6.92 34.74
N PRO B 151 -17.46 -7.81 33.79
CA PRO B 151 -18.18 -9.09 33.70
C PRO B 151 -18.13 -9.87 35.00
N ALA B 152 -19.29 -10.25 35.53
CA ALA B 152 -19.37 -10.85 36.86
C ALA B 152 -18.76 -12.24 36.91
N SER B 153 -18.85 -12.94 35.80
CA SER B 153 -18.39 -14.32 35.74
C SER B 153 -16.92 -14.31 35.37
N LEU B 154 -16.34 -13.11 35.34
CA LEU B 154 -15.03 -12.88 34.68
C LEU B 154 -14.00 -13.94 34.98
N CYS B 155 -13.89 -14.33 36.25
CA CYS B 155 -12.88 -15.30 36.65
C CYS B 155 -13.34 -16.75 36.76
N ASN B 156 -14.61 -17.00 36.42
CA ASN B 156 -15.19 -18.34 36.35
C ASN B 156 -14.28 -19.32 35.60
N ASN B 157 -14.05 -19.12 34.31
CA ASN B 157 -13.03 -19.94 33.69
C ASN B 157 -11.87 -19.04 33.23
N LEU B 158 -10.88 -18.88 34.10
CA LEU B 158 -9.62 -18.24 33.77
C LEU B 158 -8.52 -18.83 34.64
N PRO B 159 -8.28 -20.14 34.53
CA PRO B 159 -7.40 -20.71 35.55
C PRO B 159 -5.98 -20.17 35.47
N ARG B 160 -5.56 -19.74 34.28
CA ARG B 160 -4.17 -19.38 34.02
C ARG B 160 -3.85 -17.89 34.08
N ILE B 161 -4.84 -17.08 34.41
CA ILE B 161 -4.72 -15.62 34.30
C ILE B 161 -3.55 -15.03 35.12
N ARG B 162 -2.96 -13.98 34.59
CA ARG B 162 -1.85 -13.30 35.26
C ARG B 162 -2.05 -11.78 35.36
N GLU B 163 -2.22 -11.14 34.21
CA GLU B 163 -2.52 -9.71 34.17
C GLU B 163 -3.92 -9.49 33.64
N ILE B 164 -4.71 -8.71 34.37
CA ILE B 164 -6.00 -8.23 33.85
C ILE B 164 -6.00 -6.71 33.84
N ASP B 165 -6.00 -6.09 32.66
CA ASP B 165 -6.00 -4.63 32.59
C ASP B 165 -7.25 -4.07 31.89
N LEU B 166 -8.16 -3.55 32.70
CA LEU B 166 -9.43 -2.99 32.22
C LEU B 166 -9.49 -1.47 32.25
N ALA B 167 -8.38 -0.83 32.54
CA ALA B 167 -8.38 0.61 32.84
C ALA B 167 -8.73 1.50 31.65
N MET B 168 -9.15 2.73 31.97
CA MET B 168 -9.40 3.75 30.96
C MET B 168 -10.60 3.44 30.08
N ASN B 169 -11.63 2.93 30.73
CA ASN B 169 -12.90 2.64 30.09
C ASN B 169 -14.00 3.35 30.86
N TYR B 170 -15.23 3.11 30.47
CA TYR B 170 -16.41 3.60 31.19
C TYR B 170 -17.13 2.60 32.10
N PHE B 171 -16.46 1.50 32.43
CA PHE B 171 -17.01 0.52 33.37
C PHE B 171 -17.58 1.14 34.63
N ASP B 172 -18.73 0.64 35.11
CA ASP B 172 -19.35 1.11 36.36
C ASP B 172 -19.88 -0.03 37.23
N GLY B 173 -20.65 0.34 38.25
CA GLY B 173 -21.08 -0.61 39.27
C GLY B 173 -19.96 -0.93 40.23
N SER B 174 -20.26 -1.63 41.31
CA SER B 174 -19.22 -2.06 42.23
C SER B 174 -18.34 -3.09 41.54
N ILE B 175 -17.13 -3.28 42.04
CA ILE B 175 -16.26 -4.36 41.58
C ILE B 175 -16.96 -5.69 41.88
N PRO B 176 -17.00 -6.61 40.89
CA PRO B 176 -17.75 -7.86 41.04
C PRO B 176 -17.20 -8.73 42.14
N VAL B 177 -18.06 -9.23 43.03
CA VAL B 177 -17.67 -10.15 44.09
C VAL B 177 -16.88 -11.39 43.60
N GLY B 178 -17.13 -11.81 42.36
CA GLY B 178 -16.39 -12.93 41.79
C GLY B 178 -14.92 -12.67 41.52
N ILE B 179 -14.47 -11.43 41.72
CA ILE B 179 -13.08 -11.03 41.44
C ILE B 179 -12.09 -11.80 42.30
N GLY B 180 -12.55 -12.26 43.47
CA GLY B 180 -11.70 -13.08 44.32
C GLY B 180 -11.41 -14.47 43.76
N ASN B 181 -12.06 -14.81 42.67
CA ASN B 181 -11.98 -16.14 42.07
C ASN B 181 -10.85 -16.21 41.05
N CYS B 182 -10.11 -15.11 40.99
CA CYS B 182 -9.04 -14.86 40.03
C CYS B 182 -7.72 -15.46 40.46
N SER B 183 -7.76 -16.44 41.34
CA SER B 183 -6.68 -16.77 42.25
C SER B 183 -5.24 -16.68 41.71
N SER B 184 -5.02 -17.03 40.45
CA SER B 184 -3.65 -16.98 39.90
C SER B 184 -3.13 -15.57 39.57
N VAL B 185 -4.01 -14.59 39.57
CA VAL B 185 -3.70 -13.27 38.99
C VAL B 185 -2.59 -12.49 39.71
N GLU B 186 -1.76 -11.82 38.92
CA GLU B 186 -0.62 -11.03 39.42
C GLU B 186 -0.79 -9.52 39.29
N TYR B 187 -1.03 -9.06 38.06
CA TYR B 187 -1.46 -7.67 37.84
C TYR B 187 -2.99 -7.58 37.79
N LEU B 188 -3.59 -6.63 38.51
CA LEU B 188 -4.97 -6.25 38.24
C LEU B 188 -5.12 -4.73 38.15
N GLY B 189 -5.28 -4.19 36.93
CA GLY B 189 -5.73 -2.83 36.71
C GLY B 189 -7.22 -2.58 36.61
N LEU B 190 -7.82 -1.83 37.54
CA LEU B 190 -9.18 -1.28 37.37
C LEU B 190 -9.32 0.24 37.17
N ALA B 191 -8.19 0.94 37.00
CA ALA B 191 -8.14 2.40 37.08
C ALA B 191 -8.90 3.20 35.99
N SER B 192 -9.26 4.43 36.33
CA SER B 192 -9.86 5.37 35.38
C SER B 192 -11.10 4.83 34.70
N ASN B 193 -12.10 4.55 35.52
CA ASN B 193 -13.39 4.02 35.11
C ASN B 193 -14.44 4.75 35.90
N ASN B 194 -15.67 4.27 35.84
CA ASN B 194 -16.76 4.74 36.72
C ASN B 194 -17.04 3.87 37.97
N LEU B 195 -16.14 2.95 38.31
CA LEU B 195 -16.32 2.05 39.46
C LEU B 195 -16.66 2.75 40.80
N SER B 196 -17.44 2.07 41.65
CA SER B 196 -17.96 2.65 42.89
C SER B 196 -18.25 1.63 44.00
N GLY B 197 -18.81 2.14 45.09
CA GLY B 197 -19.02 1.38 46.31
C GLY B 197 -17.73 0.85 46.92
N SER B 198 -17.87 0.03 47.94
CA SER B 198 -16.71 -0.50 48.64
C SER B 198 -16.00 -1.50 47.78
N ILE B 199 -14.72 -1.68 48.04
CA ILE B 199 -13.98 -2.81 47.54
C ILE B 199 -14.62 -4.03 48.16
N PRO B 200 -14.98 -5.01 47.32
CA PRO B 200 -15.53 -6.26 47.86
C PRO B 200 -14.47 -6.98 48.67
N GLN B 201 -14.87 -7.47 49.85
CA GLN B 201 -13.99 -8.22 50.74
C GLN B 201 -13.28 -9.34 50.00
N GLU B 202 -13.97 -9.93 49.05
CA GLU B 202 -13.45 -11.07 48.29
C GLU B 202 -12.21 -10.74 47.48
N LEU B 203 -12.00 -9.46 47.19
CA LEU B 203 -10.83 -9.01 46.43
C LEU B 203 -9.53 -9.39 47.13
N PHE B 204 -9.54 -9.27 48.46
CA PHE B 204 -8.35 -9.48 49.27
C PHE B 204 -7.91 -10.93 49.32
N GLN B 205 -8.70 -11.80 48.69
CA GLN B 205 -8.34 -13.20 48.60
C GLN B 205 -7.32 -13.52 47.48
N LEU B 206 -6.91 -12.54 46.68
CA LEU B 206 -6.00 -12.87 45.59
C LEU B 206 -4.60 -12.81 46.12
N SER B 207 -4.02 -13.98 46.37
CA SER B 207 -2.84 -14.04 47.21
C SER B 207 -1.57 -13.78 46.45
N ASN B 208 -1.66 -13.84 45.13
CA ASN B 208 -0.51 -13.68 44.25
C ASN B 208 -0.37 -12.28 43.64
N LEU B 209 -1.27 -11.38 44.00
CA LEU B 209 -1.35 -10.09 43.36
C LEU B 209 -0.12 -9.26 43.72
N SER B 210 0.68 -8.86 42.72
CA SER B 210 1.78 -7.94 42.97
C SER B 210 1.58 -6.49 42.52
N VAL B 211 0.50 -6.20 41.81
CA VAL B 211 0.16 -4.83 41.45
C VAL B 211 -1.35 -4.67 41.48
N LEU B 212 -1.85 -3.70 42.22
CA LEU B 212 -3.28 -3.42 42.23
C LEU B 212 -3.50 -1.94 41.99
N ALA B 213 -4.11 -1.57 40.87
CA ALA B 213 -4.35 -0.16 40.57
C ALA B 213 -5.83 0.18 40.50
N LEU B 214 -6.37 0.85 41.52
CA LEU B 214 -7.76 1.29 41.54
C LEU B 214 -8.00 2.77 41.23
N GLN B 215 -6.93 3.51 40.92
CA GLN B 215 -6.97 4.98 40.99
C GLN B 215 -7.98 5.61 40.03
N ASN B 216 -8.37 6.84 40.31
CA ASN B 216 -9.33 7.57 39.47
C ASN B 216 -10.69 6.89 39.28
N ASN B 217 -11.30 6.47 40.40
CA ASN B 217 -12.66 5.96 40.37
C ASN B 217 -13.50 6.68 41.41
N ARG B 218 -14.75 6.28 41.55
CA ARG B 218 -15.59 6.77 42.65
C ARG B 218 -15.67 5.82 43.85
N LEU B 219 -14.77 4.84 43.92
CA LEU B 219 -14.73 3.89 45.03
C LEU B 219 -14.76 4.60 46.37
N SER B 220 -15.56 4.07 47.29
CA SER B 220 -15.86 4.77 48.53
C SER B 220 -15.59 3.92 49.73
N GLY B 221 -15.91 4.47 50.90
CA GLY B 221 -15.82 3.76 52.17
C GLY B 221 -14.42 3.70 52.77
N ALA B 222 -14.28 2.87 53.78
CA ALA B 222 -12.98 2.65 54.41
C ALA B 222 -12.06 1.78 53.61
N LEU B 223 -10.78 1.91 53.85
CA LEU B 223 -9.83 0.94 53.31
C LEU B 223 -9.60 -0.12 54.37
N SER B 224 -10.12 -1.32 54.13
CA SER B 224 -10.22 -2.31 55.18
C SER B 224 -8.85 -2.89 55.53
N SER B 225 -8.74 -3.44 56.73
CA SER B 225 -7.50 -4.06 57.17
C SER B 225 -7.24 -5.39 56.47
N LYS B 226 -8.24 -5.89 55.74
CA LYS B 226 -8.08 -7.11 54.93
C LYS B 226 -6.95 -6.91 53.94
N LEU B 227 -6.62 -5.64 53.69
CA LEU B 227 -5.54 -5.26 52.80
C LEU B 227 -4.25 -6.03 53.12
N GLY B 228 -3.95 -6.18 54.41
CA GLY B 228 -2.74 -6.87 54.82
C GLY B 228 -2.66 -8.32 54.35
N LYS B 229 -3.77 -8.84 53.83
CA LYS B 229 -3.81 -10.20 53.33
C LYS B 229 -3.16 -10.36 51.97
N LEU B 230 -2.90 -9.27 51.26
CA LEU B 230 -2.22 -9.41 49.99
C LEU B 230 -0.73 -9.28 50.28
N SER B 231 -0.08 -10.44 50.42
CA SER B 231 1.26 -10.53 50.96
C SER B 231 2.30 -10.15 49.93
N ASN B 232 1.97 -10.35 48.67
CA ASN B 232 2.91 -10.14 47.58
C ASN B 232 2.76 -8.79 46.90
N LEU B 233 1.86 -7.96 47.41
CA LEU B 233 1.61 -6.68 46.78
C LEU B 233 2.89 -5.84 46.80
N GLY B 234 3.36 -5.46 45.62
CA GLY B 234 4.51 -4.58 45.48
C GLY B 234 4.20 -3.17 45.04
N ARG B 235 3.02 -2.95 44.46
CA ARG B 235 2.65 -1.62 44.00
C ARG B 235 1.16 -1.40 44.23
N LEU B 236 0.81 -0.28 44.84
CA LEU B 236 -0.59 -0.01 45.13
C LEU B 236 -0.90 1.46 44.83
N ASP B 237 -1.86 1.70 43.95
CA ASP B 237 -2.33 3.07 43.73
C ASP B 237 -3.84 3.13 43.98
N ILE B 238 -4.20 3.84 45.04
CA ILE B 238 -5.58 4.09 45.43
C ILE B 238 -6.12 5.50 45.09
N SER B 239 -5.32 6.29 44.39
CA SER B 239 -5.54 7.74 44.29
C SER B 239 -6.85 8.19 43.64
N SER B 240 -7.24 9.43 43.91
CA SER B 240 -8.41 10.05 43.31
C SER B 240 -9.66 9.19 43.39
N ASN B 241 -10.01 8.79 44.61
CA ASN B 241 -11.25 8.10 44.91
C ASN B 241 -11.99 8.84 46.00
N LYS B 242 -13.02 8.22 46.53
CA LYS B 242 -13.79 8.69 47.69
C LYS B 242 -13.45 8.03 49.03
N PHE B 243 -12.35 7.28 49.10
CA PHE B 243 -11.95 6.59 50.34
C PHE B 243 -11.85 7.55 51.55
N SER B 244 -12.15 7.05 52.75
CA SER B 244 -12.20 7.89 53.95
C SER B 244 -11.80 7.15 55.24
N GLY B 245 -11.79 7.87 56.36
CA GLY B 245 -11.33 7.31 57.62
C GLY B 245 -9.82 7.10 57.67
N LYS B 246 -9.37 6.27 58.59
CA LYS B 246 -7.94 6.05 58.79
C LYS B 246 -7.36 4.93 57.92
N ILE B 247 -6.24 5.23 57.28
CA ILE B 247 -5.42 4.21 56.68
C ILE B 247 -5.11 3.14 57.74
N PRO B 248 -5.45 1.89 57.44
CA PRO B 248 -5.42 0.78 58.42
C PRO B 248 -3.99 0.41 58.75
N ASP B 249 -3.70 -0.17 59.90
CA ASP B 249 -2.29 -0.34 60.21
C ASP B 249 -1.89 -1.76 59.86
N VAL B 250 -1.59 -1.93 58.57
CA VAL B 250 -1.31 -3.24 57.96
C VAL B 250 0.11 -3.49 57.43
N PHE B 251 0.97 -2.47 57.52
CA PHE B 251 2.12 -2.39 56.62
C PHE B 251 3.32 -3.23 57.02
N LEU B 252 3.23 -3.91 58.15
CA LEU B 252 4.23 -4.91 58.52
C LEU B 252 3.92 -6.19 57.77
N GLU B 253 2.64 -6.37 57.45
CA GLU B 253 2.18 -7.57 56.78
C GLU B 253 2.47 -7.51 55.28
N LEU B 254 2.53 -6.29 54.71
CA LEU B 254 2.88 -6.21 53.30
C LEU B 254 4.35 -5.87 53.23
N ASN B 255 5.20 -6.87 53.10
CA ASN B 255 6.64 -6.64 53.26
C ASN B 255 7.40 -6.55 51.94
N LYS B 256 6.69 -6.75 50.83
CA LYS B 256 7.27 -6.53 49.53
C LYS B 256 6.84 -5.19 48.96
N LEU B 257 6.03 -4.43 49.69
CA LEU B 257 5.43 -3.26 49.07
C LEU B 257 6.42 -2.10 48.95
N TRP B 258 6.80 -1.79 47.71
CA TRP B 258 7.69 -0.66 47.42
C TRP B 258 7.01 0.63 46.94
N TYR B 259 5.72 0.58 46.63
CA TYR B 259 5.04 1.72 46.02
C TYR B 259 3.64 1.89 46.56
N PHE B 260 3.36 3.05 47.15
CA PHE B 260 2.04 3.33 47.69
C PHE B 260 1.63 4.74 47.30
N SER B 261 0.49 4.86 46.62
CA SER B 261 -0.05 6.18 46.26
C SER B 261 -1.52 6.28 46.63
N ALA B 262 -1.80 7.11 47.63
CA ALA B 262 -3.14 7.42 48.12
C ALA B 262 -3.67 8.80 47.74
N GLN B 263 -3.06 9.48 46.79
CA GLN B 263 -3.40 10.90 46.55
C GLN B 263 -4.90 11.21 46.46
N SER B 264 -5.29 12.33 47.05
CA SER B 264 -6.63 12.90 46.88
C SER B 264 -7.80 12.01 47.28
N ASN B 265 -7.84 11.68 48.57
CA ASN B 265 -8.97 11.00 49.19
C ASN B 265 -9.39 11.79 50.43
N LEU B 266 -10.28 11.22 51.21
CA LEU B 266 -10.68 11.77 52.49
C LEU B 266 -10.05 11.16 53.74
N PHE B 267 -8.98 10.39 53.59
CA PHE B 267 -8.29 9.80 54.74
C PHE B 267 -7.95 10.82 55.82
N ASN B 268 -8.24 10.46 57.07
CA ASN B 268 -7.94 11.30 58.22
C ASN B 268 -7.12 10.53 59.25
N GLY B 269 -6.85 11.16 60.39
CA GLY B 269 -6.10 10.51 61.45
C GLY B 269 -4.60 10.59 61.27
N GLU B 270 -3.87 10.07 62.25
CA GLU B 270 -2.41 10.01 62.18
C GLU B 270 -2.02 8.88 61.25
N MET B 271 -0.79 8.92 60.74
CA MET B 271 -0.32 7.81 59.92
C MET B 271 -0.13 6.63 60.83
N PRO B 272 -0.58 5.44 60.39
CA PRO B 272 -0.44 4.23 61.19
C PRO B 272 1.03 3.90 61.40
N ARG B 273 1.35 3.35 62.56
CA ARG B 273 2.74 3.13 62.96
C ARG B 273 3.50 2.19 62.04
N SER B 274 2.82 1.22 61.47
CA SER B 274 3.50 0.24 60.62
C SER B 274 4.00 0.86 59.32
N LEU B 275 3.32 1.92 58.87
CA LEU B 275 3.73 2.58 57.65
C LEU B 275 5.06 3.27 57.92
N SER B 276 5.18 3.81 59.13
CA SER B 276 6.38 4.52 59.56
C SER B 276 7.56 3.59 59.74
N ASN B 277 7.25 2.29 59.82
CA ASN B 277 8.26 1.24 59.89
C ASN B 277 8.57 0.35 58.68
N SER B 278 7.95 0.60 57.53
CA SER B 278 8.11 -0.33 56.42
C SER B 278 9.56 -0.41 55.93
N ARG B 279 10.12 -1.61 55.93
CA ARG B 279 11.46 -1.82 55.38
C ARG B 279 11.39 -1.72 53.85
N SER B 280 10.22 -2.02 53.29
CA SER B 280 10.04 -2.11 51.83
C SER B 280 9.78 -0.80 51.10
N ILE B 281 8.98 0.09 51.69
CA ILE B 281 8.45 1.23 50.94
C ILE B 281 9.50 2.17 50.35
N SER B 282 9.31 2.47 49.07
CA SER B 282 10.21 3.33 48.31
C SER B 282 9.51 4.64 47.98
N LEU B 283 8.37 4.53 47.30
CA LEU B 283 7.61 5.72 46.95
C LEU B 283 6.39 5.80 47.86
N LEU B 284 6.20 6.95 48.50
CA LEU B 284 5.04 7.13 49.36
C LEU B 284 4.39 8.46 49.05
N SER B 285 3.18 8.42 48.50
CA SER B 285 2.47 9.66 48.24
C SER B 285 1.09 9.60 48.86
N LEU B 286 0.92 10.34 49.96
CA LEU B 286 -0.36 10.52 50.65
C LEU B 286 -1.02 11.88 50.43
N ARG B 287 -0.50 12.66 49.49
CA ARG B 287 -0.85 14.06 49.40
C ARG B 287 -2.33 14.31 49.19
N ASN B 288 -2.74 15.53 49.48
CA ASN B 288 -4.13 15.93 49.32
C ASN B 288 -5.18 15.13 50.08
N ASN B 289 -4.89 14.79 51.33
CA ASN B 289 -5.86 14.19 52.21
C ASN B 289 -6.14 15.14 53.36
N THR B 290 -6.91 14.67 54.33
CA THR B 290 -7.02 15.32 55.63
C THR B 290 -6.14 14.76 56.73
N LEU B 291 -5.16 13.94 56.39
CA LEU B 291 -4.28 13.33 57.40
C LEU B 291 -3.73 14.40 58.36
N SER B 292 -3.57 14.02 59.63
CA SER B 292 -3.32 14.99 60.68
C SER B 292 -2.25 14.56 61.67
N GLY B 293 -1.79 15.52 62.46
CA GLY B 293 -0.83 15.23 63.51
C GLY B 293 0.62 15.39 63.08
N GLN B 294 1.52 14.91 63.93
CA GLN B 294 2.94 15.02 63.70
C GLN B 294 3.38 13.98 62.67
N ILE B 295 4.16 14.42 61.70
CA ILE B 295 4.69 13.53 60.69
C ILE B 295 5.82 12.68 61.27
N TYR B 296 5.62 11.38 61.26
CA TYR B 296 6.61 10.48 61.82
C TYR B 296 7.00 9.36 60.87
N LEU B 297 8.30 9.22 60.65
CA LEU B 297 8.88 8.11 59.90
C LEU B 297 10.13 7.66 60.62
N ASN B 298 10.23 6.36 60.90
CA ASN B 298 11.36 5.87 61.67
C ASN B 298 12.42 5.47 60.65
N CYS B 299 13.46 6.30 60.57
CA CYS B 299 14.40 6.26 59.47
C CYS B 299 15.44 5.14 59.55
N SER B 300 15.52 4.50 60.70
CA SER B 300 16.28 3.27 60.83
C SER B 300 15.45 2.14 60.26
N ALA B 301 14.13 2.30 60.32
CA ALA B 301 13.20 1.31 59.80
C ALA B 301 12.99 1.40 58.28
N MET B 302 12.82 2.61 57.74
CA MET B 302 12.52 2.71 56.33
C MET B 302 13.81 3.05 55.61
N THR B 303 14.48 2.02 55.11
CA THR B 303 15.78 2.19 54.51
C THR B 303 15.68 2.19 52.98
N ASN B 304 14.47 1.97 52.49
CA ASN B 304 14.18 2.02 51.07
C ASN B 304 13.55 3.33 50.63
N LEU B 305 13.27 4.21 51.57
CA LEU B 305 12.42 5.35 51.27
C LEU B 305 13.11 6.33 50.34
N THR B 306 12.48 6.60 49.21
CA THR B 306 13.10 7.37 48.13
C THR B 306 12.30 8.63 47.77
N SER B 307 11.02 8.45 47.43
CA SER B 307 10.16 9.60 47.21
C SER B 307 9.18 9.69 48.36
N LEU B 308 8.94 10.91 48.83
CA LEU B 308 7.93 11.15 49.86
C LEU B 308 7.13 12.41 49.53
N ASP B 309 5.81 12.26 49.42
CA ASP B 309 4.93 13.38 49.10
C ASP B 309 3.78 13.36 50.10
N LEU B 310 3.81 14.31 51.04
CA LEU B 310 2.77 14.50 52.05
C LEU B 310 1.91 15.75 51.87
N ALA B 311 2.14 16.48 50.80
CA ALA B 311 1.63 17.84 50.64
C ALA B 311 0.11 17.93 50.71
N SER B 312 -0.40 19.14 50.92
CA SER B 312 -1.84 19.42 51.02
C SER B 312 -2.55 18.58 52.06
N ASN B 313 -2.00 18.52 53.27
CA ASN B 313 -2.63 17.80 54.37
C ASN B 313 -2.83 18.67 55.60
N SER B 314 -3.41 18.04 56.62
CA SER B 314 -3.76 18.69 57.88
C SER B 314 -2.69 18.50 58.97
N PHE B 315 -1.55 17.95 58.57
CA PHE B 315 -0.45 17.69 59.48
C PHE B 315 -0.08 18.92 60.31
N SER B 316 0.45 18.67 61.49
CA SER B 316 0.84 19.73 62.42
C SER B 316 2.15 19.42 63.07
N GLY B 317 2.51 20.21 64.07
CA GLY B 317 3.72 19.99 64.82
C GLY B 317 4.93 20.64 64.21
N SER B 318 6.05 19.96 64.33
CA SER B 318 7.34 20.46 63.86
C SER B 318 7.76 19.65 62.64
N ILE B 319 8.55 20.26 61.78
CA ILE B 319 9.20 19.58 60.67
C ILE B 319 10.12 18.48 61.20
N PRO B 320 9.89 17.21 60.77
CA PRO B 320 10.62 16.10 61.40
C PRO B 320 12.10 16.24 61.17
N SER B 321 12.86 16.21 62.24
CA SER B 321 14.27 16.51 62.15
C SER B 321 15.07 15.24 61.96
N ASN B 322 14.36 14.10 61.90
CA ASN B 322 15.00 12.79 61.70
C ASN B 322 15.14 12.36 60.24
N LEU B 323 14.45 13.06 59.35
CA LEU B 323 14.44 12.72 57.93
C LEU B 323 15.83 12.56 57.28
N PRO B 324 16.83 13.37 57.69
CA PRO B 324 18.15 13.12 57.12
C PRO B 324 18.71 11.72 57.42
N ASN B 325 18.13 11.04 58.40
CA ASN B 325 18.57 9.68 58.70
C ASN B 325 18.12 8.67 57.67
N CYS B 326 17.28 9.11 56.72
CA CYS B 326 16.82 8.20 55.68
C CYS B 326 17.84 8.34 54.58
N LEU B 327 18.67 7.33 54.42
CA LEU B 327 19.87 7.46 53.61
C LEU B 327 19.60 7.33 52.11
N ARG B 328 18.41 6.83 51.77
CA ARG B 328 18.00 6.69 50.38
C ARG B 328 17.07 7.80 49.88
N LEU B 329 16.75 8.77 50.74
CA LEU B 329 15.60 9.62 50.45
C LEU B 329 15.91 10.85 49.59
N LYS B 330 15.45 10.80 48.34
CA LYS B 330 15.69 11.84 47.32
C LYS B 330 14.75 13.04 47.28
N THR B 331 13.45 12.82 47.41
CA THR B 331 12.49 13.89 47.22
C THR B 331 11.49 14.04 48.37
N ILE B 332 11.25 15.27 48.75
CA ILE B 332 10.22 15.60 49.68
C ILE B 332 9.29 16.70 49.19
N ASN B 333 8.02 16.37 49.17
CA ASN B 333 7.01 17.39 48.91
C ASN B 333 6.22 17.63 50.19
N PHE B 334 6.57 18.70 50.90
CA PHE B 334 5.90 19.15 52.13
C PHE B 334 5.00 20.35 51.94
N ALA B 335 4.70 20.71 50.70
CA ALA B 335 3.81 21.83 50.42
C ALA B 335 2.45 21.77 51.15
N LYS B 336 1.87 22.93 51.41
CA LYS B 336 0.54 23.05 52.02
C LYS B 336 0.34 22.22 53.31
N ILE B 337 1.42 21.99 54.05
CA ILE B 337 1.38 21.49 55.42
C ILE B 337 1.75 22.67 56.30
N LYS B 338 0.82 23.26 57.02
CA LYS B 338 1.20 24.54 57.61
C LYS B 338 1.88 24.29 58.97
N PHE B 339 3.20 24.40 58.94
CA PHE B 339 4.07 24.04 60.06
C PHE B 339 4.16 25.19 61.06
N ILE B 340 4.28 26.40 60.53
CA ILE B 340 4.63 27.56 61.34
C ILE B 340 5.83 27.22 62.21
N ALA B 341 6.98 27.06 61.55
CA ALA B 341 8.20 26.64 62.20
C ALA B 341 9.42 27.07 61.38
N GLN B 342 10.59 26.78 61.91
CA GLN B 342 11.83 26.99 61.20
C GLN B 342 12.34 25.61 60.78
N ILE B 343 13.03 25.59 59.66
CA ILE B 343 13.65 24.37 59.22
C ILE B 343 14.66 23.95 60.27
N PRO B 344 14.55 22.70 60.73
CA PRO B 344 15.49 22.19 61.73
C PRO B 344 16.94 22.26 61.24
N GLU B 345 17.90 22.31 62.11
CA GLU B 345 19.30 22.27 61.70
C GLU B 345 19.81 20.94 61.25
N SER B 346 19.12 19.89 61.62
CA SER B 346 19.53 18.55 61.19
C SER B 346 19.60 18.42 59.67
N PHE B 347 18.80 19.22 58.97
CA PHE B 347 18.77 19.21 57.51
C PHE B 347 20.10 19.62 56.85
N LYS B 348 21.09 20.03 57.63
CA LYS B 348 22.42 20.25 57.06
C LYS B 348 23.07 18.91 56.69
N ASN B 349 22.62 17.86 57.35
CA ASN B 349 23.16 16.52 57.12
C ASN B 349 22.39 15.69 56.09
N PHE B 350 21.40 16.31 55.44
CA PHE B 350 20.61 15.54 54.50
C PHE B 350 21.36 15.59 53.17
N GLN B 351 22.12 14.54 52.88
CA GLN B 351 22.98 14.56 51.70
C GLN B 351 22.36 13.88 50.48
N SER B 352 21.27 13.16 50.73
CA SER B 352 20.61 12.38 49.70
C SER B 352 19.53 13.21 49.02
N LEU B 353 19.21 14.35 49.62
CA LEU B 353 18.11 15.18 49.18
C LEU B 353 18.38 15.88 47.85
N THR B 354 17.45 15.76 46.90
CA THR B 354 17.58 16.37 45.57
C THR B 354 16.50 17.41 45.28
N SER B 355 15.26 17.00 45.39
CA SER B 355 14.18 17.93 45.18
C SER B 355 13.40 18.11 46.48
N LEU B 356 13.13 19.36 46.84
CA LEU B 356 12.45 19.67 48.10
C LEU B 356 11.45 20.80 47.95
N SER B 357 10.24 20.62 48.47
CA SER B 357 9.27 21.72 48.46
C SER B 357 8.59 21.99 49.81
N PHE B 358 8.79 23.19 50.34
CA PHE B 358 8.01 23.72 51.47
C PHE B 358 6.92 24.70 51.08
N SER B 359 6.62 24.79 49.79
CA SER B 359 5.72 25.82 49.28
C SER B 359 4.43 25.94 50.09
N ASN B 360 4.14 27.16 50.52
CA ASN B 360 2.95 27.47 51.32
C ASN B 360 2.79 26.65 52.60
N SER B 361 3.92 26.27 53.20
CA SER B 361 3.95 25.54 54.46
C SER B 361 4.17 26.39 55.71
N SER B 362 4.12 27.72 55.56
CA SER B 362 4.35 28.65 56.67
C SER B 362 5.75 28.52 57.31
N ILE B 363 6.78 28.50 56.47
CA ILE B 363 8.15 28.46 56.99
C ILE B 363 8.59 29.86 57.42
N GLN B 364 9.52 29.91 58.37
CA GLN B 364 9.96 31.15 58.96
C GLN B 364 11.48 31.27 58.89
N ASN B 365 11.96 32.51 58.94
CA ASN B 365 13.41 32.80 58.99
C ASN B 365 14.11 32.36 57.73
N ILE B 366 13.88 33.09 56.65
CA ILE B 366 14.51 32.71 55.38
C ILE B 366 16.01 32.70 55.47
N SER B 367 16.57 33.63 56.24
CA SER B 367 18.02 33.74 56.35
C SER B 367 18.57 32.47 56.95
N SER B 368 17.89 31.93 57.96
CA SER B 368 18.33 30.69 58.56
C SER B 368 18.07 29.49 57.64
N ALA B 369 16.94 29.50 56.93
CA ALA B 369 16.57 28.39 56.06
C ALA B 369 17.60 28.20 54.96
N LEU B 370 18.04 29.32 54.39
CA LEU B 370 19.03 29.29 53.31
C LEU B 370 20.39 28.81 53.81
N GLU B 371 20.76 29.23 55.02
CA GLU B 371 22.06 28.89 55.59
C GLU B 371 22.19 27.42 55.91
N ILE B 372 21.06 26.79 56.25
CA ILE B 372 21.04 25.35 56.49
C ILE B 372 21.07 24.55 55.18
N LEU B 373 20.18 24.92 54.27
CA LEU B 373 19.92 24.16 53.06
C LEU B 373 21.09 24.11 52.10
N GLN B 374 21.96 25.12 52.14
CA GLN B 374 23.10 25.18 51.25
C GLN B 374 24.07 24.01 51.48
N HIS B 375 23.89 23.30 52.58
CA HIS B 375 24.81 22.24 52.94
C HIS B 375 24.41 20.88 52.40
N CYS B 376 23.30 20.85 51.65
CA CYS B 376 22.91 19.64 50.92
C CYS B 376 23.51 19.78 49.56
N GLN B 377 24.50 18.94 49.29
CA GLN B 377 25.34 19.11 48.13
C GLN B 377 24.69 18.55 46.90
N ASN B 378 23.68 17.72 47.09
CA ASN B 378 22.90 17.20 45.97
C ASN B 378 21.59 17.90 45.62
N LEU B 379 21.28 19.03 46.26
CA LEU B 379 19.95 19.58 46.07
C LEU B 379 19.89 20.27 44.71
N LYS B 380 19.08 19.68 43.81
CA LYS B 380 18.80 20.18 42.45
C LYS B 380 17.66 21.19 42.35
N THR B 381 16.59 20.96 43.11
CA THR B 381 15.34 21.70 42.98
C THR B 381 14.85 22.20 44.32
N LEU B 382 14.50 23.48 44.42
CA LEU B 382 14.00 24.01 45.68
C LEU B 382 12.81 24.96 45.56
N VAL B 383 11.71 24.64 46.23
CA VAL B 383 10.52 25.50 46.19
C VAL B 383 10.13 26.05 47.58
N LEU B 384 10.38 27.35 47.76
CA LEU B 384 10.05 28.11 48.96
C LEU B 384 8.83 29.02 48.87
N THR B 385 8.10 28.93 47.76
CA THR B 385 6.99 29.82 47.42
C THR B 385 6.02 30.07 48.59
N LEU B 386 5.53 31.29 48.70
CA LEU B 386 4.50 31.63 49.69
C LEU B 386 4.93 31.40 51.13
N ASN B 387 6.22 31.58 51.40
CA ASN B 387 6.73 31.49 52.76
C ASN B 387 7.26 32.83 53.25
N PHE B 388 7.85 32.83 54.44
CA PHE B 388 8.66 33.95 54.95
C PHE B 388 8.06 35.32 54.68
N GLN B 389 6.76 35.45 54.91
CA GLN B 389 6.01 36.62 54.44
C GLN B 389 6.65 37.94 54.93
N LYS B 390 6.98 38.79 53.97
CA LYS B 390 7.61 40.09 54.20
C LYS B 390 8.98 40.08 54.89
N GLU B 391 9.69 38.95 54.89
CA GLU B 391 11.05 38.92 55.43
C GLU B 391 11.97 39.56 54.40
N GLU B 392 13.27 39.47 54.60
CA GLU B 392 14.18 40.03 53.64
C GLU B 392 14.99 38.93 53.00
N LEU B 393 15.13 38.99 51.69
CA LEU B 393 15.91 38.03 50.94
C LEU B 393 17.40 38.27 51.17
N PRO B 394 18.09 37.30 51.78
CA PRO B 394 19.51 37.37 52.13
C PRO B 394 20.41 37.77 50.96
N SER B 395 21.26 38.77 51.20
CA SER B 395 22.25 39.22 50.23
C SER B 395 23.63 38.64 50.50
N VAL B 396 23.75 37.84 51.55
CA VAL B 396 25.04 37.28 51.98
C VAL B 396 25.76 36.52 50.84
N PRO B 397 26.96 36.99 50.47
CA PRO B 397 27.66 36.52 49.27
C PRO B 397 28.17 35.07 49.34
N SER B 398 28.26 34.51 50.54
CA SER B 398 28.90 33.20 50.71
C SER B 398 27.96 31.98 50.54
N LEU B 399 26.68 32.22 50.27
CA LEU B 399 25.71 31.13 50.13
C LEU B 399 25.96 30.35 48.83
N GLN B 400 26.17 29.04 48.96
CA GLN B 400 26.48 28.22 47.79
C GLN B 400 25.52 27.04 47.64
N PHE B 401 24.70 27.09 46.60
CA PHE B 401 24.01 25.90 46.15
C PHE B 401 24.65 25.49 44.84
N LYS B 402 25.53 24.50 44.89
CA LYS B 402 26.39 24.18 43.75
C LYS B 402 25.60 23.57 42.62
N ASN B 403 24.78 22.59 42.98
CA ASN B 403 24.10 21.73 42.02
C ASN B 403 22.70 22.16 41.65
N LEU B 404 22.31 23.36 42.04
CA LEU B 404 20.92 23.74 41.95
C LEU B 404 20.50 24.15 40.55
N LYS B 405 19.60 23.36 39.96
CA LYS B 405 18.94 23.68 38.69
C LYS B 405 17.67 24.54 38.81
N VAL B 406 16.93 24.36 39.90
CA VAL B 406 15.62 25.00 40.04
C VAL B 406 15.49 25.69 41.39
N LEU B 407 15.27 27.00 41.36
CA LEU B 407 15.09 27.79 42.56
C LEU B 407 13.84 28.62 42.44
N ILE B 408 12.86 28.31 43.27
CA ILE B 408 11.61 29.02 43.23
C ILE B 408 11.24 29.56 44.62
N ILE B 409 11.30 30.88 44.76
CA ILE B 409 10.82 31.53 45.97
C ILE B 409 9.99 32.68 45.51
N ALA B 410 8.69 32.58 45.68
CA ALA B 410 7.80 33.45 44.92
C ALA B 410 6.60 33.77 45.75
N SER B 411 6.02 34.95 45.52
CA SER B 411 4.86 35.39 46.28
C SER B 411 5.12 35.36 47.79
N CYS B 412 6.38 35.59 48.15
CA CYS B 412 6.77 35.69 49.53
C CYS B 412 6.85 37.13 50.00
N GLN B 413 6.63 38.07 49.08
CA GLN B 413 6.78 39.50 49.36
C GLN B 413 8.15 39.88 49.93
N LEU B 414 9.19 39.15 49.55
CA LEU B 414 10.54 39.41 50.04
C LEU B 414 11.05 40.81 49.74
N ARG B 415 11.84 41.38 50.65
CA ARG B 415 12.51 42.66 50.40
C ARG B 415 13.96 42.39 50.08
N GLY B 416 14.55 43.22 49.23
CA GLY B 416 15.94 43.04 48.89
C GLY B 416 16.23 43.37 47.45
N THR B 417 17.38 42.88 47.00
CA THR B 417 17.82 42.99 45.61
C THR B 417 18.24 41.60 45.14
N VAL B 418 18.41 41.41 43.83
CA VAL B 418 18.86 40.13 43.32
C VAL B 418 20.30 39.86 43.73
N PRO B 419 20.52 38.87 44.60
CA PRO B 419 21.83 38.68 45.23
C PRO B 419 22.89 38.00 44.37
N GLN B 420 24.15 38.26 44.71
CA GLN B 420 25.31 37.67 44.03
C GLN B 420 25.51 36.17 44.31
N TRP B 421 24.99 35.65 45.42
CA TRP B 421 25.23 34.23 45.75
C TRP B 421 24.48 33.31 44.80
N LEU B 422 23.45 33.83 44.15
CA LEU B 422 22.77 33.13 43.06
C LEU B 422 23.77 32.60 42.04
N SER B 423 24.86 33.32 41.86
CA SER B 423 25.88 32.94 40.90
C SER B 423 26.68 31.72 41.33
N ASN B 424 26.45 31.23 42.55
CA ASN B 424 27.14 30.03 43.00
C ASN B 424 26.42 28.79 42.52
N SER B 425 25.34 29.04 41.78
CA SER B 425 24.57 27.99 41.13
C SER B 425 24.61 28.18 39.62
N PRO B 426 25.80 27.99 39.01
CA PRO B 426 25.93 28.24 37.57
C PRO B 426 25.06 27.34 36.66
N SER B 427 24.54 26.24 37.19
CA SER B 427 23.70 25.31 36.42
C SER B 427 22.20 25.60 36.46
N LEU B 428 21.80 26.74 36.99
CA LEU B 428 20.38 27.06 37.13
C LEU B 428 19.65 27.07 35.79
N GLN B 429 18.65 26.22 35.66
CA GLN B 429 17.73 26.27 34.51
C GLN B 429 16.52 27.18 34.73
N LEU B 430 16.06 27.26 35.97
CA LEU B 430 14.79 27.89 36.28
C LEU B 430 14.88 28.79 37.50
N LEU B 431 14.36 30.01 37.37
CA LEU B 431 14.36 30.97 38.48
C LEU B 431 13.03 31.71 38.65
N ASP B 432 12.34 31.47 39.76
CA ASP B 432 11.16 32.28 40.08
C ASP B 432 11.34 33.09 41.38
N LEU B 433 11.58 34.38 41.20
CA LEU B 433 11.59 35.40 42.25
C LEU B 433 10.37 36.32 42.24
N SER B 434 9.37 35.97 41.43
CA SER B 434 8.21 36.82 41.22
C SER B 434 7.27 36.99 42.41
N TRP B 435 6.42 38.01 42.32
CA TRP B 435 5.41 38.32 43.34
C TRP B 435 6.11 38.66 44.65
N ASN B 436 7.29 39.23 44.54
CA ASN B 436 8.00 39.70 45.70
C ASN B 436 8.10 41.22 45.67
N GLN B 437 8.72 41.77 46.70
CA GLN B 437 8.92 43.22 46.81
C GLN B 437 10.30 43.71 46.43
N LEU B 438 11.09 42.84 45.81
CA LEU B 438 12.47 43.15 45.45
C LEU B 438 12.62 44.45 44.66
N SER B 439 13.77 45.10 44.85
CA SER B 439 14.03 46.41 44.33
C SER B 439 15.42 46.42 43.72
N GLY B 440 15.83 47.55 43.18
CA GLY B 440 17.12 47.65 42.53
C GLY B 440 17.02 47.32 41.06
N THR B 441 18.15 46.95 40.47
CA THR B 441 18.24 46.76 39.04
C THR B 441 18.57 45.32 38.71
N ILE B 442 17.98 44.80 37.64
CA ILE B 442 18.24 43.43 37.25
C ILE B 442 19.72 43.32 36.89
N PRO B 443 20.49 42.56 37.68
CA PRO B 443 21.94 42.44 37.50
C PRO B 443 22.29 41.85 36.14
N PRO B 444 23.23 42.50 35.44
CA PRO B 444 23.69 42.03 34.13
C PRO B 444 24.34 40.64 34.15
N TRP B 445 24.71 40.11 35.30
CA TRP B 445 25.42 38.82 35.30
C TRP B 445 24.49 37.63 35.13
N LEU B 446 23.18 37.86 35.16
CA LEU B 446 22.23 36.77 34.90
C LEU B 446 22.48 36.14 33.54
N GLY B 447 22.85 36.98 32.56
CA GLY B 447 23.02 36.55 31.18
C GLY B 447 24.11 35.52 31.02
N SER B 448 24.86 35.33 32.10
CA SER B 448 26.02 34.46 32.12
C SER B 448 25.64 33.09 32.63
N LEU B 449 24.36 32.88 32.89
CA LEU B 449 23.87 31.58 33.31
C LEU B 449 23.51 30.81 32.05
N ASN B 450 24.33 29.80 31.73
CA ASN B 450 24.28 29.20 30.40
C ASN B 450 23.17 28.18 30.23
N SER B 451 22.68 27.65 31.34
CA SER B 451 21.61 26.66 31.31
C SER B 451 20.24 27.27 31.56
N LEU B 452 20.17 28.58 31.69
CA LEU B 452 18.94 29.18 32.20
C LEU B 452 17.97 29.45 31.05
N PHE B 453 16.90 28.65 30.99
CA PHE B 453 15.87 28.84 29.97
C PHE B 453 14.58 29.46 30.47
N TYR B 454 14.46 29.65 31.78
CA TYR B 454 13.21 30.16 32.36
C TYR B 454 13.47 31.14 33.51
N LEU B 455 12.92 32.35 33.38
CA LEU B 455 13.27 33.44 34.31
C LEU B 455 12.03 34.23 34.72
N ASP B 456 11.69 34.20 36.01
CA ASP B 456 10.52 34.97 36.45
C ASP B 456 10.90 36.06 37.44
N LEU B 457 10.98 37.30 36.95
CA LEU B 457 11.19 38.45 37.82
C LEU B 457 9.91 39.24 37.99
N SER B 458 8.84 38.72 37.40
CA SER B 458 7.58 39.44 37.31
C SER B 458 7.08 40.00 38.66
N ASN B 459 6.45 41.18 38.62
CA ASN B 459 5.74 41.70 39.78
C ASN B 459 6.62 41.89 41.01
N ASN B 460 7.56 42.80 40.85
CA ASN B 460 8.47 43.24 41.90
C ASN B 460 8.51 44.74 41.71
N THR B 461 9.45 45.40 42.35
CA THR B 461 9.60 46.83 42.16
C THR B 461 10.72 47.25 41.21
N PHE B 462 11.36 46.29 40.54
CA PHE B 462 12.61 46.51 39.81
C PHE B 462 12.63 47.74 38.94
N ILE B 463 13.77 48.40 38.91
CA ILE B 463 13.92 49.66 38.18
C ILE B 463 15.11 49.62 37.26
N GLY B 464 15.17 50.57 36.35
CA GLY B 464 16.31 50.69 35.45
C GLY B 464 16.15 50.07 34.08
N GLU B 465 17.28 49.92 33.42
CA GLU B 465 17.35 49.30 32.11
C GLU B 465 17.21 47.80 32.24
N ILE B 466 16.61 47.18 31.23
CA ILE B 466 16.72 45.76 31.01
C ILE B 466 18.18 45.51 30.68
N PRO B 467 18.83 44.60 31.41
CA PRO B 467 20.23 44.31 31.13
C PRO B 467 20.40 43.77 29.72
N HIS B 468 21.52 44.12 29.09
CA HIS B 468 21.79 43.68 27.74
C HIS B 468 22.14 42.20 27.65
N SER B 469 22.57 41.61 28.76
CA SER B 469 23.11 40.27 28.71
C SER B 469 22.06 39.15 28.58
N LEU B 470 20.79 39.48 28.80
CA LEU B 470 19.72 38.49 28.71
C LEU B 470 19.58 38.06 27.25
N THR B 471 19.78 39.03 26.39
CA THR B 471 19.89 38.88 24.96
C THR B 471 20.86 37.77 24.59
N SER B 472 21.88 37.58 25.40
CA SER B 472 22.93 36.63 25.08
C SER B 472 22.74 35.27 25.75
N LEU B 473 21.61 35.07 26.42
CA LEU B 473 21.44 33.84 27.19
C LEU B 473 21.58 32.58 26.33
N GLN B 474 22.55 31.76 26.70
CA GLN B 474 23.07 30.72 25.83
C GLN B 474 22.05 29.61 25.52
N SER B 475 21.28 29.22 26.53
CA SER B 475 20.21 28.25 26.36
C SER B 475 18.98 28.83 25.67
N LEU B 476 18.84 30.16 25.69
CA LEU B 476 17.73 30.80 25.01
C LEU B 476 18.11 31.20 23.59
N VAL B 477 19.38 30.98 23.25
CA VAL B 477 19.88 31.26 21.91
C VAL B 477 19.75 30.01 21.03
N SER B 478 20.42 28.94 21.44
CA SER B 478 20.44 27.71 20.68
C SER B 478 19.93 26.54 21.54
N LYS B 479 19.39 25.51 20.89
CA LYS B 479 18.99 24.32 21.61
C LYS B 479 20.07 23.25 21.44
N PRO B 488 13.30 10.33 39.88
CA PRO B 488 12.17 10.65 40.77
C PRO B 488 11.45 11.86 40.23
N ASP B 489 10.24 12.12 40.71
CA ASP B 489 9.49 13.27 40.21
C ASP B 489 8.49 13.88 41.20
N PHE B 490 8.42 15.21 41.22
CA PHE B 490 7.21 15.88 41.68
C PHE B 490 6.86 17.12 40.84
N PRO B 491 5.57 17.32 40.61
CA PRO B 491 5.07 18.37 39.72
C PRO B 491 5.22 19.76 40.27
N PHE B 492 5.34 20.72 39.37
CA PHE B 492 5.17 22.14 39.66
C PHE B 492 3.86 22.63 39.06
N PHE B 493 3.04 23.29 39.82
CA PHE B 493 1.90 24.00 39.29
C PHE B 493 2.15 25.49 39.09
N LYS B 494 1.78 26.03 37.96
CA LYS B 494 1.80 27.45 37.72
C LYS B 494 0.40 28.03 37.75
N LYS B 495 0.10 28.73 38.84
CA LYS B 495 -1.18 29.33 39.22
C LYS B 495 -2.25 29.59 38.17
N GLY B 502 -4.99 25.86 38.44
CA GLY B 502 -3.94 26.03 37.47
C GLY B 502 -3.44 24.73 36.81
N LEU B 503 -2.62 24.89 35.78
CA LEU B 503 -2.03 23.77 35.04
C LEU B 503 -0.77 23.19 35.71
N GLN B 504 -0.62 21.87 35.60
CA GLN B 504 0.50 21.11 36.16
C GLN B 504 1.63 20.88 35.15
N TYR B 505 2.88 20.98 35.63
CA TYR B 505 4.06 20.79 34.80
C TYR B 505 4.92 19.75 35.48
N ASN B 506 5.31 18.70 34.75
CA ASN B 506 5.93 17.53 35.38
C ASN B 506 7.40 17.68 35.68
N GLN B 507 8.03 18.67 35.07
CA GLN B 507 9.45 18.88 35.20
C GLN B 507 9.86 20.13 34.45
N PRO B 508 11.00 20.73 34.83
CA PRO B 508 11.29 22.06 34.32
C PRO B 508 11.41 22.13 32.79
N SER B 509 11.75 21.02 32.14
CA SER B 509 11.73 21.01 30.68
C SER B 509 10.33 21.29 30.10
N SER B 510 9.28 21.09 30.89
CA SER B 510 7.92 21.31 30.43
C SER B 510 7.51 22.78 30.29
N PHE B 511 8.15 23.68 31.03
CA PHE B 511 7.76 25.08 30.93
C PHE B 511 8.24 25.68 29.61
N PRO B 512 7.35 26.36 28.87
CA PRO B 512 7.86 27.06 27.68
C PRO B 512 8.92 28.03 28.12
N PRO B 513 10.08 28.02 27.45
CA PRO B 513 11.15 28.96 27.81
C PRO B 513 10.63 30.39 27.84
N MET B 514 10.91 31.06 28.96
CA MET B 514 10.31 32.34 29.28
C MET B 514 11.31 33.37 29.76
N ILE B 515 11.01 34.65 29.48
CA ILE B 515 11.55 35.78 30.24
C ILE B 515 10.39 36.67 30.66
N ASP B 516 10.09 36.70 31.97
CA ASP B 516 8.99 37.52 32.46
C ASP B 516 9.51 38.62 33.38
N LEU B 517 9.57 39.83 32.82
CA LEU B 517 9.94 41.08 33.51
C LEU B 517 8.73 41.96 33.79
N SER B 518 7.53 41.45 33.55
CA SER B 518 6.34 42.29 33.61
C SER B 518 6.03 42.78 35.03
N TYR B 519 5.24 43.84 35.12
CA TYR B 519 4.84 44.46 36.40
C TYR B 519 6.01 44.94 37.30
N ASN B 520 6.78 45.90 36.79
CA ASN B 520 7.89 46.50 37.51
C ASN B 520 8.01 47.96 37.13
N SER B 521 9.14 48.56 37.48
CA SER B 521 9.46 49.94 37.10
C SER B 521 10.44 50.10 35.96
N LEU B 522 10.77 49.01 35.27
CA LEU B 522 11.82 49.02 34.23
C LEU B 522 11.61 50.12 33.21
N ASN B 523 12.71 50.77 32.84
CA ASN B 523 12.65 51.84 31.84
C ASN B 523 13.65 51.66 30.70
N GLY B 524 13.63 52.56 29.75
CA GLY B 524 14.50 52.44 28.60
C GLY B 524 13.87 51.67 27.47
N SER B 525 14.69 51.28 26.50
CA SER B 525 14.18 50.67 25.29
C SER B 525 14.20 49.15 25.35
N ILE B 526 13.71 48.53 24.27
CA ILE B 526 13.81 47.09 24.15
C ILE B 526 14.90 46.80 23.13
N TRP B 527 15.85 45.96 23.50
CA TRP B 527 17.03 45.73 22.68
C TRP B 527 16.73 44.91 21.42
N PRO B 528 17.20 45.39 20.25
CA PRO B 528 17.03 44.66 18.99
C PRO B 528 17.64 43.27 19.06
N GLU B 529 18.70 43.09 19.84
CA GLU B 529 19.38 41.80 19.92
C GLU B 529 18.54 40.67 20.52
N PHE B 530 17.33 40.99 21.01
CA PHE B 530 16.42 39.92 21.43
C PHE B 530 16.12 38.93 20.30
N GLY B 531 16.31 39.39 19.06
CA GLY B 531 16.12 38.55 17.89
C GLY B 531 17.06 37.38 17.82
N ASP B 532 18.09 37.39 18.66
CA ASP B 532 19.06 36.30 18.67
C ASP B 532 18.59 35.14 19.52
N LEU B 533 17.52 35.35 20.29
CA LEU B 533 17.06 34.28 21.15
C LEU B 533 16.02 33.57 20.34
N ARG B 534 16.40 32.42 19.80
CA ARG B 534 15.50 31.69 18.92
C ARG B 534 14.80 30.55 19.63
N GLN B 535 15.18 30.33 20.88
CA GLN B 535 14.60 29.26 21.68
C GLN B 535 13.50 29.75 22.60
N LEU B 536 13.22 31.04 22.54
CA LEU B 536 12.30 31.67 23.48
C LEU B 536 10.87 31.59 23.00
N HIS B 537 10.00 30.96 23.79
CA HIS B 537 8.56 30.93 23.52
C HIS B 537 7.74 32.11 24.06
N VAL B 538 8.09 32.57 25.28
CA VAL B 538 7.35 33.65 25.96
C VAL B 538 8.22 34.87 26.35
N LEU B 539 7.78 36.05 25.94
CA LEU B 539 8.44 37.28 26.35
C LEU B 539 7.42 38.23 26.96
N ASN B 540 7.56 38.49 28.26
CA ASN B 540 6.58 39.33 28.92
C ASN B 540 7.21 40.59 29.54
N LEU B 541 6.99 41.73 28.89
CA LEU B 541 7.45 43.03 29.36
C LEU B 541 6.34 43.95 29.87
N LYS B 542 5.11 43.45 29.90
CA LYS B 542 3.94 44.29 30.19
C LYS B 542 3.98 45.01 31.55
N ASN B 543 3.41 46.21 31.60
CA ASN B 543 3.39 47.07 32.79
C ASN B 543 4.76 47.47 33.34
N ASN B 544 5.41 48.32 32.57
CA ASN B 544 6.66 48.92 32.92
C ASN B 544 6.66 50.27 32.23
N ASN B 545 7.78 50.97 32.30
CA ASN B 545 7.93 52.29 31.70
C ASN B 545 8.65 52.34 30.33
N LEU B 546 8.86 51.18 29.72
CA LEU B 546 9.67 51.05 28.52
C LEU B 546 9.27 52.00 27.39
N SER B 547 10.25 52.48 26.63
CA SER B 547 9.99 53.47 25.58
C SER B 547 10.88 53.27 24.34
N GLY B 548 10.73 54.14 23.35
CA GLY B 548 11.42 53.98 22.08
C GLY B 548 10.58 53.25 21.05
N ASN B 549 11.25 52.63 20.09
CA ASN B 549 10.57 51.95 18.98
C ASN B 549 10.70 50.43 19.05
N ILE B 550 9.58 49.70 18.95
CA ILE B 550 9.63 48.24 18.89
C ILE B 550 10.49 47.80 17.73
N PRO B 551 11.57 47.07 18.01
CA PRO B 551 12.53 46.69 16.98
C PRO B 551 11.91 45.78 15.93
N ALA B 552 12.47 45.82 14.75
CA ALA B 552 12.02 44.98 13.70
C ALA B 552 12.80 43.71 13.73
N ASN B 553 13.86 43.73 14.47
CA ASN B 553 14.74 42.57 14.54
C ASN B 553 14.16 41.48 15.46
N LEU B 554 13.05 41.82 16.13
CA LEU B 554 12.33 40.87 16.96
C LEU B 554 11.69 39.78 16.10
N SER B 555 11.67 40.02 14.79
CA SER B 555 11.24 39.01 13.82
C SER B 555 12.19 37.83 13.85
N GLY B 556 13.32 38.01 14.51
CA GLY B 556 14.30 36.95 14.64
C GLY B 556 13.94 35.89 15.64
N MET B 557 12.97 36.16 16.52
CA MET B 557 12.66 35.18 17.57
C MET B 557 11.61 34.29 16.94
N THR B 558 12.02 33.12 16.48
CA THR B 558 11.11 32.34 15.65
C THR B 558 10.28 31.35 16.43
N SER B 559 10.64 31.14 17.68
CA SER B 559 9.90 30.23 18.53
C SER B 559 8.85 30.98 19.33
N LEU B 560 8.76 32.29 19.13
CA LEU B 560 7.88 33.08 19.98
C LEU B 560 6.42 32.68 19.84
N GLU B 561 5.79 32.38 20.98
CA GLU B 561 4.37 32.09 21.05
C GLU B 561 3.63 33.27 21.64
N VAL B 562 4.05 33.68 22.84
CA VAL B 562 3.50 34.84 23.56
C VAL B 562 4.44 36.08 23.50
N LEU B 563 3.89 37.24 23.16
CA LEU B 563 4.63 38.51 23.28
C LEU B 563 3.77 39.60 23.93
N ASP B 564 4.11 40.02 25.14
CA ASP B 564 3.31 41.06 25.81
C ASP B 564 4.14 42.32 26.07
N LEU B 565 3.90 43.34 25.25
CA LEU B 565 4.52 44.65 25.39
C LEU B 565 3.55 45.72 25.89
N SER B 566 2.34 45.31 26.23
CA SER B 566 1.30 46.26 26.61
C SER B 566 1.62 47.04 27.88
N HIS B 567 1.07 48.26 27.98
CA HIS B 567 1.32 49.18 29.09
C HIS B 567 2.78 49.58 29.25
N ASN B 568 3.28 50.32 28.29
CA ASN B 568 4.60 50.92 28.36
C ASN B 568 4.55 52.29 27.65
N ASN B 569 5.71 52.91 27.45
CA ASN B 569 5.80 54.19 26.74
C ASN B 569 6.13 54.02 25.24
N LEU B 570 6.09 52.78 24.77
CA LEU B 570 6.44 52.43 23.39
C LEU B 570 5.73 53.27 22.31
N SER B 571 6.51 53.72 21.32
CA SER B 571 6.04 54.63 20.28
C SER B 571 6.63 54.20 18.93
N GLY B 572 6.12 54.76 17.84
CA GLY B 572 6.54 54.36 16.51
C GLY B 572 5.58 53.37 15.87
N ASN B 573 6.05 52.67 14.85
CA ASN B 573 5.23 51.70 14.12
C ASN B 573 5.54 50.26 14.51
N ILE B 574 4.50 49.46 14.68
CA ILE B 574 4.66 48.01 14.82
C ILE B 574 5.24 47.48 13.52
N PRO B 575 6.46 46.91 13.58
CA PRO B 575 7.18 46.45 12.39
C PRO B 575 6.39 45.46 11.54
N PRO B 576 6.40 45.63 10.22
CA PRO B 576 5.63 44.73 9.37
C PRO B 576 6.19 43.33 9.48
N SER B 577 7.50 43.26 9.72
CA SER B 577 8.21 42.01 9.75
C SER B 577 7.73 41.05 10.85
N LEU B 578 6.83 41.51 11.73
CA LEU B 578 6.36 40.63 12.79
C LEU B 578 5.50 39.48 12.23
N VAL B 579 5.04 39.64 10.99
CA VAL B 579 4.31 38.59 10.27
C VAL B 579 5.18 37.35 10.04
N LYS B 580 6.48 37.47 10.29
CA LYS B 580 7.40 36.36 10.14
C LYS B 580 7.46 35.45 11.37
N LEU B 581 6.67 35.74 12.39
CA LEU B 581 6.64 34.83 13.54
C LEU B 581 5.38 33.97 13.46
N SER B 582 5.55 32.72 13.06
CA SER B 582 4.44 31.86 12.68
C SER B 582 3.76 31.26 13.90
N PHE B 583 4.55 31.02 14.94
CA PHE B 583 4.05 30.40 16.13
C PHE B 583 3.36 31.41 17.05
N LEU B 584 3.40 32.68 16.69
CA LEU B 584 2.91 33.71 17.59
C LEU B 584 1.41 33.66 17.71
N SER B 585 0.93 33.43 18.92
CA SER B 585 -0.49 33.24 19.17
C SER B 585 -1.06 34.35 20.06
N THR B 586 -0.47 34.52 21.23
CA THR B 586 -0.85 35.58 22.16
C THR B 586 0.00 36.84 22.02
N PHE B 587 -0.64 37.97 21.73
CA PHE B 587 0.05 39.23 21.43
C PHE B 587 -0.69 40.47 21.99
N SER B 588 0.01 41.35 22.71
CA SER B 588 -0.58 42.65 23.10
C SER B 588 0.38 43.83 23.05
N VAL B 589 0.07 44.85 22.25
CA VAL B 589 0.69 46.19 22.37
C VAL B 589 -0.19 47.25 23.05
N ALA B 590 -1.30 46.89 23.63
CA ALA B 590 -2.28 47.86 24.05
C ALA B 590 -1.79 48.86 25.08
N TYR B 591 -2.30 50.08 24.98
CA TYR B 591 -1.88 51.20 25.83
C TYR B 591 -0.40 51.57 25.68
N ASN B 592 -0.06 52.10 24.52
CA ASN B 592 1.25 52.65 24.25
C ASN B 592 1.11 53.90 23.38
N LYS B 593 2.24 54.45 22.92
CA LYS B 593 2.23 55.65 22.07
C LYS B 593 2.34 55.31 20.60
N LEU B 594 2.28 54.01 20.29
CA LEU B 594 2.35 53.51 18.92
C LEU B 594 1.32 54.12 17.98
N SER B 595 1.72 54.31 16.74
CA SER B 595 0.81 54.76 15.68
C SER B 595 1.07 53.92 14.44
N GLY B 596 0.36 54.22 13.36
CA GLY B 596 0.64 53.57 12.10
C GLY B 596 -0.32 52.46 11.75
N PRO B 597 -0.03 51.73 10.66
CA PRO B 597 -0.82 50.58 10.26
C PRO B 597 -0.56 49.34 11.11
N ILE B 598 -1.61 48.57 11.36
CA ILE B 598 -1.47 47.28 12.02
C ILE B 598 -1.19 46.20 10.98
N PRO B 599 -0.18 45.33 11.24
CA PRO B 599 0.23 44.25 10.33
C PRO B 599 -0.93 43.36 9.83
N THR B 600 -0.81 42.90 8.58
CA THR B 600 -1.86 42.10 7.94
C THR B 600 -1.71 40.58 8.02
N GLY B 601 -0.56 40.08 8.46
CA GLY B 601 -0.25 38.65 8.37
C GLY B 601 -1.23 37.68 9.00
N VAL B 602 -1.06 36.40 8.73
CA VAL B 602 -2.03 35.39 9.11
C VAL B 602 -2.30 35.29 10.57
N GLN B 603 -1.26 35.40 11.36
CA GLN B 603 -1.41 35.38 12.81
C GLN B 603 -2.07 36.67 13.30
N PHE B 604 -1.60 37.82 12.79
CA PHE B 604 -2.13 39.11 13.20
C PHE B 604 -3.64 39.28 13.05
N GLN B 605 -4.24 38.54 12.12
CA GLN B 605 -5.67 38.64 11.92
C GLN B 605 -6.41 37.74 12.90
N THR B 606 -5.67 36.85 13.54
CA THR B 606 -6.25 35.99 14.57
C THR B 606 -6.26 36.65 15.94
N PHE B 607 -5.67 37.85 16.03
CA PHE B 607 -5.60 38.61 17.28
C PHE B 607 -6.84 39.45 17.47
N PRO B 608 -7.27 39.64 18.73
CA PRO B 608 -8.44 40.48 19.03
C PRO B 608 -8.15 41.98 18.93
N ASN B 609 -9.19 42.78 18.75
CA ASN B 609 -9.04 44.22 18.71
C ASN B 609 -8.40 44.76 19.98
N SER B 610 -8.74 44.14 21.10
CA SER B 610 -8.32 44.59 22.43
C SER B 610 -6.81 44.63 22.61
N SER B 611 -6.08 43.94 21.76
CA SER B 611 -4.64 43.93 21.91
C SER B 611 -3.96 45.05 21.11
N PHE B 612 -4.74 45.78 20.33
CA PHE B 612 -4.30 47.06 19.77
C PHE B 612 -4.92 48.30 20.40
N GLU B 613 -5.84 48.10 21.34
CA GLU B 613 -6.56 49.24 21.92
C GLU B 613 -5.64 50.21 22.70
N GLY B 614 -6.04 51.47 22.78
CA GLY B 614 -5.25 52.47 23.47
C GLY B 614 -3.99 52.93 22.74
N ASN B 615 -4.13 53.18 21.46
CA ASN B 615 -3.07 53.76 20.65
C ASN B 615 -3.60 54.71 19.60
N GLN B 616 -2.74 55.04 18.64
CA GLN B 616 -3.05 56.00 17.59
C GLN B 616 -2.87 55.37 16.20
N GLY B 617 -2.67 54.06 16.17
CA GLY B 617 -2.65 53.27 14.96
C GLY B 617 -4.02 53.07 14.40
N LEU B 618 -4.12 53.02 13.09
CA LEU B 618 -5.39 52.84 12.39
C LEU B 618 -5.71 51.40 12.04
N CYS B 619 -6.77 51.20 11.26
CA CYS B 619 -6.93 50.10 10.32
C CYS B 619 -7.06 48.61 10.71
N GLY B 620 -7.56 48.33 11.91
CA GLY B 620 -7.65 46.95 12.37
C GLY B 620 -7.67 46.80 13.87
N ASN C 30 3.38 -8.96 -32.19
CA ASN C 30 4.35 -9.37 -31.17
C ASN C 30 4.60 -8.34 -30.06
N MET C 31 4.66 -7.06 -30.42
CA MET C 31 4.65 -5.98 -29.44
C MET C 31 3.21 -5.78 -28.95
N GLU C 32 2.26 -6.01 -29.84
CA GLU C 32 0.83 -6.01 -29.48
C GLU C 32 0.50 -7.16 -28.51
N GLY C 33 1.10 -8.32 -28.76
CA GLY C 33 1.01 -9.43 -27.83
C GLY C 33 1.56 -9.02 -26.48
N ASP C 34 2.69 -8.30 -26.51
CA ASP C 34 3.28 -7.82 -25.26
C ASP C 34 2.36 -6.85 -24.54
N ALA C 35 1.71 -5.97 -25.31
CA ALA C 35 0.80 -4.99 -24.72
C ALA C 35 -0.34 -5.70 -24.03
N LEU C 36 -1.04 -6.55 -24.78
CA LEU C 36 -2.16 -7.27 -24.20
C LEU C 36 -1.74 -8.22 -23.07
N HIS C 37 -0.51 -8.70 -23.11
CA HIS C 37 -0.10 -9.54 -21.99
C HIS C 37 0.13 -8.69 -20.75
N SER C 38 0.71 -7.51 -20.95
CA SER C 38 0.80 -6.52 -19.88
C SER C 38 -0.60 -6.29 -19.27
N LEU C 39 -1.60 -6.15 -20.13
CA LEU C 39 -2.95 -6.02 -19.62
C LEU C 39 -3.36 -7.25 -18.81
N ARG C 40 -3.01 -8.44 -19.31
CA ARG C 40 -3.37 -9.66 -18.62
C ARG C 40 -2.75 -9.77 -17.21
N ALA C 41 -1.48 -9.43 -17.09
CA ALA C 41 -0.81 -9.55 -15.81
C ALA C 41 -1.44 -8.59 -14.81
N ASN C 42 -2.11 -7.56 -15.33
CA ASN C 42 -2.78 -6.60 -14.47
C ASN C 42 -4.25 -6.85 -14.18
N LEU C 43 -4.86 -7.81 -14.87
CA LEU C 43 -6.27 -8.08 -14.59
C LEU C 43 -6.44 -9.26 -13.65
N VAL C 44 -7.68 -9.51 -13.26
CA VAL C 44 -8.01 -10.61 -12.37
C VAL C 44 -9.11 -11.44 -13.00
N ASP C 45 -8.82 -12.72 -13.23
CA ASP C 45 -9.59 -13.52 -14.15
C ASP C 45 -10.02 -14.86 -13.54
N PRO C 46 -11.00 -14.83 -12.64
CA PRO C 46 -11.46 -16.04 -11.95
C PRO C 46 -12.03 -17.09 -12.90
N ASN C 47 -12.57 -16.67 -14.03
CA ASN C 47 -13.13 -17.61 -15.02
C ASN C 47 -12.20 -18.05 -16.15
N ASN C 48 -10.93 -17.65 -16.09
CA ASN C 48 -9.97 -18.07 -17.10
C ASN C 48 -10.28 -17.70 -18.55
N VAL C 49 -10.92 -16.56 -18.78
CA VAL C 49 -11.18 -16.13 -20.15
C VAL C 49 -9.89 -15.71 -20.87
N LEU C 50 -8.84 -15.45 -20.11
CA LEU C 50 -7.56 -15.05 -20.69
C LEU C 50 -6.56 -16.20 -20.78
N GLN C 51 -7.02 -17.38 -20.37
CA GLN C 51 -6.17 -18.58 -20.32
C GLN C 51 -5.44 -18.89 -21.63
N SER C 52 -6.05 -18.53 -22.75
CA SER C 52 -5.49 -18.78 -24.05
C SER C 52 -4.45 -17.76 -24.45
N TRP C 53 -4.23 -16.73 -23.62
CA TRP C 53 -3.38 -15.62 -24.03
C TRP C 53 -1.95 -15.96 -23.64
N ASP C 54 -1.15 -16.38 -24.62
CA ASP C 54 0.20 -16.90 -24.33
C ASP C 54 1.28 -16.03 -24.97
N PRO C 55 2.05 -15.35 -24.12
CA PRO C 55 3.01 -14.32 -24.54
C PRO C 55 4.13 -14.86 -25.42
N THR C 56 4.34 -16.17 -25.44
CA THR C 56 5.43 -16.72 -26.23
C THR C 56 5.10 -16.79 -27.72
N LEU C 57 3.83 -16.54 -28.06
CA LEU C 57 3.40 -16.64 -29.46
C LEU C 57 3.89 -15.45 -30.27
N VAL C 58 4.12 -15.65 -31.56
CA VAL C 58 4.66 -14.61 -32.42
C VAL C 58 3.69 -13.41 -32.54
N ASN C 59 2.39 -13.66 -32.39
CA ASN C 59 1.43 -12.56 -32.27
C ASN C 59 0.24 -13.09 -31.51
N PRO C 60 -0.71 -12.20 -31.12
CA PRO C 60 -1.88 -12.72 -30.42
C PRO C 60 -3.18 -12.92 -31.24
N CYS C 61 -3.11 -13.38 -32.47
CA CYS C 61 -4.34 -13.41 -33.31
C CYS C 61 -5.23 -14.62 -32.99
N THR C 62 -4.57 -15.70 -32.58
CA THR C 62 -5.21 -16.90 -32.14
C THR C 62 -5.69 -16.85 -30.68
N TRP C 63 -5.36 -15.77 -29.97
CA TRP C 63 -5.82 -15.60 -28.58
C TRP C 63 -7.34 -15.43 -28.61
N PHE C 64 -8.05 -16.05 -27.67
CA PHE C 64 -9.49 -15.90 -27.63
C PHE C 64 -9.82 -14.46 -27.29
N HIS C 65 -10.90 -13.95 -27.85
CA HIS C 65 -11.43 -12.64 -27.53
C HIS C 65 -10.68 -11.54 -28.21
N VAL C 66 -9.64 -11.90 -28.96
CA VAL C 66 -8.95 -10.93 -29.77
C VAL C 66 -9.21 -11.21 -31.24
N THR C 67 -9.50 -10.18 -32.00
CA THR C 67 -9.63 -10.32 -33.44
C THR C 67 -8.55 -9.52 -34.12
N CYS C 68 -7.99 -10.03 -35.22
CA CYS C 68 -6.94 -9.33 -35.92
C CYS C 68 -7.45 -9.09 -37.30
N ASN C 69 -6.87 -8.15 -38.03
CA ASN C 69 -7.19 -8.03 -39.45
C ASN C 69 -6.33 -8.97 -40.27
N ASN C 70 -6.46 -8.89 -41.59
CA ASN C 70 -5.72 -9.77 -42.49
C ASN C 70 -4.21 -9.59 -42.46
N GLU C 71 -3.74 -8.43 -42.02
CA GLU C 71 -2.30 -8.19 -41.88
C GLU C 71 -1.86 -8.63 -40.47
N ASN C 72 -2.77 -9.28 -39.76
CA ASN C 72 -2.53 -9.81 -38.42
C ASN C 72 -2.25 -8.79 -37.33
N SER C 73 -3.01 -7.69 -37.36
CA SER C 73 -2.91 -6.61 -36.38
C SER C 73 -4.26 -6.51 -35.65
N VAL C 74 -4.22 -6.33 -34.32
CA VAL C 74 -5.44 -6.44 -33.51
C VAL C 74 -6.40 -5.31 -33.82
N ILE C 75 -7.60 -5.64 -34.31
CA ILE C 75 -8.64 -4.64 -34.46
C ILE C 75 -9.78 -4.72 -33.45
N ARG C 76 -9.83 -5.75 -32.64
CA ARG C 76 -10.91 -5.89 -31.66
C ARG C 76 -10.43 -6.61 -30.39
N VAL C 77 -10.95 -6.18 -29.26
CA VAL C 77 -10.83 -6.92 -28.03
C VAL C 77 -12.22 -6.90 -27.44
N ASP C 78 -12.87 -8.04 -27.31
CA ASP C 78 -14.18 -8.01 -26.69
C ASP C 78 -14.14 -8.79 -25.39
N LEU C 79 -14.00 -8.05 -24.30
CA LEU C 79 -14.00 -8.60 -22.95
C LEU C 79 -15.26 -8.34 -22.11
N GLY C 80 -16.30 -7.78 -22.71
CA GLY C 80 -17.51 -7.44 -21.99
C GLY C 80 -18.07 -8.56 -21.13
N ASN C 81 -18.52 -8.18 -19.93
CA ASN C 81 -19.21 -9.09 -19.01
C ASN C 81 -18.43 -10.36 -18.72
N ALA C 82 -17.12 -10.21 -18.49
CA ALA C 82 -16.20 -11.32 -18.26
C ALA C 82 -15.83 -11.65 -16.81
N ASP C 83 -16.47 -10.96 -15.85
CA ASP C 83 -16.11 -11.07 -14.44
C ASP C 83 -14.66 -10.65 -14.14
N LEU C 84 -14.11 -9.78 -14.98
CA LEU C 84 -12.73 -9.34 -14.79
C LEU C 84 -12.60 -8.26 -13.72
N SER C 85 -11.52 -8.32 -12.97
CA SER C 85 -11.18 -7.33 -11.95
C SER C 85 -9.78 -6.87 -12.26
N GLY C 86 -9.19 -6.09 -11.37
CA GLY C 86 -7.87 -5.54 -11.64
C GLY C 86 -7.96 -4.18 -12.29
N GLN C 87 -6.97 -3.85 -13.10
CA GLN C 87 -6.83 -2.50 -13.63
C GLN C 87 -6.28 -2.49 -15.03
N LEU C 88 -6.49 -1.39 -15.74
CA LEU C 88 -5.91 -1.23 -17.06
C LEU C 88 -4.43 -0.94 -16.97
N VAL C 89 -3.81 -0.84 -18.13
CA VAL C 89 -2.39 -0.56 -18.23
C VAL C 89 -2.20 0.41 -19.39
N PRO C 90 -1.20 1.30 -19.28
CA PRO C 90 -0.86 2.22 -20.37
C PRO C 90 -0.56 1.48 -21.68
N GLN C 91 0.01 0.27 -21.61
CA GLN C 91 0.46 -0.46 -22.81
C GLN C 91 -0.68 -0.69 -23.79
N LEU C 92 -1.91 -0.60 -23.30
CA LEU C 92 -3.09 -0.65 -24.15
C LEU C 92 -2.95 0.32 -25.30
N GLY C 93 -2.28 1.45 -25.05
CA GLY C 93 -2.15 2.51 -26.04
C GLY C 93 -1.37 2.11 -27.28
N GLN C 94 -0.70 0.97 -27.19
CA GLN C 94 0.19 0.47 -28.25
C GLN C 94 -0.50 -0.30 -29.39
N LEU C 95 -1.82 -0.42 -29.38
CA LEU C 95 -2.45 -1.17 -30.44
C LEU C 95 -2.99 -0.20 -31.47
N LYS C 96 -2.19 0.00 -32.52
CA LYS C 96 -2.32 1.15 -33.40
C LYS C 96 -3.53 1.01 -34.29
N ASN C 97 -3.93 -0.23 -34.55
CA ASN C 97 -5.09 -0.52 -35.38
C ASN C 97 -6.39 -0.86 -34.64
N LEU C 98 -6.35 -0.84 -33.32
CA LEU C 98 -7.53 -1.15 -32.52
C LEU C 98 -8.73 -0.29 -32.92
N GLN C 99 -9.88 -0.93 -33.03
CA GLN C 99 -11.15 -0.30 -33.43
C GLN C 99 -12.20 -0.40 -32.33
N TYR C 100 -12.46 -1.61 -31.86
CA TYR C 100 -13.43 -1.77 -30.80
C TYR C 100 -12.75 -2.27 -29.53
N LEU C 101 -12.86 -1.49 -28.46
CA LEU C 101 -12.41 -1.95 -27.17
C LEU C 101 -13.67 -2.05 -26.30
N GLU C 102 -14.08 -3.28 -26.02
CA GLU C 102 -15.29 -3.47 -25.22
C GLU C 102 -14.84 -4.11 -23.92
N LEU C 103 -14.76 -3.29 -22.87
CA LEU C 103 -14.45 -3.76 -21.54
C LEU C 103 -15.60 -3.71 -20.56
N TYR C 104 -16.76 -3.34 -21.04
CA TYR C 104 -17.88 -2.96 -20.18
C TYR C 104 -18.38 -4.10 -19.28
N SER C 105 -19.13 -3.75 -18.25
CA SER C 105 -19.76 -4.72 -17.35
C SER C 105 -18.82 -5.64 -16.61
N ASN C 106 -17.70 -5.10 -16.16
CA ASN C 106 -16.78 -5.86 -15.36
C ASN C 106 -16.54 -5.14 -14.04
N ASN C 107 -15.60 -5.63 -13.25
CA ASN C 107 -15.13 -4.95 -12.04
C ASN C 107 -13.81 -4.14 -12.09
N ILE C 108 -13.27 -3.91 -13.28
CA ILE C 108 -11.98 -3.22 -13.43
C ILE C 108 -11.97 -1.89 -12.70
N THR C 109 -10.87 -1.59 -12.01
CA THR C 109 -10.78 -0.38 -11.18
C THR C 109 -9.61 0.49 -11.60
N GLY C 110 -9.35 1.55 -10.84
CA GLY C 110 -8.23 2.42 -11.14
C GLY C 110 -8.59 3.47 -12.16
N PRO C 111 -7.57 4.14 -12.72
CA PRO C 111 -7.68 5.23 -13.69
C PRO C 111 -7.90 4.77 -15.15
N VAL C 112 -8.48 5.65 -15.98
CA VAL C 112 -8.50 5.46 -17.42
C VAL C 112 -7.20 6.02 -17.98
N PRO C 113 -6.35 5.16 -18.53
CA PRO C 113 -5.03 5.61 -18.96
C PRO C 113 -5.11 6.68 -20.05
N SER C 114 -4.24 7.69 -20.00
CA SER C 114 -4.15 8.68 -21.06
C SER C 114 -3.68 8.06 -22.37
N ASP C 115 -2.93 6.97 -22.28
CA ASP C 115 -2.37 6.36 -23.48
C ASP C 115 -3.45 5.88 -24.45
N LEU C 116 -4.65 5.64 -23.94
CA LEU C 116 -5.81 5.31 -24.77
C LEU C 116 -6.02 6.30 -25.90
N GLY C 117 -5.57 7.54 -25.69
CA GLY C 117 -5.65 8.56 -26.70
C GLY C 117 -4.74 8.30 -27.87
N ASN C 118 -3.82 7.34 -27.72
CA ASN C 118 -2.90 6.99 -28.81
C ASN C 118 -3.55 6.04 -29.82
N LEU C 119 -4.81 5.67 -29.57
CA LEU C 119 -5.46 4.77 -30.50
C LEU C 119 -6.33 5.59 -31.41
N THR C 120 -5.80 5.86 -32.60
CA THR C 120 -6.47 6.78 -33.53
C THR C 120 -7.59 6.07 -34.25
N ASN C 121 -7.50 4.76 -34.36
CA ASN C 121 -8.47 4.04 -35.17
C ASN C 121 -9.72 3.57 -34.40
N LEU C 122 -9.77 3.85 -33.10
CA LEU C 122 -10.89 3.42 -32.26
C LEU C 122 -12.23 4.04 -32.68
N VAL C 123 -13.23 3.23 -33.00
CA VAL C 123 -14.58 3.75 -33.15
C VAL C 123 -15.50 3.48 -31.94
N SER C 124 -15.10 2.57 -31.07
CA SER C 124 -15.89 2.30 -29.87
C SER C 124 -15.03 2.05 -28.66
N LEU C 125 -15.27 2.81 -27.61
CA LEU C 125 -14.63 2.57 -26.33
C LEU C 125 -15.69 2.33 -25.27
N ASP C 126 -15.85 1.09 -24.82
CA ASP C 126 -16.86 0.85 -23.79
C ASP C 126 -16.23 0.38 -22.51
N LEU C 127 -16.16 1.32 -21.56
CA LEU C 127 -15.69 1.10 -20.19
C LEU C 127 -16.81 1.10 -19.17
N TYR C 128 -18.05 1.24 -19.61
CA TYR C 128 -19.18 1.44 -18.71
C TYR C 128 -19.43 0.24 -17.81
N LEU C 129 -20.15 0.47 -16.72
CA LEU C 129 -20.48 -0.59 -15.75
C LEU C 129 -19.22 -1.25 -15.20
N ASN C 130 -18.27 -0.41 -14.84
CA ASN C 130 -17.06 -0.85 -14.18
C ASN C 130 -16.88 0.00 -12.92
N SER C 131 -15.74 -0.18 -12.24
CA SER C 131 -15.34 0.60 -11.07
C SER C 131 -14.34 1.76 -11.26
N PHE C 132 -14.06 2.18 -12.49
CA PHE C 132 -13.03 3.19 -12.74
C PHE C 132 -13.19 4.46 -11.88
N THR C 133 -12.07 5.02 -11.44
CA THR C 133 -12.05 6.27 -10.68
C THR C 133 -11.11 7.25 -11.36
N GLY C 134 -10.93 8.41 -10.73
CA GLY C 134 -10.05 9.43 -11.29
C GLY C 134 -10.74 10.19 -12.41
N PRO C 135 -9.98 11.02 -13.13
CA PRO C 135 -10.62 11.84 -14.15
C PRO C 135 -10.60 11.19 -15.51
N ILE C 136 -11.20 11.87 -16.48
CA ILE C 136 -11.19 11.47 -17.87
C ILE C 136 -10.04 12.12 -18.63
N PRO C 137 -9.14 11.30 -19.20
CA PRO C 137 -7.99 11.81 -19.96
C PRO C 137 -8.42 12.80 -21.03
N ASP C 138 -7.68 13.89 -21.18
CA ASP C 138 -7.93 14.88 -22.22
C ASP C 138 -7.54 14.35 -23.59
N SER C 139 -6.69 13.33 -23.58
CA SER C 139 -6.19 12.69 -24.79
C SER C 139 -7.31 11.98 -25.54
N LEU C 140 -8.40 11.66 -24.85
CA LEU C 140 -9.55 10.98 -25.46
C LEU C 140 -10.11 11.78 -26.63
N GLY C 141 -9.82 13.07 -26.65
CA GLY C 141 -10.26 13.93 -27.73
C GLY C 141 -9.39 13.84 -28.96
N LYS C 142 -8.41 12.95 -28.94
CA LYS C 142 -7.59 12.72 -30.13
C LYS C 142 -8.13 11.58 -30.99
N LEU C 143 -9.25 10.99 -30.58
CA LEU C 143 -9.83 9.92 -31.35
C LEU C 143 -10.85 10.53 -32.27
N PHE C 144 -10.49 10.68 -33.54
CA PHE C 144 -11.34 11.44 -34.45
C PHE C 144 -12.32 10.58 -35.22
N LYS C 145 -12.13 9.27 -35.12
CA LYS C 145 -13.04 8.31 -35.74
C LYS C 145 -14.05 7.72 -34.76
N LEU C 146 -14.02 8.17 -33.51
CA LEU C 146 -14.78 7.48 -32.46
C LEU C 146 -16.28 7.69 -32.65
N ARG C 147 -17.01 6.59 -32.86
CA ARG C 147 -18.48 6.63 -32.89
C ARG C 147 -19.12 6.51 -31.50
N PHE C 148 -18.57 5.63 -30.68
CA PHE C 148 -19.18 5.29 -29.40
C PHE C 148 -18.26 5.55 -28.22
N LEU C 149 -18.66 6.45 -27.34
CA LEU C 149 -17.95 6.62 -26.07
C LEU C 149 -18.93 6.38 -24.94
N ARG C 150 -18.75 5.28 -24.21
CA ARG C 150 -19.58 5.06 -23.04
C ARG C 150 -18.74 4.79 -21.77
N LEU C 151 -18.67 5.82 -20.93
CA LEU C 151 -17.99 5.75 -19.63
C LEU C 151 -18.94 5.68 -18.46
N ASN C 152 -20.23 5.63 -18.76
CA ASN C 152 -21.29 5.78 -17.78
C ASN C 152 -21.20 4.69 -16.72
N ASN C 153 -21.83 4.91 -15.57
CA ASN C 153 -21.82 3.94 -14.48
C ASN C 153 -20.44 3.53 -13.96
N ASN C 154 -19.63 4.52 -13.66
CA ASN C 154 -18.35 4.33 -12.98
C ASN C 154 -18.27 5.26 -11.76
N SER C 155 -17.08 5.35 -11.17
CA SER C 155 -16.78 6.37 -10.16
C SER C 155 -16.02 7.61 -10.68
N LEU C 156 -15.88 7.77 -12.00
CA LEU C 156 -15.06 8.87 -12.55
C LEU C 156 -15.40 10.28 -12.01
N THR C 157 -14.37 11.11 -11.84
CA THR C 157 -14.55 12.43 -11.22
C THR C 157 -13.90 13.55 -12.03
N GLY C 158 -14.19 14.79 -11.63
CA GLY C 158 -13.61 15.94 -12.27
C GLY C 158 -14.37 16.46 -13.47
N PRO C 159 -13.70 17.23 -14.30
CA PRO C 159 -14.30 17.83 -15.47
C PRO C 159 -14.45 17.00 -16.71
N ILE C 160 -15.32 17.47 -17.57
CA ILE C 160 -15.53 16.82 -18.87
C ILE C 160 -14.59 17.42 -19.93
N PRO C 161 -13.66 16.59 -20.48
CA PRO C 161 -12.65 17.18 -21.35
C PRO C 161 -13.29 17.83 -22.56
N MET C 162 -12.94 19.09 -22.80
CA MET C 162 -13.41 19.83 -23.98
C MET C 162 -13.07 19.30 -25.39
N SER C 163 -11.99 18.56 -25.56
CA SER C 163 -11.60 18.09 -26.87
C SER C 163 -12.67 17.20 -27.45
N LEU C 164 -13.42 16.55 -26.60
CA LEU C 164 -14.52 15.69 -27.05
C LEU C 164 -15.47 16.41 -28.02
N THR C 165 -15.65 17.71 -27.86
CA THR C 165 -16.48 18.50 -28.74
C THR C 165 -15.90 18.53 -30.16
N ASN C 166 -14.58 18.33 -30.24
CA ASN C 166 -13.89 18.23 -31.53
C ASN C 166 -14.15 16.96 -32.31
N ILE C 167 -14.75 15.95 -31.69
CA ILE C 167 -14.91 14.70 -32.43
C ILE C 167 -16.27 14.69 -33.11
N MET C 168 -16.26 14.91 -34.41
CA MET C 168 -17.51 15.13 -35.12
C MET C 168 -18.17 13.84 -35.51
N THR C 169 -17.44 12.73 -35.43
CA THR C 169 -17.98 11.43 -35.81
C THR C 169 -18.78 10.78 -34.69
N LEU C 170 -18.78 11.40 -33.52
CA LEU C 170 -19.27 10.74 -32.32
C LEU C 170 -20.79 10.68 -32.28
N GLN C 171 -21.31 9.47 -32.41
CA GLN C 171 -22.74 9.23 -32.41
C GLN C 171 -23.38 9.07 -31.02
N VAL C 172 -22.70 8.35 -30.13
CA VAL C 172 -23.27 8.07 -28.81
C VAL C 172 -22.32 8.52 -27.71
N LEU C 173 -22.85 9.26 -26.74
CA LEU C 173 -22.05 9.66 -25.59
C LEU C 173 -22.81 9.38 -24.30
N ASP C 174 -22.30 8.51 -23.45
CA ASP C 174 -22.94 8.33 -22.14
C ASP C 174 -21.93 8.44 -21.00
N LEU C 175 -21.99 9.59 -20.31
CA LEU C 175 -21.22 9.87 -19.11
C LEU C 175 -22.00 9.77 -17.82
N SER C 176 -23.27 9.41 -17.92
CA SER C 176 -24.16 9.48 -16.77
C SER C 176 -23.69 8.56 -15.66
N ASN C 177 -24.15 8.82 -14.44
CA ASN C 177 -23.82 8.01 -13.27
C ASN C 177 -22.35 8.02 -12.90
N ASN C 178 -21.72 9.18 -13.03
CA ASN C 178 -20.37 9.34 -12.55
C ASN C 178 -20.36 10.45 -11.51
N ARG C 179 -19.18 10.75 -10.98
CA ARG C 179 -18.98 11.80 -9.99
C ARG C 179 -18.51 13.12 -10.60
N LEU C 180 -18.61 13.23 -11.91
CA LEU C 180 -18.11 14.39 -12.66
C LEU C 180 -18.66 15.74 -12.20
N SER C 181 -17.81 16.75 -12.32
CA SER C 181 -18.15 18.10 -11.89
C SER C 181 -17.61 19.12 -12.89
N GLY C 182 -18.47 20.01 -13.35
CA GLY C 182 -18.05 21.05 -14.27
C GLY C 182 -19.13 21.57 -15.21
N SER C 183 -18.68 22.28 -16.23
CA SER C 183 -19.57 22.89 -17.23
C SER C 183 -19.63 22.05 -18.50
N VAL C 184 -20.79 22.06 -19.14
CA VAL C 184 -21.01 21.29 -20.37
C VAL C 184 -21.61 22.11 -21.51
N PRO C 185 -20.77 22.58 -22.44
CA PRO C 185 -21.26 23.42 -23.55
C PRO C 185 -22.07 22.64 -24.59
N ASP C 186 -22.91 23.36 -25.35
CA ASP C 186 -23.71 22.77 -26.43
C ASP C 186 -23.06 22.93 -27.81
N ASN C 187 -21.83 23.43 -27.83
CA ASN C 187 -21.09 23.64 -29.09
C ASN C 187 -20.53 22.37 -29.74
N GLY C 188 -20.21 22.46 -31.03
CA GLY C 188 -19.57 21.36 -31.74
C GLY C 188 -20.40 20.10 -31.81
N SER C 189 -19.80 18.99 -31.37
CA SER C 189 -20.47 17.69 -31.43
C SER C 189 -21.40 17.46 -30.25
N PHE C 190 -21.27 18.30 -29.23
CA PHE C 190 -22.14 18.17 -28.06
C PHE C 190 -23.53 18.70 -28.39
N SER C 191 -23.65 19.43 -29.50
CA SER C 191 -24.94 19.90 -29.96
C SER C 191 -25.84 18.71 -30.27
N LEU C 192 -25.19 17.58 -30.51
CA LEU C 192 -25.89 16.33 -30.81
C LEU C 192 -26.57 15.73 -29.59
N PHE C 193 -26.08 16.05 -28.40
CA PHE C 193 -26.46 15.25 -27.23
C PHE C 193 -27.49 15.89 -26.32
N THR C 194 -27.92 15.14 -25.31
CA THR C 194 -29.10 15.46 -24.51
C THR C 194 -28.80 15.22 -23.04
N PRO C 195 -29.67 15.71 -22.14
CA PRO C 195 -29.42 15.53 -20.70
C PRO C 195 -29.23 14.08 -20.22
N ILE C 196 -29.78 13.09 -20.93
CA ILE C 196 -29.69 11.69 -20.47
C ILE C 196 -28.26 11.18 -20.55
N SER C 197 -27.48 11.76 -21.46
CA SER C 197 -26.05 11.47 -21.63
C SER C 197 -25.20 11.96 -20.46
N PHE C 198 -25.61 13.07 -19.84
CA PHE C 198 -24.90 13.60 -18.67
C PHE C 198 -25.54 13.36 -17.29
N ALA C 199 -26.66 12.64 -17.25
CA ALA C 199 -27.51 12.55 -16.04
C ALA C 199 -26.82 11.95 -14.81
N ASN C 200 -27.41 12.20 -13.64
CA ASN C 200 -26.93 11.62 -12.37
C ASN C 200 -25.44 11.74 -12.10
N ASN C 201 -24.89 12.93 -12.30
CA ASN C 201 -23.51 13.24 -11.88
C ASN C 201 -23.41 14.01 -10.54
N LEU C 202 -22.22 14.52 -10.22
CA LEU C 202 -22.01 15.25 -8.95
C LEU C 202 -22.48 16.71 -9.00
N ASP C 203 -21.70 17.55 -9.67
CA ASP C 203 -22.22 18.85 -10.05
C ASP C 203 -21.94 19.11 -11.52
N LEU C 204 -22.97 19.03 -12.35
CA LEU C 204 -22.86 19.33 -13.78
C LEU C 204 -23.92 20.34 -14.16
N CYS C 205 -23.54 21.29 -15.00
CA CYS C 205 -24.50 22.27 -15.49
C CYS C 205 -24.15 22.59 -16.92
N GLY C 206 -25.12 23.14 -17.63
CA GLY C 206 -24.92 23.59 -18.99
C GLY C 206 -26.22 23.46 -19.74
N PRO C 207 -26.25 23.94 -21.00
CA PRO C 207 -27.44 23.80 -21.83
C PRO C 207 -27.71 22.37 -22.31
N VAL C 208 -26.65 21.58 -22.52
CA VAL C 208 -26.81 20.17 -22.89
C VAL C 208 -27.26 19.35 -21.68
N THR C 209 -27.24 19.97 -20.50
CA THR C 209 -27.69 19.28 -19.28
C THR C 209 -29.05 19.80 -18.85
N SER C 210 -29.54 19.28 -17.74
CA SER C 210 -30.83 19.67 -17.17
C SER C 210 -30.77 20.95 -16.36
N ARG C 211 -29.57 21.31 -15.91
CA ARG C 211 -29.33 22.49 -15.07
C ARG C 211 -28.54 23.55 -15.82
N PRO C 212 -29.10 24.75 -15.97
CA PRO C 212 -28.32 25.84 -16.56
C PRO C 212 -27.26 26.38 -15.60
N CYS C 213 -26.13 26.84 -16.13
CA CYS C 213 -25.09 27.38 -15.28
C CYS C 213 -25.51 28.76 -14.78
N PRO C 214 -25.14 29.10 -13.53
CA PRO C 214 -25.42 30.43 -12.97
C PRO C 214 -24.68 31.53 -13.71
N ASN D 30 -8.81 16.17 28.45
CA ASN D 30 -8.24 14.82 28.34
C ASN D 30 -8.70 14.04 27.09
N MET D 31 -9.96 14.18 26.70
CA MET D 31 -10.36 13.64 25.39
C MET D 31 -9.89 14.58 24.28
N GLU D 32 -9.82 15.88 24.58
CA GLU D 32 -9.22 16.83 23.65
C GLU D 32 -7.73 16.48 23.47
N GLY D 33 -7.11 16.08 24.57
CA GLY D 33 -5.74 15.59 24.54
C GLY D 33 -5.56 14.36 23.69
N ASP D 34 -6.45 13.39 23.84
CA ASP D 34 -6.36 12.14 23.08
C ASP D 34 -6.46 12.42 21.59
N ALA D 35 -7.33 13.37 21.25
CA ALA D 35 -7.54 13.79 19.88
C ALA D 35 -6.28 14.42 19.28
N LEU D 36 -5.75 15.42 20.00
CA LEU D 36 -4.54 16.11 19.55
C LEU D 36 -3.34 15.19 19.48
N HIS D 37 -3.32 14.19 20.36
CA HIS D 37 -2.26 13.19 20.33
C HIS D 37 -2.40 12.26 19.15
N SER D 38 -3.64 11.88 18.85
CA SER D 38 -3.88 11.11 17.64
C SER D 38 -3.26 11.84 16.45
N LEU D 39 -3.49 13.16 16.37
CA LEU D 39 -2.91 13.97 15.29
C LEU D 39 -1.38 13.93 15.32
N ARG D 40 -0.80 13.92 16.51
CA ARG D 40 0.65 13.85 16.60
C ARG D 40 1.16 12.54 16.00
N ALA D 41 0.48 11.44 16.30
CA ALA D 41 0.93 10.13 15.85
C ALA D 41 0.82 10.03 14.33
N ASN D 42 -0.08 10.83 13.78
CA ASN D 42 -0.28 10.88 12.35
C ASN D 42 0.51 11.95 11.61
N LEU D 43 1.16 12.84 12.35
CA LEU D 43 1.94 13.84 11.65
C LEU D 43 3.38 13.41 11.64
N VAL D 44 4.20 14.18 10.92
CA VAL D 44 5.60 13.89 10.80
C VAL D 44 6.29 15.18 11.23
N ASP D 45 7.15 15.11 12.25
CA ASP D 45 7.59 16.31 12.98
C ASP D 45 9.13 16.38 13.10
N PRO D 46 9.84 16.73 12.01
CA PRO D 46 11.31 16.64 12.03
C PRO D 46 12.02 17.57 13.01
N ASN D 47 11.50 18.75 13.26
CA ASN D 47 12.11 19.71 14.19
C ASN D 47 11.56 19.56 15.61
N ASN D 48 10.75 18.53 15.81
CA ASN D 48 10.19 18.16 17.11
C ASN D 48 9.33 19.22 17.78
N VAL D 49 8.57 19.96 16.99
CA VAL D 49 7.70 21.00 17.57
C VAL D 49 6.54 20.43 18.38
N LEU D 50 6.29 19.13 18.23
CA LEU D 50 5.26 18.45 18.99
C LEU D 50 5.81 17.67 20.18
N GLN D 51 7.12 17.78 20.39
CA GLN D 51 7.84 17.03 21.42
C GLN D 51 7.21 17.19 22.81
N SER D 52 6.60 18.35 23.04
CA SER D 52 5.98 18.64 24.32
C SER D 52 4.59 18.04 24.44
N TRP D 53 4.09 17.39 23.40
CA TRP D 53 2.70 16.98 23.47
C TRP D 53 2.70 15.60 24.10
N ASP D 54 2.30 15.57 25.37
CA ASP D 54 2.43 14.40 26.22
C ASP D 54 1.05 13.92 26.64
N PRO D 55 0.62 12.77 26.07
CA PRO D 55 -0.75 12.27 26.17
C PRO D 55 -1.15 11.89 27.60
N THR D 56 -0.16 11.76 28.49
CA THR D 56 -0.46 11.35 29.86
C THR D 56 -0.95 12.48 30.74
N LEU D 57 -0.87 13.72 30.27
CA LEU D 57 -1.36 14.86 31.07
C LEU D 57 -2.88 14.89 31.15
N VAL D 58 -3.40 15.51 32.20
CA VAL D 58 -4.84 15.61 32.41
C VAL D 58 -5.52 16.40 31.29
N ASN D 59 -4.84 17.36 30.69
CA ASN D 59 -5.39 18.05 29.54
C ASN D 59 -4.23 18.55 28.71
N PRO D 60 -4.48 19.08 27.49
CA PRO D 60 -3.27 19.49 26.77
C PRO D 60 -2.96 20.98 26.87
N CYS D 61 -3.16 21.60 28.02
CA CYS D 61 -3.07 23.05 28.04
C CYS D 61 -1.63 23.55 28.12
N THR D 62 -0.77 22.79 28.80
CA THR D 62 0.64 23.14 28.91
C THR D 62 1.40 22.72 27.66
N TRP D 63 0.71 22.11 26.71
CA TRP D 63 1.35 21.74 25.45
C TRP D 63 1.70 22.99 24.64
N PHE D 64 2.91 23.04 24.10
CA PHE D 64 3.35 24.20 23.35
C PHE D 64 2.50 24.22 22.11
N HIS D 65 2.14 25.43 21.68
CA HIS D 65 1.40 25.69 20.45
C HIS D 65 -0.10 25.47 20.55
N VAL D 66 -0.57 24.95 21.69
CA VAL D 66 -2.00 24.81 21.95
C VAL D 66 -2.43 25.85 22.98
N THR D 67 -3.56 26.51 22.75
CA THR D 67 -4.12 27.47 23.70
C THR D 67 -5.48 27.03 24.22
N CYS D 68 -5.73 27.29 25.51
CA CYS D 68 -7.01 26.97 26.15
C CYS D 68 -7.66 28.26 26.68
N ASN D 69 -8.95 28.17 26.93
CA ASN D 69 -9.65 29.21 27.65
C ASN D 69 -9.52 28.97 29.15
N ASN D 70 -10.17 29.80 29.96
CA ASN D 70 -10.07 29.68 31.41
C ASN D 70 -10.67 28.38 31.94
N GLU D 71 -11.52 27.76 31.12
CA GLU D 71 -12.19 26.50 31.44
C GLU D 71 -11.40 25.25 30.99
N ASN D 72 -10.16 25.49 30.54
CA ASN D 72 -9.24 24.43 30.09
C ASN D 72 -9.67 23.67 28.83
N SER D 73 -10.25 24.40 27.88
CA SER D 73 -10.72 23.81 26.63
C SER D 73 -9.94 24.45 25.49
N VAL D 74 -9.50 23.64 24.52
CA VAL D 74 -8.60 24.18 23.50
C VAL D 74 -9.30 25.17 22.56
N ILE D 75 -8.85 26.42 22.54
CA ILE D 75 -9.38 27.38 21.57
C ILE D 75 -8.48 27.73 20.40
N ARG D 76 -7.23 27.30 20.44
CA ARG D 76 -6.29 27.60 19.36
C ARG D 76 -5.25 26.51 19.18
N VAL D 77 -4.92 26.25 17.92
CA VAL D 77 -3.78 25.40 17.59
C VAL D 77 -3.02 26.22 16.57
N ASP D 78 -1.82 26.68 16.91
CA ASP D 78 -1.07 27.41 15.91
C ASP D 78 0.19 26.63 15.60
N LEU D 79 0.13 25.83 14.54
CA LEU D 79 1.25 25.06 13.99
C LEU D 79 1.81 25.53 12.64
N GLY D 80 1.34 26.68 12.16
CA GLY D 80 1.73 27.20 10.87
C GLY D 80 3.22 27.25 10.63
N ASN D 81 3.63 26.94 9.41
CA ASN D 81 5.03 27.01 8.99
C ASN D 81 5.99 26.23 9.90
N ALA D 82 5.56 25.06 10.35
CA ALA D 82 6.34 24.24 11.29
C ALA D 82 7.13 23.09 10.68
N ASP D 83 7.14 22.99 9.36
CA ASP D 83 7.72 21.84 8.62
C ASP D 83 7.07 20.50 8.90
N LEU D 84 5.79 20.50 9.25
CA LEU D 84 5.08 19.26 9.54
C LEU D 84 4.63 18.56 8.26
N SER D 85 4.71 17.22 8.26
CA SER D 85 4.22 16.42 7.14
C SER D 85 3.27 15.38 7.68
N GLY D 86 2.84 14.45 6.82
CA GLY D 86 1.87 13.47 7.25
C GLY D 86 0.46 13.94 6.95
N GLN D 87 -0.49 13.57 7.79
CA GLN D 87 -1.88 13.80 7.47
C GLN D 87 -2.73 14.16 8.69
N LEU D 88 -3.87 14.80 8.45
CA LEU D 88 -4.78 15.11 9.54
C LEU D 88 -5.54 13.85 9.98
N VAL D 89 -6.38 13.95 11.01
CA VAL D 89 -7.16 12.82 11.48
C VAL D 89 -8.57 13.28 11.76
N PRO D 90 -9.55 12.38 11.61
CA PRO D 90 -10.95 12.71 11.89
C PRO D 90 -11.14 13.29 13.28
N GLN D 91 -10.30 12.85 14.22
CA GLN D 91 -10.46 13.23 15.63
C GLN D 91 -10.41 14.73 15.89
N LEU D 92 -9.82 15.49 14.97
CA LEU D 92 -9.76 16.94 15.08
C LEU D 92 -11.11 17.57 15.37
N GLY D 93 -12.18 16.99 14.82
CA GLY D 93 -13.51 17.53 14.97
C GLY D 93 -14.01 17.50 16.41
N GLN D 94 -13.25 16.85 17.27
CA GLN D 94 -13.63 16.67 18.66
C GLN D 94 -13.29 17.86 19.57
N LEU D 95 -12.75 18.95 19.03
CA LEU D 95 -12.44 20.09 19.88
C LEU D 95 -13.55 21.11 19.71
N LYS D 96 -14.49 21.10 20.63
CA LYS D 96 -15.77 21.75 20.40
C LYS D 96 -15.61 23.24 20.45
N ASN D 97 -14.60 23.70 21.20
CA ASN D 97 -14.34 25.12 21.38
C ASN D 97 -13.23 25.71 20.50
N LEU D 98 -12.65 24.89 19.63
CA LEU D 98 -11.61 25.35 18.72
C LEU D 98 -12.07 26.55 17.89
N GLN D 99 -11.21 27.55 17.78
CA GLN D 99 -11.50 28.81 17.10
C GLN D 99 -10.55 29.06 15.92
N TYR D 100 -9.26 28.99 16.21
CA TYR D 100 -8.27 29.15 15.17
C TYR D 100 -7.50 27.86 14.98
N LEU D 101 -7.50 27.34 13.75
CA LEU D 101 -6.66 26.21 13.37
C LEU D 101 -5.70 26.68 12.30
N GLU D 102 -4.43 26.81 12.62
CA GLU D 102 -3.49 27.26 11.61
C GLU D 102 -2.53 26.14 11.31
N LEU D 103 -2.74 25.48 10.19
CA LEU D 103 -1.84 24.43 9.69
C LEU D 103 -1.00 24.83 8.47
N TYR D 104 -1.12 26.09 8.05
CA TYR D 104 -0.63 26.54 6.76
C TYR D 104 0.87 26.40 6.63
N SER D 105 1.36 26.39 5.39
CA SER D 105 2.80 26.37 5.12
C SER D 105 3.48 25.13 5.65
N ASN D 106 2.81 24.01 5.53
CA ASN D 106 3.42 22.74 5.89
C ASN D 106 3.42 21.84 4.68
N ASN D 107 3.89 20.62 4.89
CA ASN D 107 3.86 19.59 3.86
C ASN D 107 2.71 18.58 4.00
N ILE D 108 1.75 18.88 4.87
CA ILE D 108 0.62 17.98 5.14
C ILE D 108 -0.16 17.54 3.89
N THR D 109 -0.46 16.25 3.82
CA THR D 109 -1.09 15.65 2.66
C THR D 109 -2.36 14.95 3.09
N GLY D 110 -2.95 14.23 2.14
CA GLY D 110 -4.15 13.48 2.39
C GLY D 110 -5.42 14.30 2.23
N PRO D 111 -6.54 13.74 2.69
CA PRO D 111 -7.83 14.42 2.58
C PRO D 111 -8.03 15.48 3.68
N VAL D 112 -8.90 16.43 3.39
CA VAL D 112 -9.39 17.29 4.44
C VAL D 112 -10.55 16.54 5.11
N PRO D 113 -10.40 16.22 6.40
CA PRO D 113 -11.40 15.40 7.09
C PRO D 113 -12.78 16.05 7.10
N SER D 114 -13.83 15.26 6.88
CA SER D 114 -15.21 15.75 6.90
C SER D 114 -15.62 16.28 8.25
N ASP D 115 -15.05 15.72 9.30
CA ASP D 115 -15.44 16.05 10.65
C ASP D 115 -14.94 17.39 11.10
N LEU D 116 -14.16 18.06 10.29
CA LEU D 116 -13.80 19.43 10.59
C LEU D 116 -15.10 20.25 10.68
N GLY D 117 -16.15 19.73 10.05
CA GLY D 117 -17.45 20.35 10.11
C GLY D 117 -18.10 20.27 11.48
N ASN D 118 -17.58 19.41 12.33
CA ASN D 118 -18.09 19.25 13.68
C ASN D 118 -17.70 20.40 14.58
N LEU D 119 -16.86 21.28 14.10
CA LEU D 119 -16.34 22.36 14.93
C LEU D 119 -17.18 23.60 14.69
N THR D 120 -18.09 23.87 15.61
CA THR D 120 -19.07 24.94 15.42
C THR D 120 -18.52 26.34 15.69
N ASN D 121 -17.49 26.43 16.53
CA ASN D 121 -16.98 27.73 16.94
C ASN D 121 -15.79 28.21 16.13
N LEU D 122 -15.37 27.41 15.15
CA LEU D 122 -14.20 27.76 14.36
C LEU D 122 -14.45 29.06 13.60
N VAL D 123 -13.60 30.07 13.83
CA VAL D 123 -13.66 31.28 13.01
C VAL D 123 -12.58 31.36 11.92
N SER D 124 -11.54 30.54 12.04
CA SER D 124 -10.48 30.52 11.05
C SER D 124 -10.00 29.10 10.76
N LEU D 125 -10.09 28.70 9.50
CA LEU D 125 -9.50 27.45 9.07
C LEU D 125 -8.54 27.80 7.96
N ASP D 126 -7.25 27.69 8.27
CA ASP D 126 -6.18 27.94 7.29
C ASP D 126 -5.38 26.66 7.04
N LEU D 127 -5.65 26.01 5.91
CA LEU D 127 -4.89 24.86 5.47
C LEU D 127 -3.99 25.19 4.29
N TYR D 128 -3.95 26.47 3.91
CA TYR D 128 -3.30 26.85 2.66
C TYR D 128 -1.81 26.51 2.65
N LEU D 129 -1.24 26.41 1.44
CA LEU D 129 0.17 26.07 1.24
C LEU D 129 0.56 24.71 1.80
N ASN D 130 -0.27 23.71 1.53
CA ASN D 130 0.00 22.33 1.89
C ASN D 130 -0.13 21.43 0.66
N SER D 131 -0.08 20.12 0.87
CA SER D 131 -0.33 19.14 -0.19
C SER D 131 -1.71 18.46 -0.24
N PHE D 132 -2.69 18.97 0.51
CA PHE D 132 -3.99 18.28 0.65
C PHE D 132 -4.60 17.92 -0.67
N THR D 133 -5.26 16.75 -0.69
CA THR D 133 -5.89 16.23 -1.89
C THR D 133 -7.39 15.97 -1.70
N GLY D 134 -8.04 15.50 -2.75
CA GLY D 134 -9.46 15.19 -2.67
C GLY D 134 -10.37 16.40 -2.74
N PRO D 135 -11.67 16.20 -2.49
CA PRO D 135 -12.58 17.34 -2.58
C PRO D 135 -12.71 18.06 -1.25
N ILE D 136 -13.48 19.14 -1.28
CA ILE D 136 -13.76 19.93 -0.10
C ILE D 136 -15.06 19.41 0.55
N PRO D 137 -14.98 18.96 1.81
CA PRO D 137 -16.14 18.39 2.50
C PRO D 137 -17.33 19.33 2.45
N ASP D 138 -18.52 18.80 2.24
CA ASP D 138 -19.73 19.61 2.23
C ASP D 138 -20.09 20.03 3.64
N SER D 139 -19.55 19.30 4.61
CA SER D 139 -19.81 19.59 6.00
C SER D 139 -19.22 20.94 6.41
N LEU D 140 -18.26 21.43 5.61
CA LEU D 140 -17.65 22.72 5.93
C LEU D 140 -18.63 23.89 5.95
N GLY D 141 -19.80 23.69 5.36
CA GLY D 141 -20.80 24.74 5.37
C GLY D 141 -21.60 24.79 6.67
N LYS D 142 -21.22 23.95 7.62
CA LYS D 142 -21.84 23.95 8.93
C LYS D 142 -21.12 24.86 9.93
N LEU D 143 -20.12 25.61 9.47
CA LEU D 143 -19.43 26.54 10.36
C LEU D 143 -20.00 27.92 10.11
N PHE D 144 -20.86 28.35 11.02
CA PHE D 144 -21.61 29.58 10.80
C PHE D 144 -20.86 30.76 11.39
N LYS D 145 -19.83 30.45 12.17
CA LYS D 145 -18.94 31.44 12.75
C LYS D 145 -17.65 31.63 11.96
N LEU D 146 -17.52 30.95 10.83
CA LEU D 146 -16.23 30.98 10.15
C LEU D 146 -16.02 32.33 9.47
N ARG D 147 -14.99 33.04 9.91
CA ARG D 147 -14.51 34.28 9.25
C ARG D 147 -13.51 34.05 8.11
N PHE D 148 -12.58 33.13 8.33
CA PHE D 148 -11.48 32.97 7.40
C PHE D 148 -11.39 31.54 6.91
N LEU D 149 -11.57 31.35 5.60
CA LEU D 149 -11.38 30.04 5.01
C LEU D 149 -10.33 30.08 3.92
N ARG D 150 -9.17 29.49 4.18
CA ARG D 150 -8.12 29.46 3.17
C ARG D 150 -7.58 28.04 2.98
N LEU D 151 -7.98 27.45 1.86
CA LEU D 151 -7.49 26.17 1.41
C LEU D 151 -6.53 26.33 0.23
N ASN D 152 -6.26 27.58 -0.16
CA ASN D 152 -5.59 27.87 -1.41
C ASN D 152 -4.19 27.26 -1.49
N ASN D 153 -3.67 27.12 -2.71
CA ASN D 153 -2.36 26.51 -2.95
C ASN D 153 -2.25 25.08 -2.42
N ASN D 154 -3.20 24.23 -2.81
CA ASN D 154 -3.14 22.79 -2.52
C ASN D 154 -3.33 21.96 -3.78
N SER D 155 -3.50 20.65 -3.61
CA SER D 155 -3.86 19.73 -4.68
C SER D 155 -5.37 19.39 -4.78
N LEU D 156 -6.21 20.10 -4.02
CA LEU D 156 -7.65 19.81 -3.92
C LEU D 156 -8.40 19.78 -5.26
N THR D 157 -9.35 18.84 -5.37
CA THR D 157 -10.06 18.60 -6.62
C THR D 157 -11.55 18.59 -6.41
N GLY D 158 -12.30 18.47 -7.51
CA GLY D 158 -13.74 18.40 -7.47
C GLY D 158 -14.49 19.72 -7.47
N PRO D 159 -15.71 19.70 -7.02
CA PRO D 159 -16.54 20.88 -6.97
C PRO D 159 -16.40 21.70 -5.73
N ILE D 160 -16.90 22.91 -5.82
CA ILE D 160 -16.96 23.81 -4.68
C ILE D 160 -18.32 23.70 -4.00
N PRO D 161 -18.35 23.24 -2.75
CA PRO D 161 -19.64 23.01 -2.11
C PRO D 161 -20.48 24.30 -1.97
N MET D 162 -21.72 24.23 -2.42
CA MET D 162 -22.68 25.30 -2.21
C MET D 162 -22.98 25.69 -0.76
N SER D 163 -22.76 24.83 0.20
CA SER D 163 -23.09 25.19 1.55
C SER D 163 -22.33 26.42 1.96
N LEU D 164 -21.12 26.52 1.48
CA LEU D 164 -20.28 27.67 1.83
C LEU D 164 -20.96 29.03 1.66
N THR D 165 -21.84 29.16 0.68
CA THR D 165 -22.52 30.45 0.46
C THR D 165 -23.46 30.81 1.62
N ASN D 166 -23.83 29.81 2.42
CA ASN D 166 -24.65 30.02 3.61
C ASN D 166 -23.98 30.74 4.79
N ILE D 167 -22.66 30.92 4.73
CA ILE D 167 -21.93 31.46 5.86
C ILE D 167 -21.81 32.97 5.70
N MET D 168 -22.58 33.68 6.52
CA MET D 168 -22.75 35.11 6.37
C MET D 168 -21.59 35.83 7.04
N THR D 169 -20.88 35.10 7.91
CA THR D 169 -19.78 35.66 8.68
C THR D 169 -18.47 35.62 7.92
N LEU D 170 -18.46 35.00 6.76
CA LEU D 170 -17.20 34.69 6.09
C LEU D 170 -16.69 35.96 5.43
N GLN D 171 -15.61 36.49 5.97
CA GLN D 171 -14.96 37.65 5.40
C GLN D 171 -13.96 37.32 4.32
N VAL D 172 -13.20 36.26 4.55
CA VAL D 172 -12.13 35.89 3.64
C VAL D 172 -12.28 34.48 3.10
N LEU D 173 -12.22 34.37 1.78
CA LEU D 173 -12.26 33.09 1.10
C LEU D 173 -11.15 33.08 0.04
N ASP D 174 -10.22 32.13 0.16
CA ASP D 174 -9.25 31.93 -0.89
C ASP D 174 -9.23 30.44 -1.22
N LEU D 175 -9.80 30.06 -2.36
CA LEU D 175 -9.69 28.69 -2.88
C LEU D 175 -8.71 28.54 -4.04
N SER D 176 -8.06 29.64 -4.40
CA SER D 176 -7.26 29.72 -5.60
C SER D 176 -6.08 28.74 -5.63
N ASN D 177 -5.58 28.45 -6.83
CA ASN D 177 -4.44 27.53 -7.01
C ASN D 177 -4.72 26.09 -6.58
N ASN D 178 -5.90 25.58 -6.96
CA ASN D 178 -6.22 24.18 -6.74
C ASN D 178 -6.63 23.50 -8.04
N ARG D 179 -7.10 22.26 -7.94
CA ARG D 179 -7.65 21.49 -9.06
C ARG D 179 -9.18 21.50 -9.19
N LEU D 180 -9.84 22.40 -8.47
CA LEU D 180 -11.31 22.43 -8.43
C LEU D 180 -11.99 22.54 -9.80
N SER D 181 -13.16 21.92 -9.91
CA SER D 181 -13.92 21.90 -11.17
C SER D 181 -15.42 22.03 -10.97
N GLY D 182 -16.03 23.02 -11.62
CA GLY D 182 -17.46 23.21 -11.46
C GLY D 182 -17.99 24.62 -11.62
N SER D 183 -19.22 24.82 -11.16
CA SER D 183 -19.92 26.09 -11.26
C SER D 183 -19.78 26.91 -9.99
N VAL D 184 -19.69 28.24 -10.16
CA VAL D 184 -19.57 29.19 -9.05
C VAL D 184 -20.56 30.39 -9.10
N PRO D 185 -21.67 30.32 -8.35
CA PRO D 185 -22.76 31.32 -8.28
C PRO D 185 -22.43 32.61 -7.50
N ASP D 186 -23.19 33.70 -7.72
CA ASP D 186 -22.98 34.94 -6.95
C ASP D 186 -23.94 35.08 -5.77
N ASN D 187 -24.76 34.05 -5.52
CA ASN D 187 -25.73 34.10 -4.44
C ASN D 187 -25.07 34.04 -3.07
N GLY D 188 -25.80 34.48 -2.05
CA GLY D 188 -25.34 34.40 -0.68
C GLY D 188 -24.07 35.18 -0.42
N SER D 189 -23.11 34.51 0.24
CA SER D 189 -21.90 35.17 0.69
C SER D 189 -20.80 35.33 -0.36
N PHE D 190 -20.98 34.69 -1.51
CA PHE D 190 -19.94 34.76 -2.52
C PHE D 190 -19.97 36.11 -3.21
N SER D 191 -21.09 36.82 -3.06
CA SER D 191 -21.23 38.17 -3.55
C SER D 191 -20.20 39.12 -2.91
N LEU D 192 -19.64 38.68 -1.79
CA LEU D 192 -18.65 39.45 -1.05
C LEU D 192 -17.32 39.37 -1.79
N PHE D 193 -17.15 38.32 -2.59
CA PHE D 193 -15.83 37.95 -3.11
C PHE D 193 -15.55 38.28 -4.57
N THR D 194 -14.33 37.96 -4.97
CA THR D 194 -13.74 38.46 -6.21
C THR D 194 -13.17 37.30 -7.04
N PRO D 195 -12.85 37.54 -8.32
CA PRO D 195 -12.28 36.49 -9.17
C PRO D 195 -11.00 35.84 -8.62
N ILE D 196 -10.22 36.57 -7.83
CA ILE D 196 -8.95 36.08 -7.33
C ILE D 196 -9.12 34.99 -6.25
N SER D 197 -10.26 35.01 -5.58
CA SER D 197 -10.53 34.02 -4.56
C SER D 197 -10.70 32.64 -5.18
N PHE D 198 -11.23 32.59 -6.40
CA PHE D 198 -11.39 31.36 -7.17
C PHE D 198 -10.36 31.11 -8.28
N ALA D 199 -9.37 31.98 -8.41
CA ALA D 199 -8.49 31.96 -9.57
C ALA D 199 -7.67 30.69 -9.72
N ASN D 200 -7.17 30.47 -10.93
CA ASN D 200 -6.22 29.40 -11.24
C ASN D 200 -6.56 27.98 -10.73
N ASN D 201 -7.80 27.56 -10.95
CA ASN D 201 -8.22 26.17 -10.73
C ASN D 201 -8.21 25.30 -11.99
N LEU D 202 -8.80 24.10 -11.92
CA LEU D 202 -8.77 23.19 -13.05
C LEU D 202 -9.82 23.56 -14.12
N ASP D 203 -11.10 23.33 -13.84
CA ASP D 203 -12.15 24.00 -14.63
C ASP D 203 -13.23 24.63 -13.75
N LEU D 204 -13.19 25.96 -13.64
CA LEU D 204 -14.15 26.70 -12.85
C LEU D 204 -14.76 27.80 -13.69
N CYS D 205 -16.07 28.00 -13.52
CA CYS D 205 -16.74 29.06 -14.24
C CYS D 205 -17.88 29.65 -13.42
N GLY D 206 -18.25 30.88 -13.76
CA GLY D 206 -19.35 31.56 -13.10
C GLY D 206 -19.14 33.06 -13.13
N PRO D 207 -20.12 33.84 -12.65
CA PRO D 207 -19.95 35.31 -12.62
C PRO D 207 -18.92 35.77 -11.59
N VAL D 208 -18.74 34.99 -10.53
CA VAL D 208 -17.72 35.25 -9.51
C VAL D 208 -16.32 34.94 -10.02
N THR D 209 -16.22 34.29 -11.18
CA THR D 209 -14.93 33.87 -11.72
C THR D 209 -14.48 34.74 -12.88
N SER D 210 -13.32 34.41 -13.45
CA SER D 210 -12.80 35.09 -14.64
C SER D 210 -13.43 34.53 -15.93
N ARG D 211 -13.99 33.32 -15.85
CA ARG D 211 -14.53 32.62 -17.01
C ARG D 211 -16.04 32.51 -16.96
N PRO D 212 -16.72 33.08 -17.96
CA PRO D 212 -18.16 32.87 -18.01
C PRO D 212 -18.53 31.45 -18.45
N CYS D 213 -19.63 30.94 -17.92
CA CYS D 213 -20.15 29.62 -18.24
C CYS D 213 -20.85 29.52 -19.60
N PRO D 214 -20.84 28.31 -20.19
CA PRO D 214 -21.66 28.11 -21.39
C PRO D 214 -23.14 28.34 -21.08
N TYS E 1 3.04 32.63 39.23
CA TYS E 1 4.15 32.06 39.94
CB TYS E 1 4.31 32.75 41.32
CG TYS E 1 3.16 32.59 42.26
CD1 TYS E 1 3.06 31.50 43.04
CD2 TYS E 1 2.19 33.54 42.35
CE1 TYS E 1 2.06 31.35 43.85
CE2 TYS E 1 1.16 33.39 43.17
CZ TYS E 1 1.10 32.28 43.95
OH TYS E 1 0.14 31.96 44.86
S TYS E 1 -0.95 32.98 45.31
O1 TYS E 1 -1.54 33.65 44.15
O2 TYS E 1 -0.43 34.01 46.19
O3 TYS E 1 -1.99 32.32 46.12
C TYS E 1 3.99 30.57 40.02
O TYS E 1 2.94 30.07 39.80
N ILE E 2 5.07 29.87 40.33
CA ILE E 2 5.08 28.44 40.44
C ILE E 2 5.06 27.93 41.87
N TYS E 3 4.29 26.89 42.16
CA TYS E 3 4.05 26.30 43.48
CB TYS E 3 2.79 26.87 44.11
CG TYS E 3 1.48 26.60 43.39
CD1 TYS E 3 0.61 25.60 43.78
CD2 TYS E 3 1.12 27.35 42.31
CE1 TYS E 3 -0.54 25.39 43.11
CE2 TYS E 3 0.00 27.12 41.65
CZ TYS E 3 -0.86 26.17 42.06
OH TYS E 3 -2.00 25.99 41.32
S TYS E 3 -3.33 26.32 42.08
O1 TYS E 3 -3.70 27.69 41.89
O2 TYS E 3 -3.04 26.08 43.47
O3 TYS E 3 -4.42 25.44 41.77
C TYS E 3 3.96 24.78 43.38
O TYS E 3 4.18 24.25 42.35
N THR E 4 3.70 24.06 44.46
CA THR E 4 3.44 22.62 44.41
C THR E 4 2.33 22.28 45.39
N GLN E 5 1.74 21.08 45.37
CA GLN E 5 0.61 20.75 46.23
C GLN E 5 0.48 19.25 46.25
N TYS F 1 -8.89 -25.14 -43.14
CA TYS F 1 -8.33 -26.42 -42.84
CB TYS F 1 -8.23 -27.26 -44.12
CG TYS F 1 -7.30 -26.76 -45.17
CD1 TYS F 1 -5.97 -27.03 -45.12
CD2 TYS F 1 -7.75 -26.02 -46.21
CE1 TYS F 1 -5.16 -26.58 -46.01
CE2 TYS F 1 -6.93 -25.58 -47.12
CZ TYS F 1 -5.63 -25.88 -47.04
OH TYS F 1 -4.68 -25.48 -47.92
S TYS F 1 -5.01 -25.15 -49.40
O1 TYS F 1 -5.69 -23.87 -49.45
O2 TYS F 1 -3.72 -25.04 -50.07
O3 TYS F 1 -5.79 -26.10 -50.16
C TYS F 1 -7.04 -26.30 -42.12
O TYS F 1 -6.41 -25.32 -42.19
N ILE F 2 -6.66 -27.33 -41.40
CA ILE F 2 -5.41 -27.34 -40.68
C ILE F 2 -4.36 -28.13 -41.36
N TYS F 3 -3.14 -27.62 -41.37
CA TYS F 3 -1.96 -28.21 -41.94
CB TYS F 3 -1.70 -27.59 -43.28
CG TYS F 3 -1.37 -26.15 -43.27
CD1 TYS F 3 -0.09 -25.74 -43.15
CD2 TYS F 3 -2.33 -25.20 -43.39
CE1 TYS F 3 0.22 -24.51 -43.13
CE2 TYS F 3 -2.02 -23.96 -43.38
CZ TYS F 3 -0.73 -23.61 -43.29
OH TYS F 3 -0.43 -22.30 -43.23
S TYS F 3 -0.01 -21.48 -44.44
O1 TYS F 3 -0.93 -20.46 -44.81
O2 TYS F 3 1.22 -20.81 -44.17
O3 TYS F 3 0.19 -22.19 -45.63
C TYS F 3 -0.74 -28.00 -41.04
O TYS F 3 -0.80 -27.29 -40.10
N THR F 4 0.36 -28.68 -41.29
CA THR F 4 1.61 -28.42 -40.59
C THR F 4 2.69 -28.13 -41.60
N GLN F 5 3.79 -27.51 -41.25
CA GLN F 5 4.80 -27.14 -42.23
C GLN F 5 6.15 -27.06 -41.57
C1 NAG G . 14.37 -13.85 -9.91
C2 NAG G . 15.06 -15.18 -10.19
C3 NAG G . 14.12 -16.22 -10.76
C4 NAG G . 12.82 -16.30 -9.98
C5 NAG G . 12.27 -14.90 -9.68
C6 NAG G . 11.09 -14.96 -8.72
C7 NAG G . 17.35 -15.53 -10.87
C8 NAG G . 18.46 -15.23 -11.85
N2 NAG G . 16.14 -15.01 -11.14
O3 NAG G . 14.78 -17.45 -10.63
O4 NAG G . 11.88 -17.13 -10.65
O5 NAG G . 13.27 -14.11 -9.07
O6 NAG G . 10.50 -13.68 -8.66
O7 NAG G . 17.56 -16.23 -9.88
C1 NAG H . 40.98 -12.26 -23.88
C2 NAG H . 40.90 -10.80 -24.33
C3 NAG H . 42.30 -10.34 -24.74
C4 NAG H . 43.31 -10.60 -23.62
C5 NAG H . 43.16 -11.99 -22.99
C6 NAG H . 43.94 -12.11 -21.68
C7 NAG H . 39.36 -9.47 -25.69
C8 NAG H . 38.97 -9.27 -27.14
N2 NAG H . 39.94 -10.64 -25.41
O3 NAG H . 42.27 -8.96 -25.07
O4 NAG H . 44.61 -10.51 -24.16
O5 NAG H . 41.80 -12.32 -22.73
O6 NAG H . 43.24 -11.46 -20.64
O7 NAG H . 39.12 -8.58 -24.87
C1 NAG I . 34.71 -26.30 -16.84
C2 NAG I . 35.61 -25.22 -16.22
C3 NAG I . 36.58 -25.68 -15.14
C4 NAG I . 36.07 -26.84 -14.29
C5 NAG I . 35.29 -27.89 -15.06
C6 NAG I . 34.40 -28.66 -14.11
C7 NAG I . 36.89 -23.42 -17.30
C8 NAG I . 37.54 -23.01 -18.59
N2 NAG I . 36.40 -24.67 -17.30
O3 NAG I . 36.86 -24.59 -14.29
O4 NAG I . 37.20 -27.44 -13.68
O5 NAG I . 34.37 -27.38 -16.01
O6 NAG I . 33.11 -28.09 -14.18
O7 NAG I . 36.84 -22.65 -16.34
C1 NAG J . 11.49 -20.55 -44.23
C2 NAG J . 10.54 -19.62 -43.48
C3 NAG J . 10.60 -18.21 -44.00
C4 NAG J . 12.07 -17.74 -44.00
C5 NAG J . 12.89 -18.76 -44.80
C6 NAG J . 14.33 -18.33 -45.00
C7 NAG J . 8.50 -20.35 -42.43
C8 NAG J . 7.03 -20.54 -42.56
N2 NAG J . 9.17 -20.08 -43.54
O3 NAG J . 9.79 -17.41 -43.17
O4 NAG J . 12.20 -16.42 -44.50
O5 NAG J . 12.81 -20.06 -44.21
O6 NAG J . 15.01 -18.40 -43.76
O7 NAG J . 9.07 -20.44 -41.35
C1 NAG K . 24.66 -48.06 -38.08
C2 NAG K . 25.95 -48.45 -38.80
C3 NAG K . 26.54 -49.76 -38.30
C4 NAG K . 26.81 -49.56 -36.81
C5 NAG K . 25.42 -49.39 -36.20
C6 NAG K . 25.49 -49.23 -34.70
C7 NAG K . 25.88 -47.54 -41.04
C8 NAG K . 25.69 -47.85 -42.49
N2 NAG K . 25.65 -48.55 -40.22
O3 NAG K . 27.66 -50.17 -39.06
O4 NAG K . 27.59 -50.58 -36.15
O5 NAG K . 24.77 -48.25 -36.69
O6 NAG K . 25.93 -47.90 -34.48
O7 NAG K . 26.21 -46.42 -40.67
C1 NAG L . 19.11 -38.47 -24.42
C2 NAG L . 20.52 -38.12 -23.91
C3 NAG L . 20.53 -37.51 -22.51
C4 NAG L . 19.39 -36.54 -22.25
C5 NAG L . 18.09 -36.93 -22.93
C6 NAG L . 17.15 -35.74 -22.88
C7 NAG L . 22.63 -39.31 -24.29
C8 NAG L . 23.25 -40.68 -24.40
N2 NAG L . 21.38 -39.30 -23.85
O3 NAG L . 21.77 -36.85 -22.35
O4 NAG L . 19.17 -36.47 -20.87
O5 NAG L . 18.28 -37.34 -24.26
O6 NAG L . 16.00 -36.03 -23.63
O7 NAG L . 23.28 -38.30 -24.60
C1 NAG M . 1.32 -27.47 -50.61
C2 NAG M . 1.40 -26.06 -50.03
C3 NAG M . 1.53 -25.00 -51.11
C4 NAG M . 2.41 -25.44 -52.29
C5 NAG M . 2.09 -26.88 -52.68
C6 NAG M . 2.86 -27.42 -53.89
C7 NAG M . 0.31 -25.98 -47.88
C8 NAG M . -0.83 -25.49 -47.03
N2 NAG M . 0.24 -25.78 -49.20
O3 NAG M . 2.04 -23.82 -50.52
O4 NAG M . 2.14 -24.62 -53.38
O5 NAG M . 2.34 -27.67 -51.55
O6 NAG M . 4.20 -27.69 -53.55
O7 NAG M . 1.26 -26.56 -47.36
C1 NAG N . -13.53 -25.44 -51.20
C2 NAG N . -12.93 -24.05 -51.45
C3 NAG N . -12.37 -23.89 -52.87
C4 NAG N . -11.38 -25.01 -53.13
C5 NAG N . -12.13 -26.34 -53.04
C6 NAG N . -11.16 -27.51 -53.17
C7 NAG N . -14.35 -22.59 -50.06
C8 NAG N . -15.66 -21.87 -50.04
N2 NAG N . -13.95 -23.03 -51.26
O3 NAG N . -11.72 -22.64 -53.05
O4 NAG N . -10.69 -24.77 -54.36
O5 NAG N . -12.80 -26.50 -51.80
O6 NAG N . -11.72 -28.68 -52.58
O7 NAG N . -13.71 -22.78 -49.03
C1 NAG O . -24.88 1.36 -41.91
C2 NAG O . -23.98 2.55 -41.55
C3 NAG O . -24.73 3.67 -40.83
C4 NAG O . -25.96 4.07 -41.64
C5 NAG O . -26.79 2.84 -42.01
C6 NAG O . -27.96 3.20 -42.94
C7 NAG O . -21.66 2.21 -41.23
C8 NAG O . -20.53 2.24 -40.23
N2 NAG O . -22.87 2.08 -40.74
O3 NAG O . -23.91 4.82 -40.62
O4 NAG O . -26.69 5.01 -40.86
O5 NAG O . -26.01 1.82 -42.64
O6 NAG O . -28.24 2.15 -43.85
O7 NAG O . -21.47 2.30 -42.45
C1 NAG P . 1.45 -5.97 21.77
C2 NAG P . 2.04 -6.43 23.11
C3 NAG P . 3.04 -5.44 23.73
C4 NAG P . 4.06 -4.97 22.69
C5 NAG P . 3.30 -4.47 21.46
C6 NAG P . 4.26 -3.99 20.37
C7 NAG P . 1.11 -7.75 24.89
C8 NAG P . 0.02 -7.92 25.89
N2 NAG P . 1.00 -6.70 24.08
O3 NAG P . 3.71 -6.07 24.81
O4 NAG P . 4.93 -3.98 23.24
O5 NAG P . 2.48 -5.50 20.91
O6 NAG P . 3.51 -3.30 19.39
O7 NAG P . 2.04 -8.56 24.82
C1 NAG Q . -7.55 17.05 46.36
C2 NAG Q . -8.15 16.88 44.96
C3 NAG Q . -9.64 17.13 45.09
C4 NAG Q . -10.18 16.01 45.97
C5 NAG Q . -9.54 16.23 47.35
C6 NAG Q . -9.96 15.31 48.49
C7 NAG Q . -6.73 18.72 44.03
C8 NAG Q . -7.35 19.97 44.60
N2 NAG Q . -7.56 17.68 43.90
O3 NAG Q . -10.28 17.14 43.84
O4 NAG Q . -11.58 16.09 45.94
O5 NAG Q . -8.13 16.12 47.24
O6 NAG Q . -9.05 15.55 49.55
O7 NAG Q . -5.55 18.65 43.66
C1 NAG R . 12.83 2.20 64.52
C2 NAG R . 11.91 1.50 65.52
C3 NAG R . 12.80 0.76 66.52
C4 NAG R . 13.44 -0.36 65.72
C5 NAG R . 14.23 0.19 64.52
C6 NAG R . 14.49 -0.95 63.54
C7 NAG R . 10.73 2.69 67.33
C8 NAG R . 10.95 4.13 67.71
N2 NAG R . 10.89 2.41 66.04
O3 NAG R . 12.09 0.21 67.60
O4 NAG R . 14.24 -1.19 66.54
O5 NAG R . 13.59 1.24 63.80
O6 NAG R . 15.59 -0.63 62.71
O7 NAG R . 10.44 1.85 68.18
C1 NAG S . -1.52 28.47 50.39
C2 NAG S . -1.80 27.90 49.01
C3 NAG S . -2.79 28.84 48.37
C4 NAG S . -4.10 28.54 49.10
C5 NAG S . -3.87 29.07 50.54
C6 NAG S . -4.96 28.78 51.55
C7 NAG S . -0.52 26.65 47.46
C8 NAG S . 0.79 25.90 47.43
N2 NAG S . -0.62 27.74 48.19
O3 NAG S . -2.75 28.69 46.97
O4 NAG S . -5.19 29.20 48.51
O5 NAG S . -2.69 28.57 51.16
O6 NAG S . -4.25 28.71 52.78
O7 NAG S . -1.50 26.29 46.82
C1 NAG T . 16.73 32.95 62.56
C2 NAG T . 16.66 33.91 63.75
C3 NAG T . 18.01 33.98 64.44
C4 NAG T . 18.45 32.57 64.83
C5 NAG T . 18.51 31.72 63.56
C6 NAG T . 19.17 30.34 63.79
C7 NAG T . 15.11 35.82 63.73
C8 NAG T . 14.86 37.24 63.34
N2 NAG T . 16.24 35.24 63.34
O3 NAG T . 17.97 34.83 65.56
O4 NAG T . 19.72 32.62 65.43
O5 NAG T . 17.21 31.67 62.97
O6 NAG T . 18.43 29.46 64.63
O7 NAG T . 14.25 35.22 64.39
C1 NAG U . 0.86 41.70 43.60
C2 NAG U . -0.21 41.00 42.80
C3 NAG U . -1.46 40.97 43.67
C4 NAG U . -1.17 40.42 45.08
C5 NAG U . 0.21 40.81 45.65
C6 NAG U . 0.71 39.81 46.67
C7 NAG U . -0.11 41.21 40.32
C8 NAG U . -0.50 42.07 39.15
N2 NAG U . -0.40 41.69 41.53
O3 NAG U . -2.45 40.18 43.06
O4 NAG U . -2.19 40.80 45.98
O5 NAG U . 1.22 40.86 44.65
O6 NAG U . 2.12 39.92 46.75
O7 NAG U . 0.44 40.14 40.10
C1 NAG V . -16.55 24.22 -27.55
C2 NAG V . -15.32 24.25 -28.46
C3 NAG V . -14.06 23.91 -27.66
C4 NAG V . -14.00 24.85 -26.46
C5 NAG V . -15.29 24.76 -25.66
C6 NAG V . -15.23 25.55 -24.34
C7 NAG V . -15.79 23.70 -30.83
C8 NAG V . -15.56 22.67 -31.89
N2 NAG V . -15.49 23.34 -29.58
O3 NAG V . -12.90 23.92 -28.48
O4 NAG V . -12.92 24.59 -25.59
O5 NAG V . -16.38 25.12 -26.47
O6 NAG V . -14.94 26.91 -24.58
O7 NAG V . -16.25 24.81 -31.15
C1 NAG W . 0.36 29.39 -5.16
C2 NAG W . 1.62 30.25 -5.01
C3 NAG W . 1.95 31.00 -6.29
C4 NAG W . 2.15 29.96 -7.39
C5 NAG W . 0.84 29.20 -7.59
C6 NAG W . 0.98 28.05 -8.59
C7 NAG W . 2.29 31.07 -2.82
C8 NAG W . 1.95 31.96 -1.66
N2 NAG W . 1.50 31.19 -3.90
O3 NAG W . 3.11 31.79 -6.09
O4 NAG W . 2.56 30.58 -8.58
O5 NAG W . 0.32 28.65 -6.37
O6 NAG W . 1.54 26.91 -7.95
O7 NAG W . 3.26 30.31 -2.76
#